data_5Y9C
#
_entry.id   5Y9C
#
_cell.length_a   121.571
_cell.length_b   102.600
_cell.length_c   138.032
_cell.angle_alpha   90.00
_cell.angle_beta   114.52
_cell.angle_gamma   90.00
#
_symmetry.space_group_name_H-M   'P 1 21 1'
#
loop_
_entity.id
_entity.type
_entity.pdbx_description
1 polymer 'Major capsid protein L1'
2 polymer 'heavy chain of Fab fragment of antibody A12A3'
3 polymer 'light chain of Fab fragment of antibody A12A3'
#
loop_
_entity_poly.entity_id
_entity_poly.type
_entity_poly.pdbx_seq_one_letter_code
_entity_poly.pdbx_strand_id
1 'polypeptide(L)'
;MTVYLPPVPVSKVVSTDEYVSRTSIYYYAGSSRLLAVGNPYFSIKSPNNNKKVLVPKVSGLQYRVFRVRLPDPNKFGFPD
TSFYNPDTQRLVWACVGLEIGRGQPLGVGVSGHPYLNKFDDTETSNRYPAQPGSDNRECLSMDYKQTQLCLIGCKPPTGE
HWGKGVASNNNAAATDCPPLELFNSIIEDGDMVDTGFGCMDFGTLQANKSDVPIDICNSTCKYPDYLKMASEPYGDSLFF
FLRREQMFVRHFFNRAGKLGEAVPDDLYIKGSGNTAVIQSSAFFPTPSGSIVTSESQLFNKPYWLQRAQGHNNGICWGNQ
LFVTVVDTTRSTNMTLCTEVTKEGTYKNDNFKEYVRHVEEYDLQFVFQLCKITLTAEIMTYIHTMDSNILEDWQFGLTPP
PSASLQDTYRFVTSQAITCQKTAPPKEKEDPLNKYTFWEVNLKEKFSADLDQFPLGRKFLLQSGLKAKPRLKRSAPTTRA
PSTKRKKVKK
;
A,B,C,D,E
2 'polypeptide(L)'
;EVQLQQSGAELVRPGALVKLSCKASGFNIKDYYMHWVKQRPEQGLEWIGWIDPENGKTIYDPRFRGKASITADTSSNTAY
LQLSSLTSEDAAVYYCATSNYRYDRSFDYWGQGTTLTVSAKTTPPSVYPLAPGCGDTTGSSVTSGCLVKGYFPEPVTVTW
NSGSLSSSVHTFPALLQSGLYTMSSSVTVPSSTWPSQTVTCSVAHPASSTTVDKKL
;
H
3 'polypeptide(L)'
;DIQMTQSPSSLFASLGGKVTITCKASQDINKYIAWFQHKPGKGPRLLIHYTFTLQPGIPSRFSGSGSGRDYSFSISNLEP
EDIATYYCLQYHNLYTFGGGTKLEIKRADAAPTVSIFPPSSEQLTSGGASVVCFLNNFYPKDINVKWKIDGSERQNGVLN
SWTDQDSKDSTYSMSSTLTLTKDEYERHNSYTCEATHKTSTSPIVKSFNRNEC
;
L
#
# COMPACT_ATOMS: atom_id res chain seq x y z
N LYS A 12 -26.17 -45.69 -16.70
CA LYS A 12 -25.85 -46.40 -15.47
C LYS A 12 -26.37 -45.68 -14.23
N VAL A 13 -25.87 -44.48 -13.98
CA VAL A 13 -26.24 -43.70 -12.80
C VAL A 13 -27.44 -42.82 -13.13
N VAL A 14 -28.40 -42.76 -12.21
CA VAL A 14 -29.58 -41.93 -12.36
C VAL A 14 -29.69 -41.01 -11.15
N SER A 15 -30.45 -39.93 -11.33
CA SER A 15 -30.66 -38.96 -10.26
C SER A 15 -31.55 -39.56 -9.18
N THR A 16 -31.32 -39.13 -7.93
CA THR A 16 -32.14 -39.59 -6.81
C THR A 16 -33.58 -39.11 -6.93
N ASP A 17 -33.84 -38.07 -7.71
CA ASP A 17 -35.21 -37.60 -7.92
C ASP A 17 -36.06 -38.62 -8.67
N GLU A 18 -35.45 -39.63 -9.27
CA GLU A 18 -36.17 -40.60 -10.08
C GLU A 18 -36.61 -41.82 -9.29
N TYR A 19 -36.02 -42.07 -8.12
CA TYR A 19 -36.39 -43.24 -7.33
C TYR A 19 -36.54 -42.95 -5.84
N VAL A 20 -36.48 -41.69 -5.42
CA VAL A 20 -36.69 -41.31 -4.02
C VAL A 20 -37.87 -40.35 -3.97
N SER A 21 -38.92 -40.75 -3.24
CA SER A 21 -40.15 -39.96 -3.18
C SER A 21 -40.10 -39.00 -2.01
N ARG A 22 -40.36 -37.72 -2.29
CA ARG A 22 -40.34 -36.69 -1.26
C ARG A 22 -41.68 -36.64 -0.55
N THR A 23 -41.64 -36.39 0.75
CA THR A 23 -42.84 -36.26 1.57
C THR A 23 -43.00 -34.80 2.03
N SER A 24 -44.14 -34.52 2.65
CA SER A 24 -44.42 -33.21 3.20
C SER A 24 -43.99 -33.08 4.66
N ILE A 25 -43.21 -34.03 5.17
CA ILE A 25 -42.76 -34.04 6.55
C ILE A 25 -41.37 -33.41 6.60
N TYR A 26 -41.22 -32.37 7.42
CA TYR A 26 -39.94 -31.68 7.59
C TYR A 26 -39.59 -31.65 9.07
N TYR A 27 -38.29 -31.70 9.35
CA TYR A 27 -37.79 -31.67 10.72
C TYR A 27 -36.60 -30.72 10.80
N TYR A 28 -36.50 -30.00 11.91
CA TYR A 28 -35.34 -29.17 12.20
C TYR A 28 -34.43 -29.89 13.18
N ALA A 29 -33.13 -29.71 13.01
CA ALA A 29 -32.14 -30.27 13.92
C ALA A 29 -31.02 -29.25 14.07
N GLY A 30 -30.83 -28.76 15.29
CA GLY A 30 -29.80 -27.78 15.55
C GLY A 30 -28.87 -28.20 16.66
N SER A 31 -27.58 -28.27 16.39
CA SER A 31 -26.61 -28.53 17.43
C SER A 31 -26.39 -27.26 18.24
N SER A 32 -26.09 -27.43 19.52
CA SER A 32 -25.84 -26.30 20.39
C SER A 32 -24.54 -25.61 20.01
N ARG A 33 -23.98 -24.84 20.94
CA ARG A 33 -22.75 -24.10 20.65
C ARG A 33 -21.57 -25.04 20.80
N LEU A 34 -20.75 -25.15 19.74
CA LEU A 34 -19.58 -26.02 19.73
C LEU A 34 -18.34 -25.15 19.86
N LEU A 35 -17.49 -25.51 20.83
CA LEU A 35 -16.29 -24.75 21.13
C LEU A 35 -15.06 -25.63 21.04
N ALA A 36 -13.96 -25.05 20.57
CA ALA A 36 -12.65 -25.69 20.55
C ALA A 36 -11.63 -24.68 21.00
N VAL A 37 -10.90 -24.99 22.07
CA VAL A 37 -9.92 -24.08 22.65
C VAL A 37 -8.59 -24.82 22.79
N GLY A 38 -7.53 -24.22 22.26
CA GLY A 38 -6.23 -24.85 22.35
C GLY A 38 -5.14 -23.92 21.87
N ASN A 39 -3.96 -24.50 21.68
CA ASN A 39 -2.78 -23.78 21.19
C ASN A 39 -2.78 -23.77 19.66
N PRO A 40 -2.68 -22.61 19.03
CA PRO A 40 -2.78 -22.55 17.57
C PRO A 40 -1.55 -23.06 16.82
N TYR A 41 -0.43 -23.24 17.51
CA TYR A 41 0.83 -23.60 16.84
C TYR A 41 1.18 -25.07 16.99
N PHE A 42 0.92 -25.67 18.14
CA PHE A 42 1.29 -27.06 18.38
C PHE A 42 0.45 -27.60 19.53
N SER A 43 0.33 -28.92 19.57
CA SER A 43 -0.37 -29.57 20.66
C SER A 43 0.56 -29.71 21.86
N ILE A 44 -0.04 -29.69 23.05
CA ILE A 44 0.68 -29.79 24.31
C ILE A 44 0.35 -31.14 24.93
N LYS A 45 1.41 -31.91 25.25
CA LYS A 45 1.20 -33.19 25.89
C LYS A 45 1.20 -32.91 27.40
N SER A 46 1.67 -33.84 28.21
CA SER A 46 1.62 -33.62 29.66
C SER A 46 2.38 -34.72 30.38
N PRO A 47 2.15 -34.97 31.67
CA PRO A 47 2.56 -36.26 32.23
C PRO A 47 1.65 -37.32 31.64
N ASN A 48 1.96 -38.59 31.96
CA ASN A 48 1.40 -39.70 31.20
C ASN A 48 1.41 -39.35 29.71
N ASN A 49 2.52 -38.75 29.26
CA ASN A 49 2.67 -38.14 27.95
C ASN A 49 2.49 -39.02 26.72
N ASN A 50 3.07 -38.55 25.60
CA ASN A 50 2.97 -39.10 24.26
C ASN A 50 1.82 -40.08 24.02
N LYS A 51 0.64 -39.74 24.53
CA LYS A 51 -0.59 -40.49 24.30
C LYS A 51 -1.78 -39.61 24.68
N LYS A 52 -1.76 -39.05 25.89
CA LYS A 52 -2.82 -38.15 26.35
C LYS A 52 -2.47 -36.70 26.03
N VAL A 53 -3.47 -35.97 25.54
CA VAL A 53 -3.35 -34.56 25.17
C VAL A 53 -4.13 -33.72 26.17
N LEU A 54 -3.46 -32.79 26.85
CA LEU A 54 -4.17 -31.84 27.70
C LEU A 54 -4.63 -30.61 26.93
N VAL A 55 -3.75 -30.04 26.11
CA VAL A 55 -4.10 -28.87 25.32
C VAL A 55 -4.03 -29.24 23.84
N PRO A 56 -5.16 -29.32 23.15
CA PRO A 56 -5.15 -29.68 21.73
C PRO A 56 -4.69 -28.54 20.84
N LYS A 57 -4.43 -28.87 19.59
CA LYS A 57 -4.04 -27.87 18.59
C LYS A 57 -5.31 -27.35 17.92
N VAL A 58 -5.65 -26.09 18.18
CA VAL A 58 -6.84 -25.46 17.62
C VAL A 58 -6.37 -24.23 16.85
N SER A 59 -6.47 -24.29 15.52
CA SER A 59 -5.98 -23.22 14.67
C SER A 59 -7.01 -22.91 13.59
N GLY A 60 -7.08 -21.65 13.20
CA GLY A 60 -7.96 -21.24 12.12
C GLY A 60 -7.60 -21.81 10.77
N LEU A 61 -6.42 -22.40 10.64
CA LEU A 61 -5.96 -23.01 9.39
C LEU A 61 -6.24 -24.51 9.35
N GLN A 62 -7.13 -25.00 10.22
CA GLN A 62 -7.46 -26.41 10.30
C GLN A 62 -8.79 -26.70 9.62
N TYR A 63 -8.90 -27.91 9.06
CA TYR A 63 -10.18 -28.38 8.58
C TYR A 63 -11.07 -28.77 9.75
N ARG A 64 -12.36 -28.45 9.64
CA ARG A 64 -13.37 -28.91 10.58
C ARG A 64 -14.30 -29.86 9.83
N VAL A 65 -14.16 -31.15 10.10
CA VAL A 65 -14.93 -32.18 9.40
C VAL A 65 -15.93 -32.74 10.40
N PHE A 66 -17.17 -32.24 10.35
CA PHE A 66 -18.22 -32.67 11.24
C PHE A 66 -18.91 -33.89 10.66
N ARG A 67 -18.96 -34.98 11.44
CA ARG A 67 -19.72 -36.17 11.08
C ARG A 67 -21.03 -36.10 11.86
N VAL A 68 -22.10 -35.69 11.19
CA VAL A 68 -23.40 -35.50 11.83
C VAL A 68 -24.15 -36.82 11.81
N ARG A 69 -24.51 -37.32 13.00
CA ARG A 69 -25.27 -38.56 13.12
C ARG A 69 -26.76 -38.24 13.18
N LEU A 70 -27.52 -38.84 12.28
CA LEU A 70 -28.96 -38.65 12.22
C LEU A 70 -29.69 -39.87 12.79
N PRO A 71 -30.86 -39.66 13.40
CA PRO A 71 -31.64 -40.80 13.87
C PRO A 71 -32.22 -41.60 12.71
N ASP A 72 -32.35 -42.90 12.92
CA ASP A 72 -32.91 -43.79 11.91
C ASP A 72 -34.39 -43.45 11.69
N PRO A 73 -34.78 -43.00 10.50
CA PRO A 73 -36.20 -42.67 10.28
C PRO A 73 -37.09 -43.90 10.29
N ASN A 74 -36.56 -45.07 9.95
CA ASN A 74 -37.34 -46.30 9.99
C ASN A 74 -37.58 -46.78 11.41
N LYS A 75 -36.86 -46.24 12.39
CA LYS A 75 -37.06 -46.55 13.80
C LYS A 75 -37.43 -45.31 14.61
N PHE A 76 -37.86 -44.25 13.93
CA PHE A 76 -38.18 -42.97 14.56
C PHE A 76 -39.63 -42.95 15.01
N GLY A 77 -39.88 -42.32 16.15
CA GLY A 77 -41.21 -42.25 16.70
C GLY A 77 -42.08 -41.15 16.11
N PHE A 78 -42.64 -41.39 14.93
CA PHE A 78 -43.53 -40.42 14.31
C PHE A 78 -44.92 -40.50 14.93
N PRO A 79 -45.63 -39.37 15.00
CA PRO A 79 -46.99 -39.40 15.57
C PRO A 79 -48.01 -40.12 14.70
N ASP A 80 -47.77 -40.19 13.38
CA ASP A 80 -48.67 -40.88 12.48
C ASP A 80 -47.83 -41.49 11.36
N THR A 81 -47.93 -42.81 11.20
CA THR A 81 -47.14 -43.54 10.23
C THR A 81 -47.95 -43.99 9.02
N SER A 82 -49.07 -43.32 8.75
CA SER A 82 -49.94 -43.65 7.63
C SER A 82 -49.52 -43.00 6.32
N PHE A 83 -48.36 -42.36 6.28
CA PHE A 83 -47.88 -41.71 5.06
C PHE A 83 -47.02 -42.62 4.20
N TYR A 84 -46.68 -43.81 4.69
CA TYR A 84 -45.85 -44.75 3.94
C TYR A 84 -46.19 -46.16 4.42
N ASN A 85 -45.75 -47.14 3.64
CA ASN A 85 -46.02 -48.53 3.95
C ASN A 85 -44.71 -49.23 4.33
N PRO A 86 -44.52 -49.58 5.60
CA PRO A 86 -43.25 -50.21 6.00
C PRO A 86 -43.04 -51.60 5.43
N ASP A 87 -44.06 -52.20 4.81
CA ASP A 87 -43.89 -53.52 4.23
C ASP A 87 -43.10 -53.48 2.92
N THR A 88 -43.27 -52.41 2.13
CA THR A 88 -42.62 -52.31 0.84
C THR A 88 -41.80 -51.04 0.66
N GLN A 89 -41.70 -50.19 1.67
CA GLN A 89 -41.00 -48.92 1.55
C GLN A 89 -40.06 -48.71 2.74
N ARG A 90 -39.00 -47.95 2.50
CA ARG A 90 -38.05 -47.58 3.53
C ARG A 90 -37.88 -46.06 3.54
N LEU A 91 -37.41 -45.54 4.67
CA LEU A 91 -37.28 -44.11 4.88
C LEU A 91 -35.82 -43.70 4.91
N VAL A 92 -35.57 -42.45 4.54
CA VAL A 92 -34.23 -41.88 4.56
C VAL A 92 -34.36 -40.37 4.61
N TRP A 93 -33.41 -39.72 5.27
CA TRP A 93 -33.43 -38.27 5.40
C TRP A 93 -32.77 -37.60 4.19
N ALA A 94 -33.25 -36.42 3.85
CA ALA A 94 -32.70 -35.61 2.78
C ALA A 94 -32.45 -34.21 3.31
N CYS A 95 -31.26 -33.68 3.06
CA CYS A 95 -30.88 -32.36 3.55
C CYS A 95 -31.35 -31.30 2.58
N VAL A 96 -32.25 -30.44 3.04
CA VAL A 96 -32.76 -29.35 2.22
C VAL A 96 -32.40 -27.98 2.76
N GLY A 97 -32.02 -27.85 4.02
CA GLY A 97 -31.64 -26.57 4.58
C GLY A 97 -30.42 -26.68 5.49
N LEU A 98 -29.54 -25.68 5.43
CA LEU A 98 -28.31 -25.72 6.21
C LEU A 98 -27.84 -24.30 6.48
N GLU A 99 -27.41 -24.06 7.72
CA GLU A 99 -26.78 -22.80 8.09
C GLU A 99 -25.64 -23.10 9.04
N ILE A 100 -24.44 -22.67 8.68
CA ILE A 100 -23.25 -22.90 9.49
C ILE A 100 -23.01 -21.64 10.30
N GLY A 101 -23.39 -21.67 11.57
CA GLY A 101 -23.20 -20.52 12.44
C GLY A 101 -21.75 -20.42 12.91
N ARG A 102 -21.22 -19.20 12.88
CA ARG A 102 -19.84 -18.94 13.29
C ARG A 102 -19.83 -17.85 14.36
N GLY A 103 -19.22 -18.16 15.50
CA GLY A 103 -19.08 -17.20 16.58
C GLY A 103 -17.72 -16.55 16.55
N GLN A 104 -17.49 -15.69 17.56
CA GLN A 104 -16.27 -14.90 17.74
C GLN A 104 -16.17 -13.82 16.67
N PRO A 105 -15.47 -12.73 16.93
CA PRO A 105 -15.36 -11.66 15.94
C PRO A 105 -14.40 -12.02 14.81
N LEU A 106 -14.50 -11.27 13.71
CA LEU A 106 -13.58 -11.42 12.61
C LEU A 106 -12.18 -10.96 13.01
N GLY A 107 -11.17 -11.63 12.49
CA GLY A 107 -9.80 -11.27 12.82
C GLY A 107 -8.83 -12.19 12.10
N VAL A 108 -7.56 -11.80 12.15
CA VAL A 108 -6.48 -12.51 11.48
C VAL A 108 -5.41 -12.85 12.51
N GLY A 109 -4.95 -14.10 12.50
CA GLY A 109 -3.85 -14.53 13.33
C GLY A 109 -2.58 -14.71 12.52
N VAL A 110 -1.47 -14.84 13.23
CA VAL A 110 -0.16 -14.96 12.63
C VAL A 110 0.55 -16.20 13.13
N SER A 111 1.45 -16.72 12.30
CA SER A 111 2.27 -17.88 12.66
C SER A 111 3.70 -17.61 12.22
N GLY A 112 4.64 -18.22 12.92
CA GLY A 112 6.03 -17.99 12.63
C GLY A 112 6.90 -19.15 13.07
N HIS A 113 8.22 -18.89 13.05
CA HIS A 113 9.21 -19.88 13.41
C HIS A 113 10.38 -19.16 14.05
N PRO A 114 10.81 -19.56 15.26
CA PRO A 114 11.98 -18.93 15.87
C PRO A 114 13.28 -19.23 15.13
N TYR A 115 13.30 -20.27 14.29
CA TYR A 115 14.46 -20.61 13.46
C TYR A 115 14.01 -20.75 12.01
N LEU A 116 13.40 -19.69 11.48
CA LEU A 116 12.95 -19.73 10.09
C LEU A 116 14.14 -19.62 9.16
N ASN A 117 14.15 -20.47 8.12
CA ASN A 117 15.26 -20.53 7.16
C ASN A 117 15.14 -19.34 6.21
N LYS A 118 15.53 -18.17 6.72
CA LYS A 118 15.57 -16.95 5.95
C LYS A 118 17.01 -16.46 5.88
N PHE A 119 17.46 -16.11 4.68
CA PHE A 119 18.83 -15.64 4.49
C PHE A 119 18.86 -14.12 4.35
N ASP A 120 18.46 -13.62 3.18
CA ASP A 120 18.46 -12.20 2.90
C ASP A 120 17.10 -11.77 2.37
N ASP A 121 16.77 -10.50 2.56
CA ASP A 121 15.60 -9.91 1.93
C ASP A 121 15.98 -9.55 0.50
N THR A 122 15.40 -10.28 -0.46
CA THR A 122 15.79 -10.18 -1.86
C THR A 122 14.86 -9.26 -2.65
N GLU A 123 14.22 -8.30 -1.98
CA GLU A 123 13.24 -7.45 -2.64
C GLU A 123 13.87 -6.21 -3.26
N THR A 124 14.83 -5.58 -2.57
CA THR A 124 15.41 -4.33 -3.07
C THR A 124 16.93 -4.37 -3.09
N SER A 125 17.56 -4.75 -1.98
CA SER A 125 19.01 -4.69 -1.85
C SER A 125 19.53 -6.00 -1.29
N ASN A 126 20.44 -6.64 -2.04
CA ASN A 126 21.09 -7.88 -1.64
C ASN A 126 22.44 -7.91 -2.36
N ARG A 127 23.34 -7.03 -1.91
CA ARG A 127 24.63 -6.83 -2.56
C ARG A 127 25.59 -7.98 -2.27
N TYR A 128 26.70 -8.01 -3.03
CA TYR A 128 27.76 -8.98 -2.81
C TYR A 128 28.87 -8.36 -1.98
N PRO A 129 29.60 -9.15 -1.19
CA PRO A 129 29.48 -10.59 -0.98
C PRO A 129 28.36 -10.92 0.02
N ALA A 130 28.18 -12.20 0.31
CA ALA A 130 27.10 -12.66 1.18
C ALA A 130 27.65 -13.22 2.47
N GLN A 131 27.08 -12.77 3.60
CA GLN A 131 27.38 -13.19 4.96
C GLN A 131 27.65 -14.69 5.06
N PRO A 132 28.75 -15.10 5.69
CA PRO A 132 29.03 -16.53 5.87
C PRO A 132 28.06 -17.17 6.85
N GLY A 133 28.58 -17.88 7.84
CA GLY A 133 27.65 -18.37 8.84
C GLY A 133 27.31 -19.83 8.63
N SER A 134 27.14 -20.54 9.74
CA SER A 134 26.64 -21.91 9.67
C SER A 134 25.18 -22.01 10.08
N ASP A 135 24.68 -21.07 10.88
CA ASP A 135 23.28 -21.02 11.30
C ASP A 135 22.87 -19.54 11.28
N ASN A 136 22.18 -19.13 10.22
CA ASN A 136 21.73 -17.76 10.06
C ASN A 136 20.21 -17.65 10.07
N ARG A 137 19.53 -18.62 10.69
CA ARG A 137 18.08 -18.58 10.77
C ARG A 137 17.62 -17.43 11.66
N GLU A 138 16.41 -16.92 11.38
CA GLU A 138 15.87 -15.78 12.10
C GLU A 138 14.49 -16.11 12.64
N CYS A 139 14.08 -15.36 13.66
CA CYS A 139 12.78 -15.53 14.32
C CYS A 139 11.78 -14.59 13.68
N LEU A 140 10.99 -15.10 12.74
CA LEU A 140 10.07 -14.29 11.95
C LEU A 140 8.65 -14.85 12.05
N SER A 141 7.69 -14.06 11.58
CA SER A 141 6.28 -14.44 11.57
C SER A 141 5.62 -13.87 10.32
N MET A 142 4.39 -14.30 10.08
CA MET A 142 3.64 -13.89 8.90
C MET A 142 2.17 -14.24 9.11
N ASP A 143 1.32 -13.68 8.25
CA ASP A 143 -0.10 -14.02 8.21
C ASP A 143 -0.38 -14.82 6.96
N TYR A 144 -1.15 -15.88 7.11
CA TYR A 144 -1.31 -16.88 6.06
C TYR A 144 -2.29 -16.41 4.99
N LYS A 145 -2.38 -17.21 3.93
CA LYS A 145 -3.38 -17.02 2.90
C LYS A 145 -4.79 -17.19 3.48
N GLN A 146 -5.70 -16.31 3.07
CA GLN A 146 -7.08 -16.37 3.54
C GLN A 146 -7.86 -17.39 2.73
N THR A 147 -8.57 -18.29 3.42
CA THR A 147 -9.32 -19.35 2.77
C THR A 147 -10.63 -19.57 3.51
N GLN A 148 -11.74 -19.49 2.78
CA GLN A 148 -13.04 -19.90 3.27
C GLN A 148 -13.58 -21.00 2.37
N LEU A 149 -14.17 -22.03 2.97
CA LEU A 149 -14.76 -23.11 2.19
C LEU A 149 -15.70 -23.92 3.07
N CYS A 150 -16.70 -24.52 2.43
CA CYS A 150 -17.61 -25.44 3.09
C CYS A 150 -18.07 -26.49 2.09
N LEU A 151 -17.93 -27.76 2.46
CA LEU A 151 -18.38 -28.88 1.64
C LEU A 151 -19.41 -29.69 2.42
N ILE A 152 -20.50 -30.06 1.75
CA ILE A 152 -21.57 -30.84 2.36
C ILE A 152 -21.81 -32.10 1.52
N GLY A 153 -21.86 -33.24 2.19
CA GLY A 153 -22.11 -34.51 1.52
C GLY A 153 -22.29 -35.60 2.55
N CYS A 154 -22.69 -36.78 2.05
CA CYS A 154 -22.86 -37.96 2.89
C CYS A 154 -21.61 -38.84 2.91
N LYS A 155 -20.51 -38.36 2.36
CA LYS A 155 -19.25 -39.08 2.30
C LYS A 155 -18.13 -38.14 2.72
N PRO A 156 -17.14 -38.63 3.48
CA PRO A 156 -16.05 -37.77 3.92
C PRO A 156 -15.32 -37.19 2.71
N PRO A 157 -14.79 -35.97 2.85
CA PRO A 157 -14.19 -35.30 1.69
C PRO A 157 -12.83 -35.90 1.33
N THR A 158 -12.47 -35.74 0.07
CA THR A 158 -11.21 -36.23 -0.48
C THR A 158 -10.30 -35.04 -0.77
N GLY A 159 -9.12 -35.03 -0.16
CA GLY A 159 -8.16 -33.96 -0.38
C GLY A 159 -6.91 -34.44 -1.08
N GLU A 160 -6.16 -33.51 -1.66
CA GLU A 160 -4.93 -33.82 -2.38
C GLU A 160 -3.76 -33.11 -1.73
N HIS A 161 -2.59 -33.77 -1.76
CA HIS A 161 -1.37 -33.20 -1.21
C HIS A 161 -0.17 -33.89 -1.85
N TRP A 162 0.92 -33.16 -1.98
CA TRP A 162 2.14 -33.70 -2.56
C TRP A 162 3.00 -34.30 -1.46
N GLY A 163 3.46 -35.53 -1.68
CA GLY A 163 4.30 -36.23 -0.74
C GLY A 163 5.52 -36.83 -1.43
N LYS A 164 6.37 -37.45 -0.61
CA LYS A 164 7.58 -38.07 -1.12
C LYS A 164 7.22 -39.35 -1.86
N GLY A 165 7.54 -39.41 -3.15
CA GLY A 165 7.28 -40.56 -3.97
C GLY A 165 8.43 -41.55 -3.97
N VAL A 166 8.48 -42.36 -5.01
CA VAL A 166 9.55 -43.34 -5.20
C VAL A 166 10.22 -43.04 -6.52
N ALA A 167 11.55 -42.97 -6.50
CA ALA A 167 12.32 -42.59 -7.68
C ALA A 167 12.80 -43.81 -8.46
N SER A 168 13.97 -43.70 -9.08
CA SER A 168 14.54 -44.78 -9.87
C SER A 168 16.05 -44.78 -9.63
N ASN A 169 16.51 -45.65 -8.74
CA ASN A 169 17.92 -45.71 -8.38
C ASN A 169 18.59 -46.93 -9.01
N ALA A 173 18.18 -38.44 -13.24
CA ALA A 173 19.16 -39.42 -12.77
C ALA A 173 20.30 -38.75 -12.01
N ALA A 174 20.57 -37.49 -12.33
CA ALA A 174 21.66 -36.75 -11.70
C ALA A 174 21.16 -35.68 -10.74
N THR A 175 19.98 -35.88 -10.15
CA THR A 175 19.46 -34.97 -9.13
C THR A 175 19.22 -35.75 -7.84
N ASP A 176 19.43 -35.07 -6.71
CA ASP A 176 19.06 -35.62 -5.41
C ASP A 176 17.71 -35.10 -4.94
N CYS A 177 16.96 -34.45 -5.82
CA CYS A 177 15.63 -33.95 -5.47
C CYS A 177 14.69 -35.10 -5.17
N PRO A 178 13.91 -35.04 -4.09
CA PRO A 178 13.00 -36.14 -3.76
C PRO A 178 11.89 -36.25 -4.78
N PRO A 179 11.49 -37.47 -5.14
CA PRO A 179 10.39 -37.62 -6.11
C PRO A 179 9.06 -37.19 -5.52
N LEU A 180 8.28 -36.48 -6.31
CA LEU A 180 6.99 -35.94 -5.89
C LEU A 180 5.86 -36.85 -6.37
N GLU A 181 4.91 -37.14 -5.49
CA GLU A 181 3.74 -37.94 -5.82
C GLU A 181 2.49 -37.24 -5.29
N LEU A 182 1.45 -37.20 -6.11
CA LEU A 182 0.19 -36.58 -5.75
C LEU A 182 -0.70 -37.62 -5.05
N PHE A 183 -0.98 -37.38 -3.77
CA PHE A 183 -1.73 -38.32 -2.95
C PHE A 183 -3.15 -37.81 -2.70
N ASN A 184 -4.12 -38.73 -2.74
CA ASN A 184 -5.46 -38.46 -2.29
C ASN A 184 -5.68 -39.12 -0.94
N SER A 185 -6.46 -38.47 -0.08
CA SER A 185 -6.71 -38.97 1.27
C SER A 185 -7.98 -38.36 1.80
N ILE A 186 -8.54 -39.01 2.82
CA ILE A 186 -9.73 -38.50 3.49
C ILE A 186 -9.32 -37.37 4.41
N ILE A 187 -9.93 -36.20 4.23
CA ILE A 187 -9.63 -35.05 5.08
C ILE A 187 -10.24 -35.27 6.45
N GLU A 188 -9.39 -35.38 7.47
CA GLU A 188 -9.83 -35.61 8.84
C GLU A 188 -9.90 -34.28 9.59
N ASP A 189 -10.70 -34.27 10.66
CA ASP A 189 -10.80 -33.09 11.49
C ASP A 189 -9.47 -32.78 12.13
N GLY A 190 -8.97 -31.56 11.90
CA GLY A 190 -7.68 -31.14 12.41
C GLY A 190 -6.60 -31.05 11.36
N ASP A 191 -6.82 -31.58 10.17
CA ASP A 191 -5.83 -31.47 9.10
C ASP A 191 -5.64 -30.01 8.72
N MET A 192 -4.41 -29.66 8.32
CA MET A 192 -4.08 -28.29 7.99
C MET A 192 -4.45 -27.99 6.55
N VAL A 193 -5.04 -26.82 6.33
CA VAL A 193 -5.32 -26.35 4.98
C VAL A 193 -4.08 -25.67 4.42
N ASP A 194 -4.06 -25.50 3.09
CA ASP A 194 -2.95 -24.82 2.45
C ASP A 194 -2.86 -23.38 2.95
N THR A 195 -1.63 -22.90 3.13
CA THR A 195 -1.39 -21.60 3.73
C THR A 195 -0.73 -20.60 2.79
N GLY A 196 -0.52 -20.97 1.54
CA GLY A 196 0.24 -20.16 0.60
C GLY A 196 1.56 -20.76 0.20
N PHE A 197 2.02 -21.80 0.90
CA PHE A 197 3.22 -22.52 0.54
C PHE A 197 2.92 -23.80 -0.23
N GLY A 198 1.66 -24.01 -0.61
CA GLY A 198 1.24 -25.19 -1.33
C GLY A 198 0.65 -26.25 -0.40
N CYS A 199 0.07 -27.26 -1.04
CA CYS A 199 -0.50 -28.41 -0.32
C CYS A 199 0.49 -29.56 -0.45
N MET A 200 1.35 -29.70 0.57
CA MET A 200 2.41 -30.69 0.53
C MET A 200 2.69 -31.20 1.94
N ASP A 201 3.46 -32.29 2.01
CA ASP A 201 3.91 -32.87 3.27
C ASP A 201 5.22 -32.21 3.64
N PHE A 202 5.17 -31.17 4.48
CA PHE A 202 6.39 -30.47 4.86
C PHE A 202 7.28 -31.32 5.76
N GLY A 203 6.69 -32.28 6.49
CA GLY A 203 7.48 -33.12 7.36
C GLY A 203 8.43 -34.05 6.62
N THR A 204 8.04 -34.51 5.44
CA THR A 204 8.84 -35.44 4.67
C THR A 204 9.61 -34.79 3.53
N LEU A 205 9.11 -33.67 2.99
CA LEU A 205 9.73 -33.02 1.85
C LEU A 205 10.66 -31.87 2.25
N GLN A 206 10.59 -31.41 3.49
CA GLN A 206 11.47 -30.36 4.02
C GLN A 206 12.12 -30.91 5.29
N ALA A 207 13.30 -31.49 5.15
CA ALA A 207 13.92 -32.22 6.25
C ALA A 207 14.47 -31.32 7.34
N ASN A 208 14.80 -30.07 7.03
CA ASN A 208 15.43 -29.21 8.01
C ASN A 208 14.46 -28.66 9.05
N LYS A 209 13.15 -28.88 8.88
CA LYS A 209 12.13 -28.45 9.82
C LYS A 209 12.15 -26.94 10.07
N SER A 210 12.66 -26.16 9.12
CA SER A 210 12.84 -24.73 9.33
C SER A 210 12.44 -23.88 8.13
N ASP A 211 11.85 -24.47 7.09
CA ASP A 211 11.50 -23.72 5.89
C ASP A 211 10.11 -23.09 5.96
N VAL A 212 9.22 -23.62 6.80
CA VAL A 212 7.89 -23.05 6.98
C VAL A 212 7.60 -22.95 8.46
N PRO A 213 6.66 -22.11 8.87
CA PRO A 213 6.38 -21.93 10.31
C PRO A 213 6.00 -23.24 10.99
N ILE A 214 6.05 -23.19 12.33
CA ILE A 214 6.03 -24.41 13.13
C ILE A 214 4.69 -25.14 13.08
N ASP A 215 3.60 -24.44 12.76
CA ASP A 215 2.29 -25.09 12.76
C ASP A 215 2.04 -25.94 11.52
N ILE A 216 2.95 -25.96 10.54
CA ILE A 216 2.78 -26.76 9.34
C ILE A 216 4.09 -27.45 8.96
N CYS A 217 5.17 -27.09 9.63
CA CYS A 217 6.49 -27.61 9.25
C CYS A 217 6.61 -29.10 9.49
N ASN A 218 5.81 -29.67 10.40
CA ASN A 218 5.79 -31.10 10.64
C ASN A 218 4.39 -31.67 10.40
N SER A 219 3.62 -31.01 9.55
CA SER A 219 2.25 -31.41 9.22
C SER A 219 2.10 -31.50 7.71
N THR A 220 0.91 -31.90 7.28
CA THR A 220 0.58 -32.02 5.87
C THR A 220 -0.55 -31.07 5.54
N CYS A 221 -0.32 -30.19 4.56
CA CYS A 221 -1.35 -29.27 4.09
C CYS A 221 -2.12 -29.93 2.95
N LYS A 222 -3.44 -29.96 3.08
CA LYS A 222 -4.31 -30.62 2.10
C LYS A 222 -5.20 -29.59 1.43
N TYR A 223 -5.41 -29.76 0.13
CA TYR A 223 -6.34 -28.97 -0.65
C TYR A 223 -7.44 -29.87 -1.20
N PRO A 224 -8.70 -29.45 -1.15
CA PRO A 224 -9.79 -30.32 -1.60
C PRO A 224 -9.64 -30.64 -3.09
N ASP A 225 -9.67 -31.94 -3.39
CA ASP A 225 -9.63 -32.40 -4.78
C ASP A 225 -11.02 -32.23 -5.37
N TYR A 226 -11.33 -30.98 -5.74
CA TYR A 226 -12.65 -30.68 -6.28
C TYR A 226 -12.94 -31.48 -7.54
N LEU A 227 -11.91 -31.72 -8.36
CA LEU A 227 -12.12 -32.44 -9.61
C LEU A 227 -12.51 -33.89 -9.35
N LYS A 228 -11.84 -34.55 -8.40
CA LYS A 228 -12.17 -35.95 -8.10
C LYS A 228 -13.56 -36.06 -7.49
N MET A 229 -13.88 -35.20 -6.52
CA MET A 229 -15.18 -35.26 -5.86
C MET A 229 -16.30 -34.82 -6.79
N ALA A 230 -16.02 -33.98 -7.79
CA ALA A 230 -17.07 -33.58 -8.72
C ALA A 230 -17.31 -34.61 -9.81
N SER A 231 -16.28 -35.38 -10.18
CA SER A 231 -16.39 -36.35 -11.26
C SER A 231 -16.79 -37.74 -10.77
N GLU A 232 -16.98 -37.94 -9.47
CA GLU A 232 -17.42 -39.23 -8.98
C GLU A 232 -18.85 -39.49 -9.44
N PRO A 233 -19.19 -40.76 -9.72
CA PRO A 233 -20.46 -41.07 -10.39
C PRO A 233 -21.71 -40.70 -9.60
N TYR A 234 -21.78 -41.14 -8.34
CA TYR A 234 -22.99 -40.93 -7.56
C TYR A 234 -23.07 -39.53 -6.97
N GLY A 235 -21.96 -38.82 -6.84
CA GLY A 235 -21.98 -37.48 -6.28
C GLY A 235 -22.30 -37.43 -4.81
N ASP A 236 -21.77 -38.37 -4.03
CA ASP A 236 -22.03 -38.42 -2.60
C ASP A 236 -21.13 -37.48 -1.80
N SER A 237 -20.06 -36.96 -2.40
CA SER A 237 -19.11 -36.13 -1.67
C SER A 237 -19.55 -34.67 -1.65
N LEU A 238 -19.98 -34.13 -2.78
CA LEU A 238 -20.29 -32.71 -2.93
C LEU A 238 -21.76 -32.54 -3.30
N PHE A 239 -22.63 -32.46 -2.28
CA PHE A 239 -23.98 -31.99 -2.53
C PHE A 239 -23.98 -30.53 -2.93
N PHE A 240 -23.06 -29.75 -2.37
CA PHE A 240 -23.01 -28.30 -2.50
C PHE A 240 -21.72 -27.83 -1.84
N PHE A 241 -21.13 -26.77 -2.38
CA PHE A 241 -19.90 -26.27 -1.79
C PHE A 241 -19.69 -24.82 -2.17
N LEU A 242 -19.00 -24.10 -1.27
CA LEU A 242 -18.60 -22.72 -1.49
C LEU A 242 -17.11 -22.60 -1.17
N ARG A 243 -16.47 -21.62 -1.79
CA ARG A 243 -15.03 -21.43 -1.60
C ARG A 243 -14.68 -19.99 -1.94
N ARG A 244 -13.77 -19.40 -1.15
CA ARG A 244 -13.26 -18.06 -1.42
C ARG A 244 -11.85 -17.97 -0.87
N GLU A 245 -10.87 -17.93 -1.77
CA GLU A 245 -9.46 -17.83 -1.41
C GLU A 245 -8.88 -16.53 -1.94
N GLN A 246 -7.91 -15.98 -1.19
CA GLN A 246 -7.19 -14.80 -1.65
C GLN A 246 -5.87 -14.71 -0.89
N MET A 247 -4.83 -14.24 -1.59
CA MET A 247 -3.52 -14.04 -1.01
C MET A 247 -2.67 -13.22 -1.97
N PHE A 248 -1.63 -12.60 -1.43
CA PHE A 248 -0.63 -11.91 -2.23
C PHE A 248 0.74 -12.09 -1.58
N VAL A 249 1.78 -11.68 -2.31
CA VAL A 249 3.16 -11.82 -1.83
C VAL A 249 3.52 -10.57 -1.04
N ARG A 250 3.84 -10.75 0.24
CA ARG A 250 4.19 -9.64 1.11
C ARG A 250 5.67 -9.31 1.06
N HIS A 251 6.54 -10.31 1.18
CA HIS A 251 7.98 -10.08 1.18
C HIS A 251 8.67 -11.16 0.33
N PHE A 252 9.92 -10.89 0.00
CA PHE A 252 10.72 -11.77 -0.85
C PHE A 252 12.01 -12.12 -0.12
N PHE A 253 12.23 -13.42 0.09
CA PHE A 253 13.43 -13.92 0.75
C PHE A 253 14.04 -15.02 -0.09
N ASN A 254 15.21 -15.50 0.35
CA ASN A 254 15.87 -16.64 -0.26
C ASN A 254 16.30 -17.62 0.83
N ARG A 255 16.56 -18.86 0.42
CA ARG A 255 16.87 -19.93 1.35
C ARG A 255 18.37 -19.99 1.63
N ALA A 256 18.71 -20.41 2.85
CA ALA A 256 20.09 -20.70 3.21
C ALA A 256 20.36 -22.19 3.05
N GLY A 257 21.61 -22.51 2.77
CA GLY A 257 22.02 -23.88 2.54
C GLY A 257 22.46 -24.11 1.10
N LYS A 258 22.96 -25.33 0.87
CA LYS A 258 23.48 -25.68 -0.45
C LYS A 258 22.35 -25.70 -1.48
N LEU A 259 22.55 -24.97 -2.57
CA LEU A 259 21.60 -24.97 -3.68
C LEU A 259 21.72 -26.29 -4.44
N GLY A 260 20.68 -27.11 -4.39
CA GLY A 260 20.77 -28.44 -4.95
C GLY A 260 20.88 -28.45 -6.47
N GLU A 261 20.18 -27.54 -7.14
CA GLU A 261 20.19 -27.45 -8.60
C GLU A 261 20.76 -26.09 -8.98
N ALA A 262 22.01 -26.10 -9.45
CA ALA A 262 22.70 -24.86 -9.79
C ALA A 262 22.13 -24.25 -11.08
N VAL A 263 22.22 -22.94 -11.17
CA VAL A 263 21.77 -22.23 -12.37
C VAL A 263 22.68 -22.59 -13.54
N PRO A 264 22.15 -23.00 -14.69
CA PRO A 264 23.01 -23.33 -15.83
C PRO A 264 23.80 -22.13 -16.32
N ASP A 265 24.93 -22.40 -16.98
CA ASP A 265 25.87 -21.36 -17.35
C ASP A 265 25.34 -20.44 -18.46
N ASP A 266 24.35 -20.88 -19.23
CA ASP A 266 23.85 -20.08 -20.34
C ASP A 266 22.84 -19.02 -19.91
N LEU A 267 22.56 -18.91 -18.61
CA LEU A 267 21.57 -17.96 -18.12
C LEU A 267 22.17 -16.74 -17.43
N TYR A 268 23.50 -16.67 -17.32
CA TYR A 268 24.12 -15.55 -16.64
C TYR A 268 25.60 -15.51 -17.00
N ILE A 269 26.18 -14.32 -16.88
CA ILE A 269 27.62 -14.13 -17.05
C ILE A 269 28.28 -14.19 -15.67
N LYS A 270 29.34 -15.00 -15.57
CA LYS A 270 30.01 -15.18 -14.30
C LYS A 270 30.62 -13.87 -13.81
N GLY A 271 30.70 -13.74 -12.49
CA GLY A 271 31.25 -12.56 -11.86
C GLY A 271 32.70 -12.76 -11.44
N SER A 272 33.21 -11.78 -10.70
CA SER A 272 34.58 -11.82 -10.21
C SER A 272 34.71 -10.86 -9.03
N GLY A 273 35.73 -11.11 -8.22
CA GLY A 273 35.96 -10.30 -7.03
C GLY A 273 34.90 -10.48 -5.96
N ASN A 274 34.19 -9.40 -5.63
CA ASN A 274 33.12 -9.51 -4.64
C ASN A 274 32.01 -10.44 -5.11
N THR A 275 31.73 -10.44 -6.41
CA THR A 275 30.70 -11.28 -7.01
C THR A 275 31.23 -12.61 -7.50
N ALA A 276 32.35 -13.09 -6.94
CA ALA A 276 32.94 -14.34 -7.42
C ALA A 276 32.12 -15.54 -7.02
N VAL A 277 31.58 -15.55 -5.82
CA VAL A 277 30.79 -16.66 -5.30
C VAL A 277 29.31 -16.32 -5.47
N ILE A 278 28.60 -17.13 -6.26
CA ILE A 278 27.20 -16.85 -6.55
C ILE A 278 26.35 -17.12 -5.31
N GLN A 279 25.32 -16.30 -5.12
CA GLN A 279 24.41 -16.46 -4.00
C GLN A 279 23.28 -17.43 -4.35
N SER A 280 22.59 -17.90 -3.32
CA SER A 280 21.53 -18.88 -3.50
C SER A 280 20.32 -18.26 -4.18
N SER A 281 19.89 -18.86 -5.30
CA SER A 281 18.71 -18.43 -6.02
C SER A 281 17.46 -19.21 -5.61
N ALA A 282 17.47 -19.82 -4.43
CA ALA A 282 16.31 -20.55 -3.91
C ALA A 282 15.41 -19.56 -3.18
N PHE A 283 14.59 -18.85 -3.95
CA PHE A 283 13.71 -17.84 -3.39
C PHE A 283 12.45 -18.49 -2.81
N PHE A 284 11.80 -17.75 -1.90
CA PHE A 284 10.50 -18.16 -1.39
C PHE A 284 9.77 -16.93 -0.91
N PRO A 285 8.49 -16.77 -1.22
CA PRO A 285 7.76 -15.59 -0.76
C PRO A 285 6.96 -15.86 0.51
N THR A 286 6.57 -14.79 1.19
CA THR A 286 5.66 -14.95 2.32
C THR A 286 4.27 -14.49 1.90
N PRO A 287 3.23 -15.30 2.10
CA PRO A 287 1.89 -14.90 1.68
C PRO A 287 1.26 -13.98 2.71
N SER A 288 0.08 -13.46 2.35
CA SER A 288 -0.64 -12.56 3.23
C SER A 288 -2.09 -12.38 2.83
N GLY A 289 -2.95 -13.33 3.21
CA GLY A 289 -4.40 -13.25 3.05
C GLY A 289 -5.06 -11.89 3.30
N SER A 290 -4.50 -10.83 2.71
CA SER A 290 -4.95 -9.43 2.74
C SER A 290 -5.91 -9.07 3.89
N ILE A 291 -7.18 -8.82 3.58
CA ILE A 291 -8.12 -8.22 4.51
C ILE A 291 -9.36 -9.11 4.61
N VAL A 292 -10.02 -9.05 5.77
CA VAL A 292 -11.26 -9.76 6.03
C VAL A 292 -12.38 -8.74 6.14
N THR A 293 -13.56 -9.10 5.61
CA THR A 293 -14.72 -8.23 5.65
C THR A 293 -15.96 -9.06 5.94
N SER A 294 -16.97 -8.40 6.51
CA SER A 294 -18.27 -9.05 6.70
C SER A 294 -18.95 -9.30 5.36
N GLU A 295 -18.72 -8.42 4.38
CA GLU A 295 -19.37 -8.55 3.07
C GLU A 295 -18.91 -9.80 2.33
N SER A 296 -17.72 -10.30 2.63
CA SER A 296 -17.17 -11.47 1.97
C SER A 296 -17.41 -12.75 2.76
N GLN A 297 -18.20 -12.68 3.83
CA GLN A 297 -18.47 -13.87 4.65
C GLN A 297 -19.33 -14.87 3.90
N LEU A 298 -18.98 -16.15 4.06
CA LEU A 298 -19.77 -17.25 3.51
C LEU A 298 -20.72 -17.86 4.53
N PHE A 299 -20.56 -17.57 5.81
CA PHE A 299 -21.27 -18.25 6.87
C PHE A 299 -22.34 -17.33 7.46
N ASN A 300 -23.02 -17.85 8.49
CA ASN A 300 -24.13 -17.16 9.16
C ASN A 300 -25.24 -16.79 8.18
N LYS A 301 -25.36 -17.54 7.09
CA LYS A 301 -26.40 -17.35 6.10
C LYS A 301 -26.92 -18.70 5.65
N PRO A 302 -28.22 -18.80 5.34
CA PRO A 302 -28.80 -20.11 5.00
C PRO A 302 -28.51 -20.53 3.58
N TYR A 303 -28.26 -21.82 3.39
CA TYR A 303 -28.14 -22.44 2.07
C TYR A 303 -29.32 -23.38 1.89
N TRP A 304 -30.00 -23.27 0.75
CA TRP A 304 -31.13 -24.13 0.43
C TRP A 304 -30.69 -25.12 -0.64
N LEU A 305 -30.59 -26.39 -0.25
CA LEU A 305 -30.15 -27.45 -1.16
C LEU A 305 -31.36 -27.94 -1.95
N GLN A 306 -31.68 -27.21 -3.01
CA GLN A 306 -32.83 -27.54 -3.85
C GLN A 306 -32.48 -28.56 -4.92
N ARG A 307 -31.45 -28.29 -5.72
CA ARG A 307 -31.04 -29.20 -6.78
C ARG A 307 -29.52 -29.21 -6.85
N ALA A 308 -28.91 -30.36 -6.56
CA ALA A 308 -27.48 -30.50 -6.63
C ALA A 308 -27.04 -30.77 -8.07
N GLN A 309 -25.79 -30.39 -8.37
CA GLN A 309 -25.25 -30.66 -9.71
C GLN A 309 -24.93 -32.13 -9.91
N GLY A 310 -24.67 -32.87 -8.83
CA GLY A 310 -24.46 -34.29 -8.91
C GLY A 310 -25.77 -35.05 -8.93
N HIS A 311 -25.66 -36.37 -9.03
CA HIS A 311 -26.84 -37.22 -9.09
C HIS A 311 -27.52 -37.40 -7.74
N ASN A 312 -26.79 -37.24 -6.64
CA ASN A 312 -27.37 -37.32 -5.29
C ASN A 312 -27.88 -35.94 -4.91
N ASN A 313 -29.20 -35.80 -4.79
CA ASN A 313 -29.83 -34.51 -4.50
C ASN A 313 -30.03 -34.33 -3.01
N GLY A 314 -28.94 -34.46 -2.26
CA GLY A 314 -28.97 -34.21 -0.83
C GLY A 314 -29.47 -35.35 0.01
N ILE A 315 -29.47 -36.57 -0.50
CA ILE A 315 -29.94 -37.72 0.25
C ILE A 315 -28.86 -38.16 1.23
N CYS A 316 -29.24 -38.27 2.50
CA CYS A 316 -28.29 -38.62 3.56
C CYS A 316 -28.33 -40.14 3.78
N TRP A 317 -27.64 -40.85 2.91
CA TRP A 317 -27.53 -42.30 3.04
C TRP A 317 -26.80 -42.67 4.33
N GLY A 318 -27.19 -43.80 4.91
CA GLY A 318 -26.58 -44.24 6.15
C GLY A 318 -26.96 -43.44 7.38
N ASN A 319 -27.91 -42.51 7.26
CA ASN A 319 -28.36 -41.67 8.38
C ASN A 319 -27.19 -40.88 8.97
N GLN A 320 -26.29 -40.43 8.11
CA GLN A 320 -25.13 -39.66 8.54
C GLN A 320 -24.89 -38.54 7.55
N LEU A 321 -24.04 -37.59 7.93
CA LEU A 321 -23.78 -36.41 7.12
C LEU A 321 -22.37 -35.92 7.42
N PHE A 322 -21.80 -35.21 6.44
CA PHE A 322 -20.44 -34.69 6.56
C PHE A 322 -20.42 -33.23 6.14
N VAL A 323 -20.04 -32.36 7.07
CA VAL A 323 -19.93 -30.92 6.82
C VAL A 323 -18.47 -30.55 7.07
N THR A 324 -17.77 -30.15 6.00
CA THR A 324 -16.37 -29.73 6.10
C THR A 324 -16.33 -28.21 6.02
N VAL A 325 -15.61 -27.59 6.96
CA VAL A 325 -15.57 -26.13 7.07
C VAL A 325 -14.12 -25.70 7.28
N VAL A 326 -13.70 -24.68 6.53
CA VAL A 326 -12.45 -23.96 6.77
C VAL A 326 -12.77 -22.48 6.80
N ASP A 327 -12.34 -21.79 7.85
CA ASP A 327 -12.66 -20.37 8.04
C ASP A 327 -11.46 -19.70 8.70
N THR A 328 -10.63 -19.05 7.89
CA THR A 328 -9.48 -18.30 8.39
C THR A 328 -9.82 -16.86 8.71
N THR A 329 -11.07 -16.45 8.54
CA THR A 329 -11.50 -15.09 8.83
C THR A 329 -11.73 -14.84 10.32
N ARG A 330 -11.52 -15.84 11.16
CA ARG A 330 -11.65 -15.73 12.61
C ARG A 330 -10.46 -16.38 13.31
N SER A 331 -9.26 -16.13 12.78
CA SER A 331 -8.06 -16.80 13.25
C SER A 331 -7.31 -16.02 14.32
N THR A 332 -7.98 -15.08 15.00
CA THR A 332 -7.31 -14.27 16.02
C THR A 332 -6.75 -15.16 17.12
N ASN A 333 -5.48 -14.95 17.45
CA ASN A 333 -4.80 -15.68 18.51
C ASN A 333 -4.69 -14.79 19.74
N MET A 334 -5.36 -15.17 20.82
CA MET A 334 -5.37 -14.37 22.04
C MET A 334 -4.07 -14.55 22.82
N THR A 335 -3.54 -13.44 23.33
CA THR A 335 -2.33 -13.44 24.13
C THR A 335 -2.70 -13.45 25.61
N LEU A 336 -2.19 -14.43 26.35
CA LEU A 336 -2.40 -14.53 27.78
C LEU A 336 -1.09 -14.34 28.52
N CYS A 337 -1.17 -13.71 29.69
CA CYS A 337 0.03 -13.34 30.45
C CYS A 337 -0.24 -13.54 31.94
N THR A 338 0.57 -14.36 32.58
CA THR A 338 0.47 -14.63 34.01
C THR A 338 1.65 -14.00 34.76
N GLU A 339 1.38 -13.54 35.98
CA GLU A 339 2.40 -12.93 36.82
C GLU A 339 2.91 -13.96 37.81
N VAL A 340 4.18 -14.35 37.66
CA VAL A 340 4.76 -15.34 38.56
C VAL A 340 5.26 -14.68 39.84
N THR A 341 5.84 -13.48 39.73
CA THR A 341 6.35 -12.74 40.88
C THR A 341 5.90 -11.30 40.77
N LYS A 342 5.24 -10.81 41.82
CA LYS A 342 4.71 -9.45 41.84
C LYS A 342 5.76 -8.49 42.39
N GLU A 343 6.12 -7.48 41.59
CA GLU A 343 7.07 -6.46 42.00
C GLU A 343 6.56 -5.09 41.57
N GLY A 344 7.11 -4.05 42.17
CA GLY A 344 6.70 -2.69 41.85
C GLY A 344 7.15 -2.21 40.48
N THR A 345 8.15 -2.86 39.89
CA THR A 345 8.66 -2.49 38.58
C THR A 345 8.56 -3.67 37.62
N TYR A 346 8.52 -3.35 36.32
CA TYR A 346 8.36 -4.37 35.30
C TYR A 346 9.68 -5.08 35.04
N LYS A 347 9.64 -6.41 35.07
CA LYS A 347 10.76 -7.26 34.69
C LYS A 347 10.25 -8.37 33.79
N ASN A 348 10.98 -8.65 32.72
CA ASN A 348 10.54 -9.66 31.76
C ASN A 348 10.42 -11.03 32.42
N ASP A 349 11.32 -11.35 33.32
CA ASP A 349 11.32 -12.65 33.98
C ASP A 349 10.19 -12.81 34.99
N ASN A 350 9.38 -11.79 35.21
CA ASN A 350 8.27 -11.88 36.15
C ASN A 350 6.96 -12.35 35.52
N PHE A 351 6.95 -12.61 34.21
CA PHE A 351 5.72 -12.96 33.52
C PHE A 351 5.96 -14.13 32.57
N LYS A 352 4.89 -14.90 32.35
CA LYS A 352 4.89 -15.99 31.38
C LYS A 352 3.83 -15.67 30.33
N GLU A 353 4.20 -15.85 29.06
CA GLU A 353 3.34 -15.52 27.93
C GLU A 353 2.82 -16.79 27.28
N TYR A 354 1.51 -16.82 27.01
CA TYR A 354 0.88 -17.95 26.36
C TYR A 354 0.05 -17.45 25.17
N VAL A 355 -0.21 -18.35 24.24
CA VAL A 355 -1.01 -18.06 23.06
C VAL A 355 -2.12 -19.09 22.96
N ARG A 356 -3.36 -18.63 22.80
CA ARG A 356 -4.51 -19.51 22.72
C ARG A 356 -5.41 -19.09 21.56
N HIS A 357 -6.11 -20.07 21.00
CA HIS A 357 -7.04 -19.84 19.90
C HIS A 357 -8.34 -20.58 20.16
N VAL A 358 -9.45 -19.98 19.73
CA VAL A 358 -10.77 -20.54 19.95
C VAL A 358 -11.55 -20.58 18.63
N GLU A 359 -12.52 -21.49 18.59
CA GLU A 359 -13.42 -21.62 17.44
C GLU A 359 -14.81 -21.92 17.96
N GLU A 360 -15.81 -21.20 17.42
CA GLU A 360 -17.20 -21.33 17.86
C GLU A 360 -18.07 -21.63 16.64
N TYR A 361 -18.76 -22.76 16.69
CA TYR A 361 -19.64 -23.20 15.61
C TYR A 361 -21.05 -23.45 16.14
N ASP A 362 -22.03 -23.38 15.23
CA ASP A 362 -23.43 -23.64 15.58
C ASP A 362 -24.13 -24.13 14.30
N LEU A 363 -24.13 -25.45 14.12
CA LEU A 363 -24.69 -26.05 12.91
C LEU A 363 -26.20 -26.17 13.03
N GLN A 364 -26.90 -25.73 11.98
CA GLN A 364 -28.36 -25.77 11.93
C GLN A 364 -28.78 -26.48 10.66
N PHE A 365 -29.73 -27.41 10.78
CA PHE A 365 -30.15 -28.23 9.65
C PHE A 365 -31.67 -28.26 9.55
N VAL A 366 -32.15 -28.40 8.31
CA VAL A 366 -33.55 -28.67 8.02
C VAL A 366 -33.60 -29.87 7.09
N PHE A 367 -34.22 -30.95 7.54
CA PHE A 367 -34.27 -32.19 6.78
C PHE A 367 -35.69 -32.45 6.26
N GLN A 368 -35.76 -33.14 5.12
CA GLN A 368 -37.01 -33.55 4.51
C GLN A 368 -37.09 -35.06 4.52
N LEU A 369 -38.19 -35.59 5.04
CA LEU A 369 -38.37 -37.03 5.12
C LEU A 369 -38.71 -37.59 3.75
N CYS A 370 -38.07 -38.71 3.40
CA CYS A 370 -38.24 -39.33 2.09
C CYS A 370 -38.53 -40.81 2.26
N LYS A 371 -39.26 -41.37 1.30
CA LYS A 371 -39.57 -42.79 1.27
C LYS A 371 -39.15 -43.38 -0.07
N ILE A 372 -38.75 -44.64 -0.05
CA ILE A 372 -38.28 -45.34 -1.23
C ILE A 372 -38.99 -46.68 -1.32
N THR A 373 -39.77 -46.87 -2.40
CA THR A 373 -40.43 -48.14 -2.64
C THR A 373 -39.41 -49.13 -3.20
N LEU A 374 -39.18 -50.23 -2.49
CA LEU A 374 -38.09 -51.15 -2.81
C LEU A 374 -38.59 -52.21 -3.78
N THR A 375 -38.61 -51.84 -5.06
CA THR A 375 -38.86 -52.81 -6.12
C THR A 375 -37.58 -53.60 -6.43
N ALA A 376 -37.74 -54.66 -7.21
CA ALA A 376 -36.59 -55.49 -7.56
C ALA A 376 -35.56 -54.70 -8.35
N GLU A 377 -36.01 -53.83 -9.25
CA GLU A 377 -35.08 -52.98 -10.00
C GLU A 377 -34.40 -51.99 -9.07
N ILE A 378 -35.15 -51.37 -8.16
CA ILE A 378 -34.58 -50.39 -7.24
C ILE A 378 -33.65 -51.07 -6.24
N MET A 379 -33.99 -52.28 -5.80
CA MET A 379 -33.11 -53.02 -4.90
C MET A 379 -31.78 -53.34 -5.56
N THR A 380 -31.80 -53.68 -6.86
CA THR A 380 -30.56 -53.96 -7.57
C THR A 380 -29.71 -52.69 -7.71
N TYR A 381 -30.34 -51.56 -8.04
CA TYR A 381 -29.59 -50.31 -8.17
C TYR A 381 -28.96 -49.90 -6.84
N ILE A 382 -29.70 -50.02 -5.74
CA ILE A 382 -29.18 -49.62 -4.44
C ILE A 382 -28.08 -50.57 -3.99
N HIS A 383 -28.23 -51.86 -4.31
CA HIS A 383 -27.19 -52.84 -3.92
C HIS A 383 -25.89 -52.58 -4.66
N THR A 384 -25.96 -52.29 -5.96
CA THR A 384 -24.76 -51.97 -6.72
C THR A 384 -24.13 -50.67 -6.23
N MET A 385 -24.95 -49.72 -5.75
CA MET A 385 -24.41 -48.48 -5.22
C MET A 385 -23.74 -48.71 -3.86
N ASP A 386 -24.47 -49.32 -2.93
CA ASP A 386 -23.94 -49.59 -1.59
C ASP A 386 -24.79 -50.69 -0.97
N SER A 387 -24.19 -51.87 -0.78
CA SER A 387 -24.94 -52.98 -0.20
C SER A 387 -25.33 -52.71 1.25
N ASN A 388 -24.53 -51.92 1.96
CA ASN A 388 -24.82 -51.63 3.37
C ASN A 388 -26.13 -50.85 3.53
N ILE A 389 -26.58 -50.15 2.49
CA ILE A 389 -27.85 -49.43 2.59
C ILE A 389 -29.01 -50.43 2.74
N LEU A 390 -29.02 -51.48 1.91
CA LEU A 390 -30.06 -52.49 2.02
C LEU A 390 -29.89 -53.33 3.29
N GLU A 391 -28.64 -53.60 3.68
CA GLU A 391 -28.41 -54.42 4.86
C GLU A 391 -28.87 -53.71 6.13
N ASP A 392 -28.59 -52.42 6.25
CA ASP A 392 -29.03 -51.68 7.44
C ASP A 392 -30.54 -51.53 7.49
N TRP A 393 -31.20 -51.51 6.32
CA TRP A 393 -32.65 -51.35 6.28
C TRP A 393 -33.40 -52.59 6.70
N GLN A 394 -32.70 -53.73 6.88
CA GLN A 394 -33.29 -54.97 7.36
C GLN A 394 -34.36 -55.47 6.38
N PHE A 395 -33.93 -55.62 5.12
CA PHE A 395 -34.85 -55.93 4.03
C PHE A 395 -34.08 -56.37 2.79
N ASP A 430 -18.86 -47.98 9.62
CA ASP A 430 -17.93 -48.84 10.36
C ASP A 430 -16.45 -48.61 9.97
N PRO A 431 -16.11 -48.59 8.67
CA PRO A 431 -14.71 -48.32 8.31
C PRO A 431 -14.29 -46.87 8.54
N LEU A 432 -15.23 -45.96 8.74
CA LEU A 432 -14.90 -44.55 8.99
C LEU A 432 -14.47 -44.30 10.42
N ASN A 433 -14.47 -45.31 11.28
CA ASN A 433 -14.08 -45.12 12.68
C ASN A 433 -12.58 -45.02 12.85
N LYS A 434 -11.79 -45.42 11.85
CA LYS A 434 -10.34 -45.26 11.92
C LYS A 434 -9.91 -43.82 11.68
N TYR A 435 -10.80 -42.97 11.18
CA TYR A 435 -10.51 -41.56 10.94
C TYR A 435 -11.00 -40.71 12.10
N THR A 436 -10.54 -39.47 12.13
CA THR A 436 -10.86 -38.52 13.18
C THR A 436 -11.85 -37.50 12.64
N PHE A 437 -13.06 -37.49 13.20
CA PHE A 437 -14.08 -36.52 12.84
C PHE A 437 -14.65 -35.89 14.11
N TRP A 438 -15.27 -34.73 13.95
CA TRP A 438 -15.99 -34.08 15.04
C TRP A 438 -17.44 -34.58 14.99
N GLU A 439 -17.76 -35.51 15.89
CA GLU A 439 -19.09 -36.11 15.91
C GLU A 439 -20.12 -35.12 16.42
N VAL A 440 -21.18 -34.91 15.64
CA VAL A 440 -22.29 -34.04 16.01
C VAL A 440 -23.52 -34.94 16.06
N ASN A 441 -23.91 -35.35 17.26
CA ASN A 441 -25.00 -36.30 17.46
C ASN A 441 -26.32 -35.53 17.53
N LEU A 442 -27.15 -35.68 16.51
CA LEU A 442 -28.45 -35.03 16.45
C LEU A 442 -29.62 -36.03 16.57
N LYS A 443 -29.35 -37.22 17.13
CA LYS A 443 -30.40 -38.23 17.24
C LYS A 443 -31.52 -37.77 18.18
N GLU A 444 -31.18 -37.01 19.22
CA GLU A 444 -32.16 -36.48 20.15
C GLU A 444 -32.37 -34.97 19.97
N LYS A 445 -32.06 -34.44 18.79
CA LYS A 445 -32.17 -33.01 18.51
C LYS A 445 -33.20 -32.69 17.44
N PHE A 446 -33.92 -33.69 16.92
CA PHE A 446 -34.91 -33.44 15.90
C PHE A 446 -36.20 -32.91 16.50
N SER A 447 -36.81 -31.94 15.81
CA SER A 447 -38.06 -31.32 16.25
C SER A 447 -38.93 -31.01 15.05
N ALA A 448 -40.22 -31.32 15.16
CA ALA A 448 -41.15 -31.06 14.08
C ALA A 448 -41.71 -29.63 14.09
N ASP A 449 -41.43 -28.85 15.14
CA ASP A 449 -41.91 -27.48 15.24
C ASP A 449 -40.85 -26.56 14.63
N LEU A 450 -40.99 -26.31 13.32
CA LEU A 450 -39.97 -25.53 12.61
C LEU A 450 -39.98 -24.07 13.06
N ASP A 451 -41.17 -23.50 13.27
CA ASP A 451 -41.27 -22.07 13.58
C ASP A 451 -40.70 -21.71 14.95
N GLN A 452 -40.21 -22.69 15.71
CA GLN A 452 -39.61 -22.43 17.01
C GLN A 452 -38.10 -22.22 16.92
N PHE A 453 -37.54 -22.14 15.72
CA PHE A 453 -36.11 -22.02 15.53
C PHE A 453 -35.82 -21.05 14.39
N PRO A 454 -34.63 -20.41 14.41
CA PRO A 454 -34.31 -19.41 13.38
C PRO A 454 -34.33 -19.97 11.97
N LEU A 455 -33.54 -21.02 11.71
CA LEU A 455 -33.49 -21.60 10.37
C LEU A 455 -34.85 -22.18 9.97
N GLY A 456 -35.62 -22.67 10.94
CA GLY A 456 -36.96 -23.15 10.62
C GLY A 456 -37.86 -22.04 10.11
N ARG A 457 -37.85 -20.89 10.80
CA ARG A 457 -38.61 -19.74 10.34
C ARG A 457 -38.13 -19.25 8.98
N LYS A 458 -36.80 -19.22 8.78
CA LYS A 458 -36.27 -18.84 7.48
C LYS A 458 -36.70 -19.81 6.39
N PHE A 459 -36.77 -21.10 6.72
CA PHE A 459 -37.19 -22.10 5.73
C PHE A 459 -38.67 -21.95 5.39
N LEU A 460 -39.51 -21.63 6.39
CA LEU A 460 -40.93 -21.46 6.13
C LEU A 460 -41.18 -20.25 5.24
N LEU A 461 -40.41 -19.17 5.42
CA LEU A 461 -40.54 -18.01 4.53
C LEU A 461 -40.03 -18.32 3.13
N GLN A 462 -38.95 -19.10 3.03
CA GLN A 462 -38.36 -19.40 1.73
C GLN A 462 -39.29 -20.25 0.89
N SER A 463 -39.80 -21.35 1.46
CA SER A 463 -40.63 -22.29 0.71
C SER A 463 -42.07 -21.81 0.55
N GLY A 464 -42.46 -20.72 1.20
CA GLY A 464 -43.82 -20.22 1.11
C GLY A 464 -44.83 -20.97 1.94
N LEU A 465 -44.39 -21.83 2.84
CA LEU A 465 -45.31 -22.59 3.69
C LEU A 465 -45.79 -21.73 4.86
N LYS B 12 -45.36 -23.71 21.45
CA LYS B 12 -45.30 -22.92 22.68
C LYS B 12 -45.34 -21.44 22.37
N VAL B 13 -44.33 -20.95 21.65
CA VAL B 13 -44.20 -19.55 21.31
C VAL B 13 -44.85 -19.30 19.96
N VAL B 14 -45.60 -18.21 19.85
CA VAL B 14 -46.27 -17.82 18.62
C VAL B 14 -45.85 -16.41 18.26
N SER B 15 -46.05 -16.06 16.99
CA SER B 15 -45.71 -14.73 16.50
C SER B 15 -46.65 -13.69 17.10
N THR B 16 -46.12 -12.48 17.30
CA THR B 16 -46.93 -11.39 17.83
C THR B 16 -48.02 -10.97 16.85
N ASP B 17 -47.88 -11.31 15.57
CA ASP B 17 -48.90 -10.98 14.58
C ASP B 17 -50.22 -11.72 14.81
N GLU B 18 -50.22 -12.74 15.67
CA GLU B 18 -51.43 -13.52 15.92
C GLU B 18 -52.24 -13.03 17.10
N TYR B 19 -51.66 -12.21 17.99
CA TYR B 19 -52.39 -11.73 19.15
C TYR B 19 -52.20 -10.24 19.40
N VAL B 20 -51.55 -9.51 18.51
CA VAL B 20 -51.40 -8.06 18.61
C VAL B 20 -52.01 -7.44 17.36
N SER B 21 -53.05 -6.62 17.54
CA SER B 21 -53.77 -6.03 16.43
C SER B 21 -53.18 -4.66 16.08
N ARG B 22 -52.85 -4.47 14.81
CA ARG B 22 -52.28 -3.22 14.35
C ARG B 22 -53.38 -2.20 14.05
N THR B 23 -53.11 -0.94 14.36
CA THR B 23 -54.01 0.16 14.07
C THR B 23 -53.40 1.07 13.02
N SER B 24 -54.21 2.03 12.57
CA SER B 24 -53.78 3.03 11.60
C SER B 24 -53.21 4.27 12.26
N ILE B 25 -52.92 4.22 13.55
CA ILE B 25 -52.40 5.37 14.29
C ILE B 25 -50.88 5.28 14.31
N TYR B 26 -50.21 6.33 13.84
CA TYR B 26 -48.76 6.39 13.82
C TYR B 26 -48.27 7.65 14.53
N TYR B 27 -47.10 7.56 15.14
CA TYR B 27 -46.50 8.66 15.88
C TYR B 27 -45.01 8.75 15.56
N TYR B 28 -44.50 9.98 15.52
CA TYR B 28 -43.08 10.24 15.37
C TYR B 28 -42.46 10.55 16.73
N ALA B 29 -41.21 10.16 16.90
CA ALA B 29 -40.45 10.40 18.12
C ALA B 29 -39.02 10.79 17.75
N GLY B 30 -38.58 11.96 18.21
CA GLY B 30 -37.25 12.43 17.91
C GLY B 30 -36.43 12.70 19.15
N SER B 31 -35.28 12.04 19.27
CA SER B 31 -34.36 12.20 20.38
C SER B 31 -33.51 13.47 20.32
N SER B 32 -33.64 14.29 19.29
CA SER B 32 -32.84 15.51 19.14
C SER B 32 -31.36 15.15 19.13
N ARG B 33 -30.48 16.13 19.35
CA ARG B 33 -29.04 15.89 19.30
C ARG B 33 -28.50 15.40 20.64
N LEU B 34 -27.81 14.26 20.61
CA LEU B 34 -27.13 13.69 21.77
C LEU B 34 -25.63 13.83 21.60
N LEU B 35 -24.96 14.39 22.60
CA LEU B 35 -23.52 14.64 22.54
C LEU B 35 -22.82 13.97 23.71
N ALA B 36 -21.60 13.47 23.46
CA ALA B 36 -20.74 12.90 24.48
C ALA B 36 -19.30 13.33 24.23
N VAL B 37 -18.69 13.97 25.22
CA VAL B 37 -17.33 14.51 25.10
C VAL B 37 -16.49 14.00 26.26
N GLY B 38 -15.34 13.42 25.96
CA GLY B 38 -14.47 12.92 27.01
C GLY B 38 -13.12 12.50 26.48
N ASN B 39 -12.36 11.81 27.34
CA ASN B 39 -11.03 11.29 27.02
C ASN B 39 -11.16 9.91 26.40
N PRO B 40 -10.58 9.68 25.22
CA PRO B 40 -10.78 8.39 24.53
C PRO B 40 -10.01 7.23 25.14
N TYR B 41 -9.06 7.48 26.04
CA TYR B 41 -8.20 6.44 26.56
C TYR B 41 -8.57 5.99 27.97
N PHE B 42 -8.99 6.92 28.83
CA PHE B 42 -9.29 6.58 30.22
C PHE B 42 -10.16 7.68 30.81
N SER B 43 -10.91 7.32 31.84
CA SER B 43 -11.70 8.30 32.58
C SER B 43 -10.85 8.98 33.64
N ILE B 44 -11.16 10.25 33.89
CA ILE B 44 -10.46 11.05 34.90
C ILE B 44 -11.44 11.33 36.03
N LYS B 45 -11.12 10.85 37.23
CA LYS B 45 -11.96 11.05 38.40
C LYS B 45 -11.42 12.21 39.23
N SER B 46 -12.14 12.54 40.30
CA SER B 46 -11.60 13.55 41.20
C SER B 46 -10.78 12.85 42.28
N PRO B 47 -9.53 13.23 42.51
CA PRO B 47 -8.78 12.69 43.64
C PRO B 47 -9.27 13.23 44.97
N ASN B 48 -9.39 12.35 45.95
CA ASN B 48 -9.22 10.91 45.77
C ASN B 48 -10.58 10.24 45.90
N ASN B 49 -11.57 10.78 45.18
CA ASN B 49 -12.95 10.31 45.25
C ASN B 49 -13.18 9.37 44.07
N ASN B 50 -13.17 8.07 44.36
CA ASN B 50 -13.34 7.03 43.36
C ASN B 50 -14.81 6.87 42.94
N LYS B 51 -15.59 7.94 43.05
CA LYS B 51 -17.01 7.83 42.70
C LYS B 51 -17.49 8.95 41.79
N LYS B 52 -16.92 10.16 41.94
CA LYS B 52 -17.28 11.25 41.06
C LYS B 52 -16.35 11.24 39.85
N VAL B 53 -16.93 11.35 38.66
CA VAL B 53 -16.17 11.34 37.41
C VAL B 53 -16.22 12.75 36.85
N LEU B 54 -15.04 13.35 36.66
CA LEU B 54 -14.96 14.69 36.09
C LEU B 54 -14.91 14.65 34.57
N VAL B 55 -14.05 13.80 34.01
CA VAL B 55 -13.96 13.63 32.55
C VAL B 55 -14.27 12.17 32.23
N PRO B 56 -15.39 11.87 31.58
CA PRO B 56 -15.73 10.48 31.27
C PRO B 56 -14.88 9.96 30.12
N LYS B 57 -14.93 8.65 29.95
CA LYS B 57 -14.25 7.97 28.85
C LYS B 57 -15.20 7.90 27.65
N VAL B 58 -14.89 8.65 26.60
CA VAL B 58 -15.69 8.69 25.39
C VAL B 58 -14.79 8.26 24.25
N SER B 59 -15.04 7.08 23.69
CA SER B 59 -14.18 6.52 22.65
C SER B 59 -15.04 5.95 21.53
N GLY B 60 -14.51 6.05 20.30
CA GLY B 60 -15.18 5.48 19.15
C GLY B 60 -15.25 3.97 19.15
N LEU B 61 -14.53 3.31 20.06
CA LEU B 61 -14.55 1.86 20.19
C LEU B 61 -15.51 1.38 21.27
N GLN B 62 -16.43 2.25 21.70
CA GLN B 62 -17.38 1.92 22.76
C GLN B 62 -18.75 1.58 22.20
N TYR B 63 -19.44 0.69 22.90
CA TYR B 63 -20.85 0.44 22.61
C TYR B 63 -21.70 1.61 23.08
N ARG B 64 -22.71 1.95 22.30
CA ARG B 64 -23.73 2.91 22.70
C ARG B 64 -25.05 2.15 22.82
N VAL B 65 -25.49 1.93 24.06
CA VAL B 65 -26.69 1.17 24.35
C VAL B 65 -27.73 2.17 24.85
N PHE B 66 -28.59 2.62 23.96
CA PHE B 66 -29.62 3.60 24.29
C PHE B 66 -30.85 2.87 24.82
N ARG B 67 -31.29 3.23 26.02
CA ARG B 67 -32.55 2.74 26.58
C ARG B 67 -33.58 3.83 26.35
N VAL B 68 -34.40 3.65 25.31
CA VAL B 68 -35.40 4.64 24.93
C VAL B 68 -36.67 4.41 25.74
N ARG B 69 -37.09 5.43 26.48
CA ARG B 69 -38.30 5.35 27.28
C ARG B 69 -39.48 5.89 26.47
N LEU B 70 -40.51 5.07 26.33
CA LEU B 70 -41.71 5.46 25.61
C LEU B 70 -42.83 5.78 26.58
N PRO B 71 -43.72 6.71 26.24
CA PRO B 71 -44.86 6.99 27.11
C PRO B 71 -45.84 5.83 27.11
N ASP B 72 -46.47 5.62 28.26
CA ASP B 72 -47.45 4.55 28.39
C ASP B 72 -48.63 4.84 27.49
N PRO B 73 -48.91 4.02 26.47
CA PRO B 73 -50.07 4.30 25.61
C PRO B 73 -51.39 4.13 26.33
N ASN B 74 -51.44 3.30 27.37
CA ASN B 74 -52.65 3.13 28.15
C ASN B 74 -52.96 4.33 29.03
N LYS B 75 -51.99 5.22 29.24
CA LYS B 75 -52.21 6.45 29.99
C LYS B 75 -51.92 7.68 29.14
N PHE B 76 -51.86 7.52 27.82
CA PHE B 76 -51.52 8.61 26.92
C PHE B 76 -52.76 9.37 26.49
N GLY B 77 -52.62 10.69 26.34
CA GLY B 77 -53.73 11.55 25.98
C GLY B 77 -54.03 11.59 24.49
N PHE B 78 -54.75 10.58 24.00
CA PHE B 78 -55.14 10.57 22.59
C PHE B 78 -56.35 11.48 22.39
N PRO B 79 -56.47 12.10 21.21
CA PRO B 79 -57.61 12.99 20.97
C PRO B 79 -58.93 12.25 20.85
N ASP B 80 -58.91 10.97 20.47
CA ASP B 80 -60.12 10.17 20.38
C ASP B 80 -59.76 8.74 20.73
N THR B 81 -60.41 8.19 21.77
CA THR B 81 -60.10 6.86 22.27
C THR B 81 -61.16 5.83 21.88
N SER B 82 -61.88 6.08 20.79
CA SER B 82 -62.91 5.17 20.32
C SER B 82 -62.36 4.05 19.45
N PHE B 83 -61.04 3.91 19.37
CA PHE B 83 -60.42 2.87 18.58
C PHE B 83 -60.16 1.58 19.35
N TYR B 84 -60.36 1.59 20.66
CA TYR B 84 -60.14 0.40 21.48
C TYR B 84 -61.03 0.48 22.71
N ASN B 85 -61.18 -0.67 23.37
CA ASN B 85 -62.03 -0.77 24.55
C ASN B 85 -61.17 -1.02 25.78
N PRO B 86 -61.03 -0.05 26.69
CA PRO B 86 -60.17 -0.25 27.86
C PRO B 86 -60.68 -1.30 28.83
N ASP B 87 -61.91 -1.78 28.66
CA ASP B 87 -62.42 -2.81 29.55
C ASP B 87 -61.81 -4.18 29.26
N THR B 88 -61.54 -4.47 27.98
CA THR B 88 -61.00 -5.77 27.58
C THR B 88 -59.72 -5.71 26.77
N GLN B 89 -59.16 -4.52 26.53
CA GLN B 89 -57.99 -4.39 25.68
C GLN B 89 -56.94 -3.49 26.32
N ARG B 90 -55.69 -3.74 25.96
CA ARG B 90 -54.55 -2.92 26.39
C ARG B 90 -53.75 -2.49 25.18
N LEU B 91 -52.97 -1.42 25.35
CA LEU B 91 -52.23 -0.80 24.27
C LEU B 91 -50.73 -1.03 24.44
N VAL B 92 -50.01 -1.01 23.31
CA VAL B 92 -48.57 -1.17 23.32
C VAL B 92 -48.03 -0.56 22.03
N TRP B 93 -46.83 -0.01 22.10
CA TRP B 93 -46.19 0.61 20.95
C TRP B 93 -45.44 -0.43 20.12
N ALA B 94 -45.39 -0.21 18.81
CA ALA B 94 -44.64 -1.06 17.90
C ALA B 94 -43.75 -0.18 17.03
N CYS B 95 -42.48 -0.54 16.95
CA CYS B 95 -41.50 0.23 16.19
C CYS B 95 -41.51 -0.22 14.74
N VAL B 96 -41.85 0.70 13.84
CA VAL B 96 -41.88 0.40 12.41
C VAL B 96 -40.85 1.20 11.62
N GLY B 97 -40.33 2.30 12.16
CA GLY B 97 -39.33 3.08 11.46
C GLY B 97 -38.21 3.54 12.36
N LEU B 98 -36.99 3.56 11.85
CA LEU B 98 -35.82 3.90 12.65
C LEU B 98 -34.74 4.50 11.75
N GLU B 99 -34.12 5.59 12.22
CA GLU B 99 -32.97 6.19 11.56
C GLU B 99 -32.00 6.67 12.63
N ILE B 100 -30.75 6.19 12.55
CA ILE B 100 -29.72 6.55 13.51
C ILE B 100 -28.88 7.65 12.88
N GLY B 101 -29.11 8.89 13.30
CA GLY B 101 -28.35 10.02 12.77
C GLY B 101 -26.98 10.11 13.43
N ARG B 102 -25.96 10.35 12.62
CA ARG B 102 -24.59 10.46 13.10
C ARG B 102 -23.97 11.76 12.62
N GLY B 103 -23.49 12.56 13.56
CA GLY B 103 -22.83 13.82 13.26
C GLY B 103 -21.33 13.65 13.24
N GLN B 104 -20.63 14.79 13.09
CA GLN B 104 -19.17 14.87 13.00
C GLN B 104 -18.67 14.22 11.71
N PRO B 105 -17.51 14.61 11.21
CA PRO B 105 -16.99 14.03 9.97
C PRO B 105 -16.44 12.62 10.17
N LEU B 106 -16.32 11.91 9.04
CA LEU B 106 -15.70 10.59 9.06
C LEU B 106 -14.22 10.71 9.38
N GLY B 107 -13.70 9.74 10.11
CA GLY B 107 -12.29 9.76 10.47
C GLY B 107 -11.94 8.55 11.31
N VAL B 108 -10.63 8.39 11.52
CA VAL B 108 -10.09 7.25 12.26
C VAL B 108 -9.19 7.80 13.37
N GLY B 109 -9.37 7.28 14.58
CA GLY B 109 -8.52 7.58 15.70
C GLY B 109 -7.56 6.44 16.01
N VAL B 110 -6.57 6.75 16.85
CA VAL B 110 -5.54 5.80 17.21
C VAL B 110 -5.44 5.67 18.73
N SER B 111 -4.98 4.51 19.18
CA SER B 111 -4.74 4.23 20.59
C SER B 111 -3.42 3.50 20.74
N GLY B 112 -2.78 3.67 21.88
CA GLY B 112 -1.49 3.07 22.11
C GLY B 112 -1.19 2.87 23.57
N HIS B 113 0.08 2.56 23.86
CA HIS B 113 0.56 2.27 25.19
C HIS B 113 1.98 2.81 25.32
N PRO B 114 2.27 3.64 26.32
CA PRO B 114 3.65 4.11 26.51
C PRO B 114 4.63 3.01 26.92
N TYR B 115 4.13 1.88 27.44
CA TYR B 115 4.95 0.73 27.79
C TYR B 115 4.38 -0.52 27.16
N LEU B 116 4.23 -0.51 25.84
CA LEU B 116 3.70 -1.67 25.14
C LEU B 116 4.73 -2.80 25.12
N ASN B 117 4.28 -4.01 25.41
CA ASN B 117 5.16 -5.18 25.47
C ASN B 117 5.48 -5.63 24.05
N LYS B 118 6.37 -4.88 23.41
CA LYS B 118 6.88 -5.23 22.08
C LYS B 118 8.37 -5.46 22.19
N PHE B 119 8.85 -6.57 21.66
CA PHE B 119 10.27 -6.89 21.72
C PHE B 119 10.94 -6.59 20.38
N ASP B 120 10.69 -7.43 19.38
CA ASP B 120 11.31 -7.29 18.07
C ASP B 120 10.25 -7.25 16.99
N ASP B 121 10.59 -6.59 15.88
CA ASP B 121 9.78 -6.62 14.67
C ASP B 121 10.10 -7.89 13.90
N THR B 122 9.14 -8.82 13.86
CA THR B 122 9.37 -10.14 13.28
C THR B 122 8.88 -10.25 11.84
N GLU B 123 8.83 -9.12 11.12
CA GLU B 123 8.29 -9.13 9.77
C GLU B 123 9.33 -9.43 8.70
N THR B 124 10.53 -8.86 8.81
CA THR B 124 11.54 -9.04 7.77
C THR B 124 12.87 -9.51 8.34
N SER B 125 13.36 -8.83 9.38
CA SER B 125 14.69 -9.10 9.93
C SER B 125 14.59 -9.18 11.45
N ASN B 126 15.00 -10.32 12.01
CA ASN B 126 15.04 -10.53 13.44
C ASN B 126 16.12 -11.59 13.71
N ARG B 127 17.38 -11.18 13.50
CA ARG B 127 18.50 -12.10 13.59
C ARG B 127 18.83 -12.40 15.04
N TYR B 128 19.70 -13.41 15.24
CA TYR B 128 20.26 -13.95 16.46
C TYR B 128 21.61 -13.32 16.77
N PRO B 129 22.01 -13.28 18.06
CA PRO B 129 21.22 -13.77 19.19
C PRO B 129 20.24 -12.74 19.69
N ALA B 130 19.43 -13.09 20.69
CA ALA B 130 18.50 -12.11 21.22
C ALA B 130 19.29 -11.13 22.10
N GLN B 131 19.16 -9.84 21.82
CA GLN B 131 19.76 -8.81 22.65
C GLN B 131 18.70 -8.21 23.56
N PRO B 132 18.48 -8.75 24.76
CA PRO B 132 17.44 -8.16 25.62
C PRO B 132 17.98 -7.41 26.82
N GLY B 133 17.16 -7.41 27.87
CA GLY B 133 17.43 -6.84 29.16
C GLY B 133 16.31 -7.29 30.07
N SER B 134 15.89 -6.45 31.00
CA SER B 134 14.73 -6.74 31.82
C SER B 134 13.49 -5.94 31.43
N ASP B 135 13.64 -4.78 30.79
CA ASP B 135 12.51 -3.95 30.40
C ASP B 135 12.78 -3.36 29.02
N ASN B 136 12.16 -3.95 27.98
CA ASN B 136 12.31 -3.47 26.61
C ASN B 136 10.99 -2.96 26.04
N ARG B 137 10.06 -2.54 26.90
CA ARG B 137 8.78 -2.03 26.40
C ARG B 137 8.99 -0.71 25.66
N GLU B 138 8.12 -0.46 24.68
CA GLU B 138 8.23 0.69 23.82
C GLU B 138 6.90 1.45 23.77
N CYS B 139 6.99 2.72 23.39
CA CYS B 139 5.82 3.59 23.30
C CYS B 139 5.28 3.55 21.87
N LEU B 140 4.24 2.75 21.66
CA LEU B 140 3.70 2.52 20.34
C LEU B 140 2.21 2.86 20.30
N SER B 141 1.68 2.96 19.09
CA SER B 141 0.27 3.23 18.85
C SER B 141 -0.18 2.46 17.62
N MET B 142 -1.49 2.46 17.39
CA MET B 142 -2.06 1.71 16.28
C MET B 142 -3.49 2.19 16.06
N ASP B 143 -4.06 1.79 14.92
CA ASP B 143 -5.46 2.04 14.60
C ASP B 143 -6.22 0.73 14.67
N TYR B 144 -7.37 0.75 15.33
CA TYR B 144 -8.08 -0.47 15.67
C TYR B 144 -8.85 -1.03 14.48
N LYS B 145 -9.40 -2.23 14.68
CA LYS B 145 -10.29 -2.83 13.71
C LYS B 145 -11.53 -1.98 13.52
N GLN B 146 -11.96 -1.82 12.27
CA GLN B 146 -13.14 -1.03 11.95
C GLN B 146 -14.39 -1.88 12.15
N THR B 147 -15.36 -1.34 12.87
CA THR B 147 -16.59 -2.06 13.21
C THR B 147 -17.78 -1.12 13.17
N GLN B 148 -18.78 -1.48 12.38
CA GLN B 148 -20.09 -0.82 12.41
C GLN B 148 -21.16 -1.86 12.73
N LEU B 149 -22.09 -1.50 13.60
CA LEU B 149 -23.20 -2.40 13.91
C LEU B 149 -24.30 -1.62 14.61
N CYS B 150 -25.53 -2.10 14.45
CA CYS B 150 -26.67 -1.56 15.18
C CYS B 150 -27.66 -2.68 15.45
N LEU B 151 -28.07 -2.82 16.71
CA LEU B 151 -29.05 -3.80 17.12
C LEU B 151 -30.26 -3.09 17.74
N ILE B 152 -31.45 -3.52 17.35
CA ILE B 152 -32.69 -2.93 17.85
C ILE B 152 -33.54 -4.04 18.45
N GLY B 153 -34.04 -3.81 19.65
CA GLY B 153 -34.89 -4.78 20.33
C GLY B 153 -35.45 -4.17 21.60
N CYS B 154 -36.37 -4.91 22.22
CA CYS B 154 -36.98 -4.50 23.47
C CYS B 154 -36.27 -5.09 24.69
N LYS B 155 -35.14 -5.76 24.49
CA LYS B 155 -34.34 -6.37 25.55
C LYS B 155 -32.89 -6.01 25.32
N PRO B 156 -32.14 -5.71 26.38
CA PRO B 156 -30.73 -5.34 26.19
C PRO B 156 -29.96 -6.47 25.53
N PRO B 157 -28.95 -6.13 24.72
CA PRO B 157 -28.24 -7.16 23.96
C PRO B 157 -27.33 -8.00 24.85
N THR B 158 -27.06 -9.21 24.37
CA THR B 158 -26.21 -10.17 25.06
C THR B 158 -24.88 -10.30 24.32
N GLY B 159 -23.79 -10.03 25.02
CA GLY B 159 -22.47 -10.15 24.44
C GLY B 159 -21.65 -11.27 25.05
N GLU B 160 -20.63 -11.71 24.33
CA GLU B 160 -19.75 -12.78 24.78
C GLU B 160 -18.33 -12.29 24.90
N HIS B 161 -17.60 -12.83 25.88
CA HIS B 161 -16.19 -12.48 26.07
C HIS B 161 -15.53 -13.59 26.86
N TRP B 162 -14.23 -13.77 26.61
CA TRP B 162 -13.45 -14.80 27.29
C TRP B 162 -12.85 -14.25 28.56
N GLY B 163 -13.02 -14.99 29.66
CA GLY B 163 -12.49 -14.58 30.95
C GLY B 163 -11.74 -15.73 31.62
N LYS B 164 -11.18 -15.40 32.77
CA LYS B 164 -10.41 -16.38 33.53
C LYS B 164 -11.37 -17.35 34.21
N GLY B 165 -11.24 -18.63 33.87
CA GLY B 165 -12.08 -19.67 34.43
C GLY B 165 -11.50 -20.28 35.68
N VAL B 166 -11.96 -21.50 35.98
CA VAL B 166 -11.52 -22.28 37.12
C VAL B 166 -10.99 -23.60 36.58
N ALA B 167 -9.83 -24.03 37.10
CA ALA B 167 -9.14 -25.20 36.57
C ALA B 167 -8.88 -26.19 37.70
N SER B 168 -9.09 -27.47 37.38
CA SER B 168 -9.04 -28.52 38.39
C SER B 168 -7.60 -28.80 38.80
N ASN B 169 -7.39 -28.94 40.10
CA ASN B 169 -6.09 -29.25 40.67
C ASN B 169 -5.82 -30.76 40.74
N ASN B 170 -6.65 -31.57 40.08
CA ASN B 170 -6.53 -33.02 40.20
C ASN B 170 -5.28 -33.53 39.48
N ASN B 171 -5.18 -33.24 38.18
CA ASN B 171 -4.00 -33.66 37.42
C ASN B 171 -2.86 -32.68 37.63
N ALA B 172 -1.63 -33.20 37.55
CA ALA B 172 -0.44 -32.37 37.66
C ALA B 172 -0.44 -31.34 36.54
N ALA B 173 -0.57 -30.06 36.89
CA ALA B 173 -0.68 -28.98 35.92
C ALA B 173 0.57 -28.90 35.04
N ALA B 174 0.43 -29.29 33.77
CA ALA B 174 1.56 -29.19 32.85
C ALA B 174 1.83 -27.75 32.45
N THR B 175 0.77 -26.96 32.28
CA THR B 175 0.90 -25.55 31.94
C THR B 175 0.32 -24.68 33.05
N ASP B 176 0.90 -23.50 33.22
CA ASP B 176 0.37 -22.48 34.10
C ASP B 176 -0.53 -21.49 33.38
N CYS B 177 -0.92 -21.80 32.15
CA CYS B 177 -1.81 -20.93 31.41
C CYS B 177 -3.17 -20.84 32.12
N PRO B 178 -3.73 -19.65 32.24
CA PRO B 178 -5.01 -19.50 32.94
C PRO B 178 -6.13 -20.18 32.18
N PRO B 179 -7.06 -20.83 32.88
CA PRO B 179 -8.17 -21.49 32.20
C PRO B 179 -9.12 -20.48 31.58
N LEU B 180 -9.56 -20.77 30.37
CA LEU B 180 -10.44 -19.88 29.61
C LEU B 180 -11.88 -20.34 29.73
N GLU B 181 -12.78 -19.40 29.99
CA GLU B 181 -14.21 -19.66 30.06
C GLU B 181 -14.95 -18.60 29.26
N LEU B 182 -15.93 -19.03 28.47
CA LEU B 182 -16.72 -18.12 27.64
C LEU B 182 -17.90 -17.60 28.46
N PHE B 183 -17.93 -16.30 28.71
CA PHE B 183 -18.95 -15.67 29.54
C PHE B 183 -19.92 -14.89 28.68
N ASN B 184 -21.20 -14.96 29.02
CA ASN B 184 -22.23 -14.11 28.46
C ASN B 184 -22.62 -13.03 29.46
N SER B 185 -22.93 -11.85 28.94
CA SER B 185 -23.27 -10.71 29.79
C SER B 185 -24.07 -9.70 28.99
N ILE B 186 -24.77 -8.83 29.70
CA ILE B 186 -25.54 -7.76 29.08
C ILE B 186 -24.58 -6.65 28.67
N ILE B 187 -24.60 -6.29 27.39
CA ILE B 187 -23.75 -5.22 26.89
C ILE B 187 -24.28 -3.89 27.39
N GLU B 188 -23.50 -3.21 28.22
CA GLU B 188 -23.87 -1.93 28.80
C GLU B 188 -23.24 -0.79 28.00
N ASP B 189 -23.84 0.39 28.13
CA ASP B 189 -23.31 1.59 27.48
C ASP B 189 -21.92 1.92 28.01
N GLY B 190 -20.95 1.98 27.11
CA GLY B 190 -19.57 2.26 27.48
C GLY B 190 -18.65 1.06 27.39
N ASP B 191 -19.19 -0.14 27.26
CA ASP B 191 -18.35 -1.33 27.12
C ASP B 191 -17.53 -1.26 25.83
N MET B 192 -16.33 -1.83 25.88
CA MET B 192 -15.43 -1.79 24.75
C MET B 192 -15.76 -2.88 23.74
N VAL B 193 -15.75 -2.52 22.47
CA VAL B 193 -15.92 -3.49 21.39
C VAL B 193 -14.58 -4.14 21.08
N ASP B 194 -14.63 -5.28 20.40
CA ASP B 194 -13.40 -5.96 20.00
C ASP B 194 -12.60 -5.07 19.07
N THR B 195 -11.28 -5.09 19.25
CA THR B 195 -10.39 -4.18 18.53
C THR B 195 -9.41 -4.88 17.61
N GLY B 196 -9.51 -6.21 17.46
CA GLY B 196 -8.55 -6.99 16.73
C GLY B 196 -7.70 -7.89 17.58
N PHE B 197 -7.73 -7.70 18.90
CA PHE B 197 -7.03 -8.57 19.84
C PHE B 197 -7.95 -9.61 20.46
N GLY B 198 -9.19 -9.71 19.98
CA GLY B 198 -10.16 -10.64 20.51
C GLY B 198 -11.11 -10.00 21.51
N CYS B 199 -12.14 -10.76 21.87
CA CYS B 199 -13.12 -10.34 22.87
C CYS B 199 -12.81 -11.07 24.17
N MET B 200 -12.04 -10.42 25.03
CA MET B 200 -11.58 -11.05 26.25
C MET B 200 -11.42 -10.01 27.35
N ASP B 201 -11.26 -10.49 28.57
CA ASP B 201 -11.01 -9.63 29.74
C ASP B 201 -9.49 -9.45 29.83
N PHE B 202 -8.98 -8.35 29.27
CA PHE B 202 -7.55 -8.12 29.30
C PHE B 202 -7.04 -7.82 30.70
N GLY B 203 -7.90 -7.30 31.57
CA GLY B 203 -7.48 -6.99 32.92
C GLY B 203 -7.13 -8.22 33.75
N THR B 204 -7.80 -9.34 33.48
CA THR B 204 -7.58 -10.57 34.25
C THR B 204 -6.71 -11.59 33.54
N LEU B 205 -6.70 -11.60 32.21
CA LEU B 205 -5.94 -12.59 31.46
C LEU B 205 -4.57 -12.10 31.03
N GLN B 206 -4.30 -10.80 31.12
CA GLN B 206 -3.00 -10.22 30.79
C GLN B 206 -2.57 -9.40 32.00
N ALA B 207 -1.79 -10.03 32.89
CA ALA B 207 -1.47 -9.43 34.18
C ALA B 207 -0.46 -8.29 34.06
N ASN B 208 0.36 -8.28 33.02
CA ASN B 208 1.41 -7.28 32.91
C ASN B 208 0.90 -5.91 32.50
N LYS B 209 -0.38 -5.79 32.15
CA LYS B 209 -1.02 -4.52 31.78
C LYS B 209 -0.30 -3.83 30.62
N SER B 210 0.41 -4.59 29.79
CA SER B 210 1.24 -3.99 28.75
C SER B 210 1.13 -4.71 27.41
N ASP B 211 0.26 -5.70 27.27
CA ASP B 211 0.16 -6.44 26.03
C ASP B 211 -0.80 -5.81 25.03
N VAL B 212 -1.72 -4.99 25.48
CA VAL B 212 -2.66 -4.27 24.60
C VAL B 212 -2.70 -2.82 25.03
N PRO B 213 -3.12 -1.92 24.14
CA PRO B 213 -3.12 -0.49 24.48
C PRO B 213 -3.96 -0.17 25.71
N ILE B 214 -3.75 1.04 26.24
CA ILE B 214 -4.25 1.39 27.57
C ILE B 214 -5.77 1.51 27.63
N ASP B 215 -6.44 1.75 26.51
CA ASP B 215 -7.88 1.92 26.55
C ASP B 215 -8.64 0.61 26.63
N ILE B 216 -7.95 -0.53 26.60
CA ILE B 216 -8.60 -1.84 26.70
C ILE B 216 -7.78 -2.74 27.62
N CYS B 217 -6.59 -2.31 28.02
CA CYS B 217 -5.72 -3.16 28.81
C CYS B 217 -6.28 -3.44 30.20
N ASN B 218 -7.16 -2.58 30.70
CA ASN B 218 -7.82 -2.80 31.98
C ASN B 218 -9.34 -2.83 31.81
N SER B 219 -9.80 -3.21 30.62
CA SER B 219 -11.22 -3.27 30.29
C SER B 219 -11.53 -4.64 29.70
N THR B 220 -12.80 -4.86 29.40
CA THR B 220 -13.28 -6.10 28.80
C THR B 220 -13.89 -5.79 27.44
N CYS B 221 -13.38 -6.43 26.40
CA CYS B 221 -13.93 -6.28 25.05
C CYS B 221 -15.00 -7.34 24.83
N LYS B 222 -16.19 -6.91 24.43
CA LYS B 222 -17.33 -7.80 24.23
C LYS B 222 -17.75 -7.79 22.77
N TYR B 223 -18.12 -8.97 22.28
CA TYR B 223 -18.68 -9.16 20.95
C TYR B 223 -20.10 -9.70 21.07
N PRO B 224 -21.05 -9.20 20.28
CA PRO B 224 -22.44 -9.64 20.42
C PRO B 224 -22.58 -11.12 20.11
N ASP B 225 -23.21 -11.85 21.04
CA ASP B 225 -23.49 -13.27 20.85
C ASP B 225 -24.71 -13.37 19.95
N TYR B 226 -24.48 -13.18 18.65
CA TYR B 226 -25.57 -13.20 17.68
C TYR B 226 -26.30 -14.53 17.66
N LEU B 227 -25.58 -15.63 17.88
CA LEU B 227 -26.20 -16.94 17.84
C LEU B 227 -27.19 -17.13 18.99
N LYS B 228 -26.81 -16.71 20.21
CA LYS B 228 -27.70 -16.83 21.34
C LYS B 228 -28.92 -15.93 21.20
N MET B 229 -28.72 -14.68 20.77
CA MET B 229 -29.83 -13.75 20.63
C MET B 229 -30.77 -14.17 19.50
N ALA B 230 -30.26 -14.90 18.51
CA ALA B 230 -31.12 -15.39 17.44
C ALA B 230 -31.88 -16.64 17.85
N SER B 231 -31.30 -17.46 18.74
CA SER B 231 -31.90 -18.72 19.14
C SER B 231 -32.78 -18.59 20.38
N GLU B 232 -32.90 -17.40 20.96
CA GLU B 232 -33.79 -17.23 22.10
C GLU B 232 -35.24 -17.38 21.66
N PRO B 233 -36.10 -17.92 22.53
CA PRO B 233 -37.43 -18.36 22.05
C PRO B 233 -38.33 -17.23 21.57
N TYR B 234 -38.49 -16.16 22.37
CA TYR B 234 -39.42 -15.10 22.00
C TYR B 234 -38.84 -14.12 20.99
N GLY B 235 -37.52 -14.05 20.86
CA GLY B 235 -36.91 -13.13 19.90
C GLY B 235 -37.05 -11.68 20.28
N ASP B 236 -36.88 -11.36 21.56
CA ASP B 236 -37.00 -10.00 22.05
C ASP B 236 -35.72 -9.19 21.86
N SER B 237 -34.59 -9.83 21.58
CA SER B 237 -33.32 -9.12 21.51
C SER B 237 -33.08 -8.50 20.14
N LEU B 238 -33.33 -9.24 19.06
CA LEU B 238 -32.97 -8.82 17.71
C LEU B 238 -34.22 -8.68 16.83
N PHE B 239 -34.83 -7.49 16.86
CA PHE B 239 -35.83 -7.16 15.84
C PHE B 239 -35.18 -7.05 14.48
N PHE B 240 -33.95 -6.54 14.44
CA PHE B 240 -33.26 -6.16 13.21
C PHE B 240 -31.84 -5.76 13.59
N PHE B 241 -30.89 -6.05 12.70
CA PHE B 241 -29.52 -5.68 13.01
C PHE B 241 -28.70 -5.61 11.72
N LEU B 242 -27.69 -4.74 11.75
CA LEU B 242 -26.72 -4.61 10.69
C LEU B 242 -25.32 -4.68 11.29
N ARG B 243 -24.36 -5.12 10.47
CA ARG B 243 -22.99 -5.25 10.95
C ARG B 243 -22.04 -5.21 9.76
N ARG B 244 -20.89 -4.55 9.96
CA ARG B 244 -19.85 -4.51 8.93
C ARG B 244 -18.50 -4.36 9.63
N GLU B 245 -17.71 -5.42 9.60
CA GLU B 245 -16.39 -5.44 10.22
C GLU B 245 -15.32 -5.62 9.14
N GLN B 246 -14.16 -5.00 9.36
CA GLN B 246 -13.02 -5.20 8.49
C GLN B 246 -11.74 -4.83 9.22
N MET B 247 -10.68 -5.57 8.94
CA MET B 247 -9.36 -5.31 9.51
C MET B 247 -8.34 -6.13 8.74
N PHE B 248 -7.07 -5.72 8.85
CA PHE B 248 -5.96 -6.48 8.32
C PHE B 248 -4.77 -6.34 9.26
N VAL B 249 -3.74 -7.14 9.00
CA VAL B 249 -2.54 -7.16 9.82
C VAL B 249 -1.57 -6.11 9.29
N ARG B 250 -1.25 -5.13 10.14
CA ARG B 250 -0.35 -4.05 9.75
C ARG B 250 1.11 -4.40 10.01
N HIS B 251 1.41 -4.90 11.21
CA HIS B 251 2.78 -5.25 11.59
C HIS B 251 2.80 -6.56 12.35
N PHE B 252 4.00 -7.12 12.48
CA PHE B 252 4.22 -8.40 13.14
C PHE B 252 5.27 -8.20 14.23
N PHE B 253 4.91 -8.48 15.47
CA PHE B 253 5.81 -8.35 16.61
C PHE B 253 5.78 -9.65 17.42
N ASN B 254 6.65 -9.70 18.43
CA ASN B 254 6.66 -10.80 19.39
C ASN B 254 6.73 -10.23 20.80
N ARG B 255 6.34 -11.06 21.76
CA ARG B 255 6.26 -10.64 23.15
C ARG B 255 7.58 -10.84 23.87
N ALA B 256 7.84 -9.98 24.84
CA ALA B 256 8.97 -10.14 25.76
C ALA B 256 8.52 -10.84 27.03
N GLY B 257 9.46 -11.55 27.65
CA GLY B 257 9.17 -12.33 28.84
C GLY B 257 9.32 -13.81 28.59
N LYS B 258 9.17 -14.56 29.69
CA LYS B 258 9.35 -16.01 29.64
C LYS B 258 8.29 -16.66 28.76
N LEU B 259 8.73 -17.47 27.79
CA LEU B 259 7.81 -18.21 26.95
C LEU B 259 7.20 -19.35 27.77
N GLY B 260 5.90 -19.25 28.05
CA GLY B 260 5.27 -20.19 28.95
C GLY B 260 5.20 -21.60 28.40
N GLU B 261 4.95 -21.73 27.09
CA GLU B 261 4.82 -23.02 26.43
C GLU B 261 5.93 -23.14 25.39
N ALA B 262 6.96 -23.92 25.71
CA ALA B 262 8.11 -24.05 24.81
C ALA B 262 7.76 -24.85 23.57
N VAL B 263 8.44 -24.52 22.48
CA VAL B 263 8.23 -25.24 21.21
C VAL B 263 8.76 -26.67 21.36
N PRO B 264 7.98 -27.68 21.00
CA PRO B 264 8.45 -29.06 21.11
C PRO B 264 9.65 -29.32 20.19
N ASP B 265 10.45 -30.33 20.57
CA ASP B 265 11.71 -30.58 19.90
C ASP B 265 11.55 -31.13 18.48
N ASP B 266 10.38 -31.67 18.15
CA ASP B 266 10.19 -32.26 16.82
C ASP B 266 9.84 -31.24 15.76
N LEU B 267 9.79 -29.95 16.10
CA LEU B 267 9.41 -28.91 15.15
C LEU B 267 10.58 -28.07 14.67
N TYR B 268 11.80 -28.33 15.14
CA TYR B 268 12.94 -27.54 14.73
C TYR B 268 14.23 -28.27 15.09
N ILE B 269 15.30 -27.94 14.38
CA ILE B 269 16.63 -28.42 14.69
C ILE B 269 17.33 -27.39 15.57
N LYS B 270 17.91 -27.84 16.68
CA LYS B 270 18.54 -26.94 17.64
C LYS B 270 19.70 -26.20 17.00
N GLY B 271 19.94 -24.97 17.49
CA GLY B 271 21.04 -24.15 17.01
C GLY B 271 22.25 -24.22 17.92
N SER B 272 23.21 -23.35 17.64
CA SER B 272 24.45 -23.29 18.40
C SER B 272 25.11 -21.93 18.15
N GLY B 273 25.97 -21.54 19.08
CA GLY B 273 26.65 -20.26 18.96
C GLY B 273 25.71 -19.09 19.10
N ASN B 274 25.58 -18.27 18.05
CA ASN B 274 24.66 -17.15 18.09
C ASN B 274 23.22 -17.63 18.24
N THR B 275 22.88 -18.77 17.64
CA THR B 275 21.53 -19.32 17.70
C THR B 275 21.36 -20.30 18.85
N ALA B 276 22.17 -20.19 19.90
CA ALA B 276 22.08 -21.15 21.00
C ALA B 276 20.83 -20.93 21.85
N VAL B 277 20.46 -19.67 22.10
CA VAL B 277 19.31 -19.35 22.93
C VAL B 277 18.13 -19.02 22.01
N ILE B 278 17.08 -19.82 22.08
CA ILE B 278 15.93 -19.63 21.22
C ILE B 278 15.14 -18.41 21.66
N GLN B 279 14.61 -17.66 20.70
CA GLN B 279 13.81 -16.48 21.00
C GLN B 279 12.34 -16.85 21.20
N SER B 280 11.61 -15.92 21.80
CA SER B 280 10.20 -16.16 22.11
C SER B 280 9.38 -16.20 20.83
N SER B 281 8.61 -17.27 20.66
CA SER B 281 7.71 -17.42 19.53
C SER B 281 6.29 -16.99 19.85
N ALA B 282 6.12 -16.14 20.86
CA ALA B 282 4.80 -15.60 21.21
C ALA B 282 4.56 -14.35 20.37
N PHE B 283 4.14 -14.58 19.13
CA PHE B 283 3.90 -13.49 18.20
C PHE B 283 2.53 -12.86 18.45
N PHE B 284 2.39 -11.61 17.98
CA PHE B 284 1.10 -10.94 18.01
C PHE B 284 1.07 -9.89 16.93
N PRO B 285 -0.03 -9.76 16.18
CA PRO B 285 -0.09 -8.74 15.12
C PRO B 285 -0.80 -7.47 15.58
N THR B 286 -0.60 -6.37 14.84
CA THR B 286 -1.35 -5.16 15.09
C THR B 286 -2.42 -4.99 14.02
N PRO B 287 -3.67 -4.77 14.40
CA PRO B 287 -4.74 -4.64 13.40
C PRO B 287 -4.78 -3.25 12.79
N SER B 288 -5.63 -3.11 11.78
CA SER B 288 -5.82 -1.82 11.11
C SER B 288 -7.09 -1.87 10.29
N GLY B 289 -7.91 -0.83 10.41
CA GLY B 289 -9.09 -0.71 9.57
C GLY B 289 -8.70 0.00 8.28
N SER B 290 -8.44 -0.80 7.24
CA SER B 290 -7.98 -0.36 5.91
C SER B 290 -8.36 1.07 5.55
N ILE B 291 -9.65 1.41 5.63
CA ILE B 291 -10.14 2.70 5.14
C ILE B 291 -11.60 2.86 5.52
N VAL B 292 -12.04 4.10 5.70
CA VAL B 292 -13.44 4.43 5.94
C VAL B 292 -13.95 5.20 4.73
N THR B 293 -15.20 4.93 4.36
CA THR B 293 -15.83 5.58 3.21
C THR B 293 -17.27 5.92 3.55
N SER B 294 -17.80 6.93 2.86
CA SER B 294 -19.22 7.24 2.98
C SER B 294 -20.08 6.13 2.37
N GLU B 295 -19.58 5.46 1.34
CA GLU B 295 -20.35 4.42 0.66
C GLU B 295 -20.62 3.21 1.55
N SER B 296 -19.80 2.98 2.57
CA SER B 296 -19.95 1.84 3.46
C SER B 296 -20.71 2.20 4.74
N GLN B 297 -21.26 3.40 4.82
CA GLN B 297 -21.96 3.82 6.03
C GLN B 297 -23.27 3.05 6.22
N LEU B 298 -23.54 2.67 7.47
CA LEU B 298 -24.79 2.02 7.83
C LEU B 298 -25.82 2.99 8.38
N PHE B 299 -25.42 4.19 8.76
CA PHE B 299 -26.27 5.13 9.48
C PHE B 299 -26.73 6.26 8.56
N ASN B 300 -27.48 7.20 9.14
CA ASN B 300 -28.05 8.33 8.41
C ASN B 300 -28.96 7.87 7.27
N LYS B 301 -29.52 6.66 7.38
CA LYS B 301 -30.45 6.14 6.40
C LYS B 301 -31.55 5.39 7.15
N PRO B 302 -32.78 5.42 6.62
CA PRO B 302 -33.90 4.82 7.36
C PRO B 302 -33.95 3.30 7.23
N TYR B 303 -34.33 2.65 8.33
CA TYR B 303 -34.62 1.22 8.36
C TYR B 303 -36.10 1.03 8.63
N TRP B 304 -36.75 0.20 7.82
CA TRP B 304 -38.17 -0.10 7.97
C TRP B 304 -38.33 -1.51 8.54
N LEU B 305 -38.80 -1.60 9.78
CA LEU B 305 -38.97 -2.88 10.46
C LEU B 305 -40.34 -3.45 10.09
N GLN B 306 -40.39 -4.12 8.93
CA GLN B 306 -41.64 -4.69 8.45
C GLN B 306 -41.91 -6.06 9.04
N ARG B 307 -40.97 -6.99 8.92
CA ARG B 307 -41.14 -8.34 9.45
C ARG B 307 -39.81 -8.81 10.02
N ALA B 308 -39.77 -9.03 11.34
CA ALA B 308 -38.57 -9.52 11.99
C ALA B 308 -38.44 -11.03 11.83
N GLN B 309 -37.20 -11.51 11.90
CA GLN B 309 -36.96 -12.95 11.81
C GLN B 309 -37.39 -13.68 13.08
N GLY B 310 -37.42 -13.00 14.22
CA GLY B 310 -37.92 -13.60 15.44
C GLY B 310 -39.43 -13.53 15.55
N HIS B 311 -39.94 -14.07 16.65
CA HIS B 311 -41.38 -14.08 16.87
C HIS B 311 -41.93 -12.72 17.30
N ASN B 312 -41.11 -11.87 17.88
CA ASN B 312 -41.52 -10.51 18.25
C ASN B 312 -41.28 -9.61 17.04
N ASN B 313 -42.37 -9.12 16.45
CA ASN B 313 -42.28 -8.30 15.24
C ASN B 313 -42.26 -6.81 15.61
N GLY B 314 -41.30 -6.46 16.46
CA GLY B 314 -41.09 -5.07 16.81
C GLY B 314 -41.97 -4.53 17.92
N ILE B 315 -42.57 -5.40 18.73
CA ILE B 315 -43.41 -4.95 19.83
C ILE B 315 -42.51 -4.53 20.98
N CYS B 316 -42.71 -3.29 21.45
CA CYS B 316 -41.87 -2.72 22.52
C CYS B 316 -42.55 -2.95 23.86
N TRP B 317 -42.37 -4.17 24.39
CA TRP B 317 -42.91 -4.48 25.71
C TRP B 317 -42.27 -3.60 26.77
N GLY B 318 -43.05 -3.27 27.79
CA GLY B 318 -42.58 -2.41 28.85
C GLY B 318 -42.45 -0.95 28.48
N ASN B 319 -42.94 -0.56 27.30
CA ASN B 319 -42.88 0.83 26.83
C ASN B 319 -41.44 1.33 26.80
N GLN B 320 -40.51 0.45 26.43
CA GLN B 320 -39.10 0.79 26.39
C GLN B 320 -38.48 0.16 25.14
N LEU B 321 -37.26 0.59 24.84
CA LEU B 321 -36.58 0.15 23.63
C LEU B 321 -35.08 0.20 23.87
N PHE B 322 -34.34 -0.62 23.13
CA PHE B 322 -32.89 -0.70 23.27
C PHE B 322 -32.27 -0.62 21.88
N VAL B 323 -31.43 0.39 21.67
CA VAL B 323 -30.73 0.60 20.41
C VAL B 323 -29.24 0.55 20.71
N THR B 324 -28.57 -0.48 20.20
CA THR B 324 -27.14 -0.66 20.38
C THR B 324 -26.42 -0.21 19.12
N VAL B 325 -25.40 0.64 19.27
CA VAL B 325 -24.69 1.22 18.14
C VAL B 325 -23.20 1.14 18.40
N VAL B 326 -22.44 0.70 17.40
CA VAL B 326 -20.99 0.79 17.37
C VAL B 326 -20.60 1.43 16.05
N ASP B 327 -19.81 2.50 16.10
CA ASP B 327 -19.43 3.24 14.90
C ASP B 327 -18.01 3.75 15.07
N THR B 328 -17.04 3.01 14.54
CA THR B 328 -15.64 3.41 14.57
C THR B 328 -15.25 4.27 13.37
N THR B 329 -16.18 4.55 12.47
CA THR B 329 -15.91 5.36 11.28
C THR B 329 -15.88 6.85 11.59
N ARG B 330 -16.10 7.25 12.84
CA ARG B 330 -16.02 8.63 13.28
C ARG B 330 -15.25 8.73 14.59
N SER B 331 -14.14 8.01 14.68
CA SER B 331 -13.36 7.88 15.90
C SER B 331 -12.23 8.89 15.99
N THR B 332 -12.28 9.97 15.21
CA THR B 332 -11.22 10.97 15.23
C THR B 332 -11.04 11.55 16.63
N ASN B 333 -9.81 11.56 17.11
CA ASN B 333 -9.47 12.12 18.41
C ASN B 333 -8.80 13.47 18.22
N MET B 334 -9.45 14.52 18.69
CA MET B 334 -8.93 15.87 18.53
C MET B 334 -7.80 16.15 19.53
N THR B 335 -6.75 16.78 19.04
CA THR B 335 -5.62 17.17 19.88
C THR B 335 -5.80 18.62 20.33
N LEU B 336 -5.75 18.84 21.64
CA LEU B 336 -5.84 20.18 22.21
C LEU B 336 -4.52 20.55 22.86
N CYS B 337 -4.16 21.82 22.79
CA CYS B 337 -2.86 22.30 23.22
C CYS B 337 -3.02 23.66 23.90
N THR B 338 -2.59 23.73 25.16
CA THR B 338 -2.64 24.96 25.93
C THR B 338 -1.24 25.53 26.11
N GLU B 339 -1.16 26.86 26.15
CA GLU B 339 0.11 27.57 26.31
C GLU B 339 0.26 27.96 27.77
N VAL B 340 1.25 27.35 28.45
CA VAL B 340 1.49 27.67 29.85
C VAL B 340 2.36 28.91 29.99
N THR B 341 3.36 29.07 29.12
CA THR B 341 4.25 30.21 29.16
C THR B 341 4.48 30.73 27.74
N LYS B 342 4.22 32.02 27.53
CA LYS B 342 4.38 32.65 26.23
C LYS B 342 5.80 33.16 26.11
N GLU B 343 6.51 32.70 25.08
CA GLU B 343 7.88 33.13 24.83
C GLU B 343 8.05 33.39 23.34
N GLY B 344 9.11 34.11 23.00
CA GLY B 344 9.39 34.40 21.61
C GLY B 344 9.85 33.19 20.83
N THR B 345 10.34 32.16 21.51
CA THR B 345 10.78 30.92 20.87
C THR B 345 10.02 29.74 21.44
N TYR B 346 9.95 28.68 20.65
CA TYR B 346 9.22 27.48 21.03
C TYR B 346 10.02 26.63 22.00
N LYS B 347 9.40 26.25 23.10
CA LYS B 347 9.96 25.29 24.05
C LYS B 347 8.88 24.27 24.41
N ASN B 348 9.28 22.99 24.45
CA ASN B 348 8.31 21.92 24.70
C ASN B 348 7.63 22.08 26.05
N ASP B 349 8.39 22.49 27.08
CA ASP B 349 7.83 22.62 28.42
C ASP B 349 6.88 23.81 28.58
N ASN B 350 6.66 24.59 27.52
CA ASN B 350 5.76 25.73 27.58
C ASN B 350 4.32 25.38 27.21
N PHE B 351 4.05 24.13 26.85
CA PHE B 351 2.73 23.75 26.39
C PHE B 351 2.29 22.44 27.04
N LYS B 352 0.98 22.30 27.18
CA LYS B 352 0.35 21.07 27.68
C LYS B 352 -0.54 20.49 26.59
N GLU B 353 -0.44 19.17 26.39
CA GLU B 353 -1.16 18.48 25.33
C GLU B 353 -2.27 17.64 25.94
N TYR B 354 -3.47 17.73 25.36
CA TYR B 354 -4.63 16.97 25.79
C TYR B 354 -5.24 16.27 24.59
N VAL B 355 -6.01 15.22 24.86
CA VAL B 355 -6.69 14.44 23.83
C VAL B 355 -8.16 14.36 24.20
N ARG B 356 -9.03 14.69 23.24
CA ARG B 356 -10.47 14.68 23.45
C ARG B 356 -11.17 13.99 22.29
N HIS B 357 -12.31 13.38 22.59
CA HIS B 357 -13.13 12.70 21.60
C HIS B 357 -14.59 13.07 21.81
N VAL B 358 -15.34 13.17 20.70
CA VAL B 358 -16.73 13.58 20.74
C VAL B 358 -17.57 12.59 19.94
N GLU B 359 -18.85 12.53 20.29
CA GLU B 359 -19.82 11.69 19.60
C GLU B 359 -21.15 12.45 19.49
N GLU B 360 -21.75 12.43 18.30
CA GLU B 360 -22.99 13.14 18.05
C GLU B 360 -24.00 12.16 17.47
N TYR B 361 -25.14 12.01 18.15
CA TYR B 361 -26.20 11.11 17.73
C TYR B 361 -27.51 11.87 17.59
N ASP B 362 -28.42 11.30 16.80
CA ASP B 362 -29.75 11.87 16.59
C ASP B 362 -30.68 10.70 16.25
N LEU B 363 -31.30 10.15 17.29
CA LEU B 363 -32.16 8.97 17.13
C LEU B 363 -33.54 9.41 16.67
N GLN B 364 -34.05 8.74 15.63
CA GLN B 364 -35.37 9.04 15.05
C GLN B 364 -36.18 7.76 14.99
N PHE B 365 -37.43 7.83 15.44
CA PHE B 365 -38.30 6.66 15.50
C PHE B 365 -39.67 6.98 14.92
N VAL B 366 -40.31 5.95 14.37
CA VAL B 366 -41.71 5.99 13.96
C VAL B 366 -42.40 4.79 14.57
N PHE B 367 -43.40 5.05 15.42
CA PHE B 367 -44.09 4.00 16.15
C PHE B 367 -45.52 3.82 15.64
N GLN B 368 -46.02 2.59 15.73
CA GLN B 368 -47.38 2.24 15.37
C GLN B 368 -48.12 1.77 16.60
N LEU B 369 -49.29 2.35 16.85
CA LEU B 369 -50.10 1.99 18.01
C LEU B 369 -50.80 0.66 17.78
N CYS B 370 -50.77 -0.20 18.80
CA CYS B 370 -51.35 -1.53 18.73
C CYS B 370 -52.25 -1.78 19.94
N LYS B 371 -53.23 -2.65 19.77
CA LYS B 371 -54.13 -3.06 20.83
C LYS B 371 -54.12 -4.57 20.96
N ILE B 372 -54.34 -5.05 22.18
CA ILE B 372 -54.33 -6.48 22.48
C ILE B 372 -55.57 -6.82 23.27
N THR B 373 -56.42 -7.67 22.72
CA THR B 373 -57.62 -8.14 23.41
C THR B 373 -57.22 -9.20 24.43
N LEU B 374 -57.51 -8.94 25.71
CA LEU B 374 -57.00 -9.75 26.81
C LEU B 374 -57.97 -10.90 27.11
N THR B 375 -57.83 -11.97 26.33
CA THR B 375 -58.55 -13.19 26.64
C THR B 375 -57.78 -13.99 27.70
N ALA B 376 -58.45 -15.01 28.24
CA ALA B 376 -57.82 -15.85 29.26
C ALA B 376 -56.61 -16.58 28.70
N GLU B 377 -56.71 -17.06 27.46
CA GLU B 377 -55.58 -17.73 26.83
C GLU B 377 -54.42 -16.77 26.60
N ILE B 378 -54.70 -15.56 26.14
CA ILE B 378 -53.65 -14.59 25.87
C ILE B 378 -52.99 -14.15 27.17
N MET B 379 -53.77 -14.00 28.24
CA MET B 379 -53.19 -13.66 29.53
C MET B 379 -52.25 -14.77 30.02
N THR B 380 -52.61 -16.03 29.79
CA THR B 380 -51.73 -17.13 30.16
C THR B 380 -50.45 -17.10 29.35
N TYR B 381 -50.55 -16.83 28.04
CA TYR B 381 -49.37 -16.75 27.20
C TYR B 381 -48.48 -15.57 27.62
N ILE B 382 -49.08 -14.41 27.89
CA ILE B 382 -48.30 -13.24 28.26
C ILE B 382 -47.68 -13.42 29.64
N HIS B 383 -48.41 -14.07 30.56
CA HIS B 383 -47.86 -14.29 31.89
C HIS B 383 -46.66 -15.23 31.85
N THR B 384 -46.74 -16.31 31.08
CA THR B 384 -45.61 -17.22 30.95
C THR B 384 -44.43 -16.54 30.25
N MET B 385 -44.71 -15.60 29.34
CA MET B 385 -43.64 -14.87 28.67
C MET B 385 -42.99 -13.87 29.63
N ASP B 386 -43.80 -13.00 30.24
CA ASP B 386 -43.29 -11.99 31.17
C ASP B 386 -44.45 -11.53 32.03
N SER B 387 -44.40 -11.84 33.33
CA SER B 387 -45.48 -11.46 34.24
C SER B 387 -45.57 -9.95 34.41
N ASN B 388 -44.46 -9.23 34.27
CA ASN B 388 -44.47 -7.79 34.44
C ASN B 388 -45.33 -7.07 33.41
N ILE B 389 -45.59 -7.69 32.26
CA ILE B 389 -46.44 -7.06 31.25
C ILE B 389 -47.86 -6.92 31.76
N LEU B 390 -48.41 -7.99 32.35
CA LEU B 390 -49.76 -7.92 32.91
C LEU B 390 -49.79 -7.06 34.16
N GLU B 391 -48.73 -7.12 34.97
CA GLU B 391 -48.70 -6.36 36.22
C GLU B 391 -48.62 -4.86 35.96
N ASP B 392 -47.79 -4.43 35.01
CA ASP B 392 -47.65 -3.01 34.73
C ASP B 392 -48.91 -2.42 34.12
N TRP B 393 -49.72 -3.23 33.44
CA TRP B 393 -50.95 -2.69 32.86
C TRP B 393 -51.98 -2.36 33.91
N GLN B 394 -51.84 -2.86 35.13
CA GLN B 394 -52.66 -2.49 36.28
C GLN B 394 -54.15 -2.62 36.00
N PHE B 395 -54.76 -3.74 36.37
CA PHE B 395 -56.13 -4.00 35.99
C PHE B 395 -56.77 -5.16 36.77
N ASP B 430 -37.01 -3.30 36.23
CA ASP B 430 -36.54 -3.24 37.62
C ASP B 430 -35.12 -3.81 37.79
N PRO B 431 -34.84 -5.01 37.27
CA PRO B 431 -33.46 -5.53 37.37
C PRO B 431 -32.49 -4.82 36.45
N LEU B 432 -32.97 -4.02 35.50
CA LEU B 432 -32.11 -3.30 34.58
C LEU B 432 -31.48 -2.05 35.20
N ASN B 433 -31.81 -1.73 36.45
CA ASN B 433 -31.23 -0.54 37.08
C ASN B 433 -29.78 -0.75 37.53
N LYS B 434 -29.35 -2.01 37.67
CA LYS B 434 -27.95 -2.28 37.99
C LYS B 434 -27.03 -2.14 36.80
N TYR B 435 -27.57 -2.06 35.58
CA TYR B 435 -26.78 -1.91 34.37
C TYR B 435 -26.72 -0.45 33.95
N THR B 436 -25.77 -0.15 33.06
CA THR B 436 -25.53 1.20 32.59
C THR B 436 -26.04 1.34 31.16
N PHE B 437 -27.02 2.21 30.97
CA PHE B 437 -27.55 2.53 29.64
C PHE B 437 -27.62 4.04 29.49
N TRP B 438 -27.68 4.49 28.25
CA TRP B 438 -27.90 5.90 27.93
C TRP B 438 -29.40 6.12 27.83
N GLU B 439 -29.99 6.72 28.87
CA GLU B 439 -31.43 6.92 28.92
C GLU B 439 -31.84 8.00 27.94
N VAL B 440 -32.77 7.66 27.04
CA VAL B 440 -33.32 8.60 26.06
C VAL B 440 -34.81 8.68 26.35
N ASN B 441 -35.23 9.74 27.03
CA ASN B 441 -36.62 9.89 27.47
C ASN B 441 -37.42 10.55 26.36
N LEU B 442 -38.34 9.78 25.75
CA LEU B 442 -39.21 10.28 24.69
C LEU B 442 -40.67 10.36 25.14
N LYS B 443 -40.92 10.38 26.45
CA LYS B 443 -42.30 10.43 26.93
C LYS B 443 -43.00 11.72 26.51
N GLU B 444 -42.26 12.83 26.45
CA GLU B 444 -42.81 14.11 26.03
C GLU B 444 -42.33 14.52 24.63
N LYS B 445 -41.89 13.56 23.82
CA LYS B 445 -41.40 13.84 22.48
C LYS B 445 -42.23 13.21 21.37
N PHE B 446 -43.34 12.55 21.71
CA PHE B 446 -44.18 11.93 20.70
C PHE B 446 -45.05 12.97 20.00
N SER B 447 -45.19 12.82 18.68
CA SER B 447 -46.00 13.71 17.88
C SER B 447 -46.70 12.93 16.78
N ALA B 448 -47.99 13.20 16.58
CA ALA B 448 -48.76 12.53 15.55
C ALA B 448 -48.60 13.17 14.18
N ASP B 449 -47.92 14.31 14.08
CA ASP B 449 -47.72 15.01 12.82
C ASP B 449 -46.45 14.45 12.17
N LEU B 450 -46.62 13.40 11.36
CA LEU B 450 -45.47 12.73 10.78
C LEU B 450 -44.77 13.61 9.75
N ASP B 451 -45.54 14.33 8.93
CA ASP B 451 -44.98 15.12 7.85
C ASP B 451 -44.17 16.33 8.34
N GLN B 452 -44.13 16.59 9.64
CA GLN B 452 -43.37 17.69 10.19
C GLN B 452 -41.94 17.30 10.59
N PHE B 453 -41.53 16.08 10.26
CA PHE B 453 -40.22 15.57 10.67
C PHE B 453 -39.61 14.77 9.53
N PRO B 454 -38.27 14.67 9.48
CA PRO B 454 -37.62 13.97 8.36
C PRO B 454 -38.02 12.51 8.24
N LEU B 455 -37.82 11.73 9.30
CA LEU B 455 -38.16 10.31 9.24
C LEU B 455 -39.66 10.11 9.04
N GLY B 456 -40.49 11.02 9.55
CA GLY B 456 -41.91 10.93 9.32
C GLY B 456 -42.28 11.06 7.85
N ARG B 457 -41.69 12.05 7.18
CA ARG B 457 -41.92 12.22 5.75
C ARG B 457 -41.43 11.01 4.96
N LYS B 458 -40.26 10.47 5.32
CA LYS B 458 -39.76 9.28 4.66
C LYS B 458 -40.69 8.10 4.88
N PHE B 459 -41.29 7.99 6.07
CA PHE B 459 -42.21 6.90 6.33
C PHE B 459 -43.50 7.05 5.54
N LEU B 460 -44.00 8.28 5.39
CA LEU B 460 -45.21 8.49 4.61
C LEU B 460 -44.97 8.15 3.13
N LEU B 461 -43.77 8.43 2.63
CA LEU B 461 -43.44 8.04 1.27
C LEU B 461 -43.30 6.53 1.14
N GLN B 462 -42.75 5.87 2.16
CA GLN B 462 -42.53 4.44 2.10
C GLN B 462 -43.84 3.68 2.08
N SER B 463 -44.73 3.97 3.02
CA SER B 463 -45.99 3.24 3.13
C SER B 463 -47.05 3.72 2.16
N GLY B 464 -46.79 4.80 1.42
CA GLY B 464 -47.77 5.35 0.51
C GLY B 464 -48.88 6.15 1.16
N LEU B 465 -48.75 6.48 2.44
CA LEU B 465 -49.76 7.26 3.14
C LEU B 465 -49.63 8.74 2.84
N LYS C 12 -16.95 -13.14 -50.14
CA LYS C 12 -16.04 -14.28 -50.30
C LYS C 12 -16.28 -15.33 -49.21
N VAL C 13 -16.06 -14.94 -47.97
CA VAL C 13 -16.20 -15.82 -46.82
C VAL C 13 -17.61 -15.70 -46.26
N VAL C 14 -18.21 -16.83 -45.93
CA VAL C 14 -19.55 -16.87 -45.36
C VAL C 14 -19.49 -17.62 -44.02
N SER C 15 -20.52 -17.39 -43.20
CA SER C 15 -20.60 -18.04 -41.90
C SER C 15 -20.86 -19.53 -42.07
N THR C 16 -20.32 -20.32 -41.13
CA THR C 16 -20.52 -21.76 -41.15
C THR C 16 -21.97 -22.16 -40.92
N ASP C 17 -22.79 -21.27 -40.35
CA ASP C 17 -24.20 -21.58 -40.15
C ASP C 17 -24.98 -21.72 -41.45
N GLU C 18 -24.40 -21.29 -42.58
CA GLU C 18 -25.10 -21.34 -43.85
C GLU C 18 -24.82 -22.62 -44.64
N TYR C 19 -23.77 -23.37 -44.30
CA TYR C 19 -23.46 -24.58 -45.06
C TYR C 19 -23.11 -25.76 -44.16
N VAL C 20 -23.27 -25.65 -42.84
CA VAL C 20 -23.05 -26.74 -41.91
C VAL C 20 -24.34 -26.98 -41.14
N SER C 21 -24.91 -28.16 -41.29
CA SER C 21 -26.19 -28.50 -40.67
C SER C 21 -25.98 -29.12 -39.30
N ARG C 22 -26.65 -28.58 -38.30
CA ARG C 22 -26.55 -29.09 -36.93
C ARG C 22 -27.52 -30.25 -36.73
N THR C 23 -27.08 -31.24 -35.96
CA THR C 23 -27.89 -32.39 -35.62
C THR C 23 -28.21 -32.38 -34.13
N SER C 24 -29.08 -33.31 -33.73
CA SER C 24 -29.47 -33.47 -32.33
C SER C 24 -28.58 -34.47 -31.58
N ILE C 25 -27.45 -34.86 -32.17
CA ILE C 25 -26.53 -35.82 -31.56
C ILE C 25 -25.44 -35.05 -30.84
N TYR C 26 -25.27 -35.33 -29.55
CA TYR C 26 -24.26 -34.70 -28.73
C TYR C 26 -23.38 -35.76 -28.08
N TYR C 27 -22.11 -35.41 -27.86
CA TYR C 27 -21.15 -36.31 -27.25
C TYR C 27 -20.31 -35.56 -26.23
N TYR C 28 -19.97 -36.24 -25.14
CA TYR C 28 -19.06 -35.72 -24.14
C TYR C 28 -17.68 -36.33 -24.35
N ALA C 29 -16.65 -35.53 -24.06
CA ALA C 29 -15.27 -35.99 -24.13
C ALA C 29 -14.53 -35.40 -22.94
N GLY C 30 -13.98 -36.27 -22.10
CA GLY C 30 -13.28 -35.83 -20.91
C GLY C 30 -11.88 -36.40 -20.79
N SER C 31 -10.89 -35.51 -20.68
CA SER C 31 -9.53 -35.93 -20.43
C SER C 31 -9.36 -36.31 -18.96
N SER C 32 -8.42 -37.23 -18.71
CA SER C 32 -8.11 -37.67 -17.37
C SER C 32 -7.32 -36.61 -16.62
N ARG C 33 -6.59 -37.01 -15.58
CA ARG C 33 -5.81 -36.07 -14.79
C ARG C 33 -4.54 -35.73 -15.53
N LEU C 34 -4.31 -34.44 -15.77
CA LEU C 34 -3.10 -33.97 -16.44
C LEU C 34 -2.19 -33.31 -15.42
N LEU C 35 -0.95 -33.79 -15.34
CA LEU C 35 0.02 -33.29 -14.39
C LEU C 35 1.29 -32.86 -15.10
N ALA C 36 1.91 -31.80 -14.60
CA ALA C 36 3.21 -31.36 -15.08
C ALA C 36 4.04 -30.96 -13.87
N VAL C 37 5.20 -31.60 -13.70
CA VAL C 37 6.06 -31.36 -12.55
C VAL C 37 7.47 -31.08 -13.06
N GLY C 38 8.05 -29.96 -12.62
CA GLY C 38 9.39 -29.63 -13.04
C GLY C 38 9.91 -28.42 -12.27
N ASN C 39 11.04 -27.91 -12.77
CA ASN C 39 11.70 -26.74 -12.20
C ASN C 39 11.12 -25.48 -12.83
N PRO C 40 10.66 -24.51 -12.03
CA PRO C 40 9.99 -23.32 -12.61
C PRO C 40 10.92 -22.35 -13.31
N TYR C 41 12.25 -22.48 -13.13
CA TYR C 41 13.19 -21.51 -13.67
C TYR C 41 13.91 -22.00 -14.92
N PHE C 42 14.24 -23.29 -14.99
CA PHE C 42 14.99 -23.82 -16.12
C PHE C 42 14.83 -25.33 -16.15
N SER C 43 15.02 -25.90 -17.34
CA SER C 43 14.98 -27.35 -17.48
C SER C 43 16.34 -27.94 -17.15
N ILE C 44 16.31 -29.16 -16.62
CA ILE C 44 17.52 -29.89 -16.26
C ILE C 44 17.66 -31.06 -17.21
N LYS C 45 18.74 -31.07 -17.98
CA LYS C 45 19.04 -32.13 -18.92
C LYS C 45 20.02 -33.13 -18.30
N SER C 46 20.36 -34.14 -19.08
CA SER C 46 21.30 -35.20 -18.74
C SER C 46 22.71 -34.76 -19.11
N PRO C 47 23.68 -34.98 -18.21
CA PRO C 47 25.10 -34.74 -18.54
C PRO C 47 25.50 -35.15 -19.95
N ASN C 48 24.87 -36.19 -20.50
CA ASN C 48 25.14 -36.63 -21.86
C ASN C 48 24.06 -36.14 -22.81
N ASN C 49 24.41 -36.09 -24.10
CA ASN C 49 23.56 -35.58 -25.18
C ASN C 49 23.24 -34.10 -25.06
N ASN C 50 23.01 -33.61 -23.84
CA ASN C 50 22.66 -32.21 -23.59
C ASN C 50 21.38 -31.83 -24.33
N LYS C 51 20.57 -32.84 -24.65
CA LYS C 51 19.31 -32.73 -25.36
C LYS C 51 18.20 -33.56 -24.75
N LYS C 52 18.50 -34.62 -24.03
CA LYS C 52 17.49 -35.36 -23.30
C LYS C 52 17.23 -34.62 -22.00
N VAL C 53 15.95 -34.44 -21.66
CA VAL C 53 15.57 -33.63 -20.51
C VAL C 53 15.14 -34.56 -19.39
N LEU C 54 15.82 -34.43 -18.24
CA LEU C 54 15.48 -35.19 -17.05
C LEU C 54 14.40 -34.50 -16.24
N VAL C 55 14.55 -33.20 -16.01
CA VAL C 55 13.57 -32.38 -15.29
C VAL C 55 13.11 -31.27 -16.22
N PRO C 56 11.86 -31.28 -16.68
CA PRO C 56 11.40 -30.23 -17.60
C PRO C 56 11.16 -28.92 -16.85
N LYS C 57 10.99 -27.86 -17.64
CA LYS C 57 10.69 -26.53 -17.10
C LYS C 57 9.17 -26.36 -17.04
N VAL C 58 8.64 -26.33 -15.82
CA VAL C 58 7.20 -26.18 -15.59
C VAL C 58 7.02 -24.93 -14.73
N SER C 59 6.45 -23.88 -15.31
CA SER C 59 6.30 -22.60 -14.63
C SER C 59 4.90 -22.05 -14.88
N GLY C 60 4.37 -21.34 -13.88
CA GLY C 60 3.08 -20.71 -14.00
C GLY C 60 3.01 -19.59 -15.02
N LEU C 61 4.15 -19.12 -15.51
CA LEU C 61 4.22 -18.08 -16.53
C LEU C 61 4.33 -18.65 -17.94
N GLN C 62 4.03 -19.92 -18.12
CA GLN C 62 4.14 -20.60 -19.40
C GLN C 62 2.78 -20.74 -20.07
N TYR C 63 2.78 -20.73 -21.39
CA TYR C 63 1.59 -21.09 -22.15
C TYR C 63 1.35 -22.58 -22.08
N ARG C 64 0.07 -22.97 -21.97
CA ARG C 64 -0.33 -24.37 -22.08
C ARG C 64 -1.17 -24.49 -23.35
N VAL C 65 -0.58 -25.07 -24.38
CA VAL C 65 -1.21 -25.19 -25.69
C VAL C 65 -1.54 -26.67 -25.89
N PHE C 66 -2.78 -27.04 -25.60
CA PHE C 66 -3.24 -28.42 -25.75
C PHE C 66 -3.73 -28.65 -27.18
N ARG C 67 -3.16 -29.64 -27.86
CA ARG C 67 -3.64 -30.08 -29.16
C ARG C 67 -4.51 -31.30 -28.93
N VAL C 68 -5.82 -31.09 -28.94
CA VAL C 68 -6.79 -32.16 -28.64
C VAL C 68 -7.10 -32.91 -29.92
N ARG C 69 -6.85 -34.23 -29.90
CA ARG C 69 -7.14 -35.09 -31.03
C ARG C 69 -8.53 -35.69 -30.88
N LEU C 70 -9.39 -35.47 -31.88
CA LEU C 70 -10.74 -36.00 -31.87
C LEU C 70 -10.86 -37.18 -32.82
N PRO C 71 -11.73 -38.14 -32.52
CA PRO C 71 -11.93 -39.26 -33.44
C PRO C 71 -12.64 -38.82 -34.70
N ASP C 72 -12.28 -39.46 -35.81
CA ASP C 72 -12.88 -39.16 -37.10
C ASP C 72 -14.35 -39.55 -37.09
N PRO C 73 -15.29 -38.60 -37.20
CA PRO C 73 -16.71 -38.98 -37.19
C PRO C 73 -17.13 -39.78 -38.41
N ASN C 74 -16.44 -39.61 -39.55
CA ASN C 74 -16.74 -40.40 -40.73
C ASN C 74 -16.29 -41.84 -40.61
N LYS C 75 -15.45 -42.16 -39.62
CA LYS C 75 -15.03 -43.53 -39.34
C LYS C 75 -15.43 -43.96 -37.93
N PHE C 76 -16.37 -43.25 -37.31
CA PHE C 76 -16.77 -43.52 -35.95
C PHE C 76 -17.91 -44.53 -35.92
N GLY C 77 -17.89 -45.39 -34.90
CA GLY C 77 -18.89 -46.44 -34.76
C GLY C 77 -20.18 -45.97 -34.11
N PHE C 78 -21.06 -45.33 -34.87
CA PHE C 78 -22.34 -44.90 -34.33
C PHE C 78 -23.32 -46.08 -34.29
N PRO C 79 -24.23 -46.08 -33.31
CA PRO C 79 -25.22 -47.18 -33.23
C PRO C 79 -26.24 -47.14 -34.34
N ASP C 80 -26.51 -45.98 -34.93
CA ASP C 80 -27.46 -45.86 -36.03
C ASP C 80 -26.97 -44.77 -36.97
N THR C 81 -26.73 -45.13 -38.22
CA THR C 81 -26.19 -44.20 -39.22
C THR C 81 -27.24 -43.77 -40.23
N SER C 82 -28.51 -43.80 -39.84
CA SER C 82 -29.59 -43.40 -40.74
C SER C 82 -29.85 -41.90 -40.73
N PHE C 83 -28.99 -41.12 -40.06
CA PHE C 83 -29.16 -39.67 -40.01
C PHE C 83 -28.41 -38.93 -41.10
N TYR C 84 -27.57 -39.61 -41.89
CA TYR C 84 -26.83 -38.93 -42.93
C TYR C 84 -26.54 -39.89 -44.08
N ASN C 85 -26.15 -39.31 -45.21
CA ASN C 85 -25.87 -40.07 -46.43
C ASN C 85 -24.39 -39.97 -46.76
N PRO C 86 -23.61 -41.05 -46.62
CA PRO C 86 -22.17 -40.96 -46.89
C PRO C 86 -21.82 -40.73 -48.36
N ASP C 87 -22.78 -40.85 -49.28
CA ASP C 87 -22.49 -40.63 -50.69
C ASP C 87 -22.34 -39.15 -51.03
N THR C 88 -23.11 -38.28 -50.36
CA THR C 88 -23.09 -36.86 -50.66
C THR C 88 -22.80 -35.99 -49.44
N GLN C 89 -22.57 -36.57 -48.26
CA GLN C 89 -22.38 -35.80 -47.05
C GLN C 89 -21.17 -36.32 -46.28
N ARG C 90 -20.54 -35.43 -45.53
CA ARG C 90 -19.43 -35.77 -44.65
C ARG C 90 -19.70 -35.23 -43.26
N LEU C 91 -19.04 -35.80 -42.27
CA LEU C 91 -19.25 -35.46 -40.87
C LEU C 91 -18.06 -34.70 -40.30
N VAL C 92 -18.35 -33.86 -39.30
CA VAL C 92 -17.32 -33.10 -38.61
C VAL C 92 -17.89 -32.70 -37.25
N TRP C 93 -17.01 -32.60 -36.25
CA TRP C 93 -17.42 -32.24 -34.90
C TRP C 93 -17.45 -30.73 -34.72
N ALA C 94 -18.37 -30.29 -33.86
CA ALA C 94 -18.49 -28.87 -33.51
C ALA C 94 -18.49 -28.75 -31.99
N CYS C 95 -17.65 -27.85 -31.47
CA CYS C 95 -17.52 -27.66 -30.03
C CYS C 95 -18.58 -26.68 -29.54
N VAL C 96 -19.45 -27.15 -28.66
CA VAL C 96 -20.49 -26.32 -28.08
C VAL C 96 -20.33 -26.12 -26.58
N GLY C 97 -19.58 -26.97 -25.89
CA GLY C 97 -19.39 -26.82 -24.46
C GLY C 97 -17.95 -27.08 -24.05
N LEU C 98 -17.45 -26.29 -23.09
CA LEU C 98 -16.07 -26.40 -22.66
C LEU C 98 -15.94 -25.92 -21.23
N GLU C 99 -15.18 -26.68 -20.43
CA GLU C 99 -14.81 -26.27 -19.08
C GLU C 99 -13.38 -26.72 -18.83
N ILE C 100 -12.52 -25.78 -18.48
CA ILE C 100 -11.11 -26.05 -18.23
C ILE C 100 -10.94 -26.21 -16.72
N GLY C 101 -10.82 -27.45 -16.27
CA GLY C 101 -10.63 -27.72 -14.85
C GLY C 101 -9.20 -27.45 -14.43
N ARG C 102 -9.05 -26.78 -13.29
CA ARG C 102 -7.76 -26.41 -12.75
C ARG C 102 -7.62 -26.91 -11.32
N GLY C 103 -6.55 -27.68 -11.07
CA GLY C 103 -6.27 -28.19 -9.74
C GLY C 103 -5.26 -27.32 -9.01
N GLN C 104 -4.86 -27.79 -7.83
CA GLN C 104 -3.93 -27.11 -6.92
C GLN C 104 -4.55 -25.83 -6.36
N PRO C 105 -4.10 -25.38 -5.19
CA PRO C 105 -4.65 -24.16 -4.60
C PRO C 105 -4.16 -22.90 -5.31
N LEU C 106 -4.88 -21.81 -5.08
CA LEU C 106 -4.46 -20.52 -5.59
C LEU C 106 -3.20 -20.05 -4.87
N GLY C 107 -2.32 -19.39 -5.61
CA GLY C 107 -1.09 -18.90 -5.01
C GLY C 107 -0.25 -18.18 -6.04
N VAL C 108 0.79 -17.52 -5.54
CA VAL C 108 1.69 -16.73 -6.35
C VAL C 108 3.11 -17.19 -6.11
N GLY C 109 3.86 -17.42 -7.19
CA GLY C 109 5.27 -17.73 -7.10
C GLY C 109 6.13 -16.54 -7.49
N VAL C 110 7.42 -16.66 -7.18
CA VAL C 110 8.36 -15.59 -7.41
C VAL C 110 9.54 -16.10 -8.23
N SER C 111 10.15 -15.19 -8.98
CA SER C 111 11.33 -15.48 -9.78
C SER C 111 12.33 -14.35 -9.61
N GLY C 112 13.60 -14.67 -9.77
CA GLY C 112 14.63 -13.68 -9.55
C GLY C 112 15.89 -14.02 -10.32
N HIS C 113 16.97 -13.30 -9.97
CA HIS C 113 18.25 -13.45 -10.63
C HIS C 113 19.34 -13.26 -9.58
N PRO C 114 20.27 -14.21 -9.44
CA PRO C 114 21.37 -14.01 -8.48
C PRO C 114 22.33 -12.92 -8.89
N TYR C 115 22.33 -12.53 -10.17
CA TYR C 115 23.15 -11.42 -10.67
C TYR C 115 22.26 -10.45 -11.44
N LEU C 116 21.21 -9.96 -10.78
CA LEU C 116 20.32 -9.02 -11.43
C LEU C 116 20.99 -7.66 -11.57
N ASN C 117 20.87 -7.06 -12.76
CA ASN C 117 21.52 -5.79 -13.07
C ASN C 117 20.74 -4.65 -12.42
N LYS C 118 20.91 -4.52 -11.10
CA LYS C 118 20.32 -3.44 -10.33
C LYS C 118 21.45 -2.63 -9.70
N PHE C 119 21.37 -1.30 -9.83
CA PHE C 119 22.38 -0.43 -9.24
C PHE C 119 21.87 0.23 -7.97
N ASP C 120 20.98 1.21 -8.11
CA ASP C 120 20.47 1.96 -6.98
C ASP C 120 18.96 1.94 -6.95
N ASP C 121 18.40 2.08 -5.74
CA ASP C 121 16.97 2.26 -5.55
C ASP C 121 16.64 3.74 -5.81
N THR C 122 15.94 4.02 -6.89
CA THR C 122 15.68 5.38 -7.34
C THR C 122 14.30 5.88 -6.94
N GLU C 123 13.73 5.33 -5.86
CA GLU C 123 12.37 5.70 -5.48
C GLU C 123 12.32 6.90 -4.55
N THR C 124 13.23 6.97 -3.56
CA THR C 124 13.16 8.04 -2.58
C THR C 124 14.49 8.78 -2.44
N SER C 125 15.57 8.04 -2.24
CA SER C 125 16.87 8.65 -1.97
C SER C 125 17.93 7.96 -2.83
N ASN C 126 18.61 8.75 -3.67
CA ASN C 126 19.71 8.29 -4.51
C ASN C 126 20.58 9.52 -4.75
N ARG C 127 21.22 9.97 -3.68
CA ARG C 127 22.01 11.19 -3.69
C ARG C 127 23.36 10.97 -4.38
N TYR C 128 24.04 12.07 -4.66
CA TYR C 128 25.35 12.19 -5.30
C TYR C 128 26.46 12.32 -4.27
N PRO C 129 27.70 11.90 -4.61
CA PRO C 129 28.02 11.32 -5.92
C PRO C 129 27.78 9.81 -5.96
N ALA C 130 27.95 9.23 -7.14
CA ALA C 130 27.80 7.79 -7.34
C ALA C 130 29.12 7.26 -7.89
N GLN C 131 29.65 6.22 -7.24
CA GLN C 131 30.88 5.57 -7.72
C GLN C 131 30.54 4.12 -8.01
N PRO C 132 30.21 3.79 -9.25
CA PRO C 132 29.94 2.40 -9.60
C PRO C 132 31.21 1.56 -9.62
N GLY C 133 31.00 0.25 -9.73
CA GLY C 133 32.06 -0.71 -9.85
C GLY C 133 32.08 -1.34 -11.23
N SER C 134 32.73 -2.49 -11.31
CA SER C 134 32.70 -3.26 -12.55
C SER C 134 31.65 -4.37 -12.52
N ASP C 135 31.26 -4.82 -11.33
CA ASP C 135 30.19 -5.82 -11.18
C ASP C 135 29.40 -5.43 -9.93
N ASN C 136 28.26 -4.77 -10.12
CA ASN C 136 27.39 -4.38 -9.02
C ASN C 136 26.05 -5.09 -9.06
N ARG C 137 25.99 -6.26 -9.71
CA ARG C 137 24.75 -7.02 -9.76
C ARG C 137 24.39 -7.56 -8.40
N GLU C 138 23.08 -7.72 -8.17
CA GLU C 138 22.56 -8.15 -6.88
C GLU C 138 21.65 -9.35 -7.07
N CYS C 139 21.48 -10.11 -5.99
CA CYS C 139 20.63 -11.30 -5.99
C CYS C 139 19.24 -10.88 -5.51
N LEU C 140 18.34 -10.60 -6.45
CA LEU C 140 17.02 -10.08 -6.14
C LEU C 140 15.95 -10.98 -6.74
N SER C 141 14.72 -10.77 -6.30
CA SER C 141 13.59 -11.51 -6.81
C SER C 141 12.37 -10.61 -6.84
N MET C 142 11.31 -11.12 -7.46
CA MET C 142 10.06 -10.37 -7.62
C MET C 142 8.98 -11.36 -8.01
N ASP C 143 7.73 -10.90 -7.92
CA ASP C 143 6.58 -11.66 -8.41
C ASP C 143 6.03 -10.98 -9.65
N TYR C 144 5.73 -11.78 -10.67
CA TYR C 144 5.46 -11.25 -11.99
C TYR C 144 4.04 -10.69 -12.11
N LYS C 145 3.79 -10.10 -13.28
CA LYS C 145 2.45 -9.63 -13.63
C LYS C 145 1.48 -10.81 -13.67
N GLN C 146 0.28 -10.59 -13.13
CA GLN C 146 -0.74 -11.62 -13.10
C GLN C 146 -1.48 -11.65 -14.44
N THR C 147 -1.61 -12.85 -15.01
CA THR C 147 -2.25 -13.01 -16.32
C THR C 147 -3.07 -14.29 -16.33
N GLN C 148 -4.35 -14.16 -16.66
CA GLN C 148 -5.22 -15.29 -16.95
C GLN C 148 -5.76 -15.12 -18.37
N LEU C 149 -5.80 -16.22 -19.11
CA LEU C 149 -6.35 -16.19 -20.46
C LEU C 149 -6.61 -17.60 -20.94
N CYS C 150 -7.58 -17.73 -21.84
CA CYS C 150 -7.86 -19.00 -22.50
C CYS C 150 -8.35 -18.72 -23.91
N LEU C 151 -7.73 -19.38 -24.89
CA LEU C 151 -8.12 -19.28 -26.29
C LEU C 151 -8.51 -20.66 -26.80
N ILE C 152 -9.63 -20.75 -27.50
CA ILE C 152 -10.12 -21.99 -28.05
C ILE C 152 -10.32 -21.82 -29.56
N GLY C 153 -9.79 -22.76 -30.34
CA GLY C 153 -9.93 -22.71 -31.78
C GLY C 153 -9.41 -23.97 -32.41
N CYS C 154 -9.64 -24.08 -33.72
CA CYS C 154 -9.16 -25.21 -34.52
C CYS C 154 -7.82 -24.93 -35.18
N LYS C 155 -7.19 -23.82 -34.86
CA LYS C 155 -5.90 -23.41 -35.40
C LYS C 155 -5.00 -22.96 -34.25
N PRO C 156 -3.71 -23.32 -34.29
CA PRO C 156 -2.82 -22.89 -33.21
C PRO C 156 -2.79 -21.38 -33.12
N PRO C 157 -2.61 -20.84 -31.92
CA PRO C 157 -2.68 -19.38 -31.75
C PRO C 157 -1.47 -18.67 -32.32
N THR C 158 -1.68 -17.41 -32.66
CA THR C 158 -0.64 -16.56 -33.23
C THR C 158 -0.23 -15.52 -32.20
N GLY C 159 1.05 -15.53 -31.83
CA GLY C 159 1.54 -14.58 -30.86
C GLY C 159 2.53 -13.59 -31.44
N GLU C 160 2.71 -12.46 -30.77
CA GLU C 160 3.62 -11.42 -31.21
C GLU C 160 4.71 -11.18 -30.18
N HIS C 161 5.90 -10.85 -30.66
CA HIS C 161 7.02 -10.52 -29.79
C HIS C 161 8.03 -9.70 -30.57
N TRP C 162 8.73 -8.82 -29.85
CA TRP C 162 9.72 -7.95 -30.46
C TRP C 162 11.08 -8.63 -30.44
N GLY C 163 11.74 -8.66 -31.61
CA GLY C 163 13.06 -9.24 -31.73
C GLY C 163 13.99 -8.32 -32.50
N LYS C 164 15.25 -8.75 -32.58
CA LYS C 164 16.26 -8.00 -33.31
C LYS C 164 16.04 -8.17 -34.81
N GLY C 165 15.73 -7.07 -35.49
CA GLY C 165 15.55 -7.10 -36.93
C GLY C 165 16.83 -6.73 -37.66
N VAL C 166 16.67 -6.40 -38.94
CA VAL C 166 17.77 -5.93 -39.77
C VAL C 166 17.35 -4.60 -40.39
N ALA C 167 18.20 -3.58 -40.26
CA ALA C 167 17.88 -2.24 -40.73
C ALA C 167 19.05 -1.29 -40.54
N SER C 168 19.38 -0.52 -41.56
CA SER C 168 20.43 0.50 -41.51
C SER C 168 21.76 -0.05 -41.01
N ALA C 174 24.01 7.75 -36.73
CA ALA C 174 23.26 6.62 -36.21
C ALA C 174 23.71 6.24 -34.81
N THR C 175 22.89 5.45 -34.12
CA THR C 175 23.16 4.94 -32.79
C THR C 175 23.28 3.42 -32.85
N ASP C 176 23.95 2.86 -31.85
CA ASP C 176 24.14 1.41 -31.78
C ASP C 176 22.99 0.69 -31.09
N CYS C 177 21.86 1.34 -30.88
CA CYS C 177 20.71 0.65 -30.33
C CYS C 177 20.23 -0.39 -31.35
N PRO C 178 19.93 -1.61 -30.93
CA PRO C 178 19.54 -2.64 -31.89
C PRO C 178 18.18 -2.34 -32.52
N PRO C 179 18.02 -2.59 -33.81
CA PRO C 179 16.72 -2.35 -34.45
C PRO C 179 15.68 -3.34 -33.99
N LEU C 180 14.47 -2.85 -33.74
CA LEU C 180 13.37 -3.67 -33.25
C LEU C 180 12.45 -4.03 -34.40
N GLU C 181 12.04 -5.31 -34.43
CA GLU C 181 11.11 -5.82 -35.42
C GLU C 181 10.03 -6.62 -34.72
N LEU C 182 8.78 -6.43 -35.14
CA LEU C 182 7.64 -7.13 -34.56
C LEU C 182 7.46 -8.45 -35.31
N PHE C 183 7.65 -9.55 -34.59
CA PHE C 183 7.58 -10.89 -35.18
C PHE C 183 6.30 -11.58 -34.75
N ASN C 184 5.69 -12.29 -35.68
CA ASN C 184 4.58 -13.19 -35.40
C ASN C 184 5.07 -14.63 -35.42
N SER C 185 4.50 -15.46 -34.54
CA SER C 185 4.93 -16.85 -34.43
C SER C 185 3.80 -17.65 -33.81
N ILE C 186 3.86 -18.96 -34.03
CA ILE C 186 2.88 -19.88 -33.45
C ILE C 186 3.25 -20.11 -31.99
N ILE C 187 2.29 -19.86 -31.09
CA ILE C 187 2.51 -20.05 -29.66
C ILE C 187 2.54 -21.55 -29.38
N GLU C 188 3.69 -22.06 -28.96
CA GLU C 188 3.87 -23.47 -28.65
C GLU C 188 3.75 -23.70 -27.15
N ASP C 189 3.44 -24.94 -26.79
CA ASP C 189 3.35 -25.31 -25.38
C ASP C 189 4.71 -25.14 -24.72
N GLY C 190 4.74 -24.33 -23.65
CA GLY C 190 5.97 -24.05 -22.93
C GLY C 190 6.54 -22.67 -23.16
N ASP C 191 6.05 -21.94 -24.16
CA ASP C 191 6.51 -20.57 -24.38
C ASP C 191 6.16 -19.69 -23.19
N MET C 192 7.01 -18.71 -22.93
CA MET C 192 6.82 -17.83 -21.79
C MET C 192 5.87 -16.70 -22.14
N VAL C 193 4.93 -16.40 -21.23
CA VAL C 193 4.05 -15.26 -21.40
C VAL C 193 4.74 -14.01 -20.88
N ASP C 194 4.21 -12.85 -21.27
CA ASP C 194 4.77 -11.59 -20.80
C ASP C 194 4.65 -11.51 -19.28
N THR C 195 5.68 -10.97 -18.64
CA THR C 195 5.79 -10.98 -17.19
C THR C 195 5.77 -9.57 -16.60
N GLY C 196 5.56 -8.55 -17.42
CA GLY C 196 5.67 -7.17 -17.00
C GLY C 196 6.85 -6.44 -17.59
N PHE C 197 7.78 -7.15 -18.22
CA PHE C 197 8.89 -6.55 -18.94
C PHE C 197 8.63 -6.46 -20.44
N GLY C 198 7.43 -6.80 -20.89
CA GLY C 198 7.09 -6.76 -22.29
C GLY C 198 7.20 -8.12 -22.96
N CYS C 199 6.74 -8.18 -24.19
CA CYS C 199 6.81 -9.38 -25.03
C CYS C 199 7.97 -9.19 -26.01
N MET C 200 9.14 -9.69 -25.63
CA MET C 200 10.34 -9.48 -26.43
C MET C 200 11.27 -10.68 -26.31
N ASP C 201 12.26 -10.72 -27.19
CA ASP C 201 13.30 -11.75 -27.17
C ASP C 201 14.43 -11.27 -26.28
N PHE C 202 14.42 -11.68 -25.01
CA PHE C 202 15.45 -11.26 -24.08
C PHE C 202 16.82 -11.86 -24.42
N GLY C 203 16.83 -13.01 -25.09
CA GLY C 203 18.10 -13.63 -25.42
C GLY C 203 18.93 -12.84 -26.42
N THR C 204 18.27 -12.13 -27.34
CA THR C 204 18.96 -11.37 -28.37
C THR C 204 18.99 -9.87 -28.10
N LEU C 205 18.02 -9.34 -27.36
CA LEU C 205 17.93 -7.91 -27.12
C LEU C 205 18.58 -7.47 -25.81
N GLN C 206 18.87 -8.40 -24.90
CA GLN C 206 19.58 -8.10 -23.65
C GLN C 206 20.75 -9.06 -23.58
N ALA C 207 21.92 -8.60 -24.04
CA ALA C 207 23.07 -9.49 -24.20
C ALA C 207 23.71 -9.87 -22.87
N ASN C 208 23.54 -9.06 -21.83
CA ASN C 208 24.22 -9.32 -20.56
C ASN C 208 23.57 -10.42 -19.74
N LYS C 209 22.40 -10.92 -20.16
CA LYS C 209 21.70 -12.02 -19.49
C LYS C 209 21.41 -11.70 -18.03
N SER C 210 21.32 -10.42 -17.67
CA SER C 210 21.18 -10.06 -16.26
C SER C 210 20.17 -8.95 -16.02
N ASP C 211 19.42 -8.52 -17.03
CA ASP C 211 18.44 -7.45 -16.85
C ASP C 211 17.08 -7.96 -16.39
N VAL C 212 16.78 -9.22 -16.64
CA VAL C 212 15.52 -9.83 -16.19
C VAL C 212 15.85 -11.17 -15.55
N PRO C 213 14.95 -11.69 -14.71
CA PRO C 213 15.24 -12.95 -14.00
C PRO C 213 15.53 -14.09 -14.96
N ILE C 214 16.10 -15.15 -14.41
CA ILE C 214 16.71 -16.21 -15.21
C ILE C 214 15.69 -17.03 -15.99
N ASP C 215 14.42 -17.02 -15.58
CA ASP C 215 13.41 -17.82 -16.26
C ASP C 215 12.93 -17.20 -17.57
N ILE C 216 13.39 -16.01 -17.92
CA ILE C 216 12.98 -15.37 -19.16
C ILE C 216 14.19 -14.70 -19.83
N CYS C 217 15.32 -14.67 -19.13
CA CYS C 217 16.49 -13.95 -19.63
C CYS C 217 17.08 -14.58 -20.89
N ASN C 218 16.86 -15.88 -21.10
CA ASN C 218 17.30 -16.55 -22.31
C ASN C 218 16.13 -17.18 -23.06
N SER C 219 14.94 -16.61 -22.88
CA SER C 219 13.72 -17.10 -23.51
C SER C 219 13.03 -15.94 -24.21
N THR C 220 11.93 -16.23 -24.90
CA THR C 220 11.14 -15.24 -25.61
C THR C 220 9.74 -15.19 -25.01
N CYS C 221 9.33 -14.00 -24.57
CA CYS C 221 7.99 -13.79 -24.04
C CYS C 221 7.06 -13.39 -25.18
N LYS C 222 5.95 -14.11 -25.29
CA LYS C 222 5.00 -13.91 -26.37
C LYS C 222 3.66 -13.42 -25.81
N TYR C 223 3.03 -12.50 -26.53
CA TYR C 223 1.70 -12.01 -26.23
C TYR C 223 0.76 -12.35 -27.39
N PRO C 224 -0.46 -12.81 -27.09
CA PRO C 224 -1.37 -13.21 -28.17
C PRO C 224 -1.72 -12.02 -29.06
N ASP C 225 -1.52 -12.21 -30.37
CA ASP C 225 -1.87 -11.19 -31.35
C ASP C 225 -3.38 -11.26 -31.57
N TYR C 226 -4.11 -10.67 -30.63
CA TYR C 226 -5.57 -10.72 -30.68
C TYR C 226 -6.10 -10.05 -31.94
N LEU C 227 -5.45 -8.98 -32.40
CA LEU C 227 -5.92 -8.27 -33.57
C LEU C 227 -5.80 -9.11 -34.83
N LYS C 228 -4.66 -9.78 -35.02
CA LYS C 228 -4.46 -10.60 -36.21
C LYS C 228 -5.41 -11.80 -36.21
N MET C 229 -5.56 -12.47 -35.07
CA MET C 229 -6.44 -13.64 -35.00
C MET C 229 -7.90 -13.25 -35.14
N ALA C 230 -8.26 -12.02 -34.78
CA ALA C 230 -9.63 -11.56 -34.94
C ALA C 230 -9.92 -11.10 -36.36
N SER C 231 -8.91 -10.59 -37.07
CA SER C 231 -9.09 -10.05 -38.40
C SER C 231 -8.86 -11.08 -39.50
N GLU C 232 -8.52 -12.32 -39.16
CA GLU C 232 -8.36 -13.35 -40.18
C GLU C 232 -9.73 -13.68 -40.79
N PRO C 233 -9.76 -14.02 -42.08
CA PRO C 233 -11.05 -14.09 -42.77
C PRO C 233 -11.98 -15.18 -42.26
N TYR C 234 -11.49 -16.41 -42.11
CA TYR C 234 -12.36 -17.51 -41.71
C TYR C 234 -12.59 -17.56 -40.21
N GLY C 235 -11.73 -16.94 -39.41
CA GLY C 235 -11.91 -16.95 -37.97
C GLY C 235 -11.67 -18.30 -37.33
N ASP C 236 -10.65 -19.03 -37.80
CA ASP C 236 -10.34 -20.35 -37.27
C ASP C 236 -9.53 -20.32 -35.99
N SER C 237 -8.94 -19.18 -35.64
CA SER C 237 -8.05 -19.13 -34.48
C SER C 237 -8.82 -18.94 -33.17
N LEU C 238 -9.77 -18.00 -33.15
CA LEU C 238 -10.44 -17.60 -31.93
C LEU C 238 -11.94 -17.88 -32.04
N PHE C 239 -12.36 -19.09 -31.66
CA PHE C 239 -13.78 -19.34 -31.44
C PHE C 239 -14.32 -18.52 -30.28
N PHE C 240 -13.49 -18.32 -29.25
CA PHE C 240 -13.90 -17.72 -27.98
C PHE C 240 -12.64 -17.52 -27.15
N PHE C 241 -12.63 -16.46 -26.34
CA PHE C 241 -11.47 -16.22 -25.50
C PHE C 241 -11.85 -15.35 -24.32
N LEU C 242 -11.11 -15.54 -23.22
CA LEU C 242 -11.22 -14.71 -22.03
C LEU C 242 -9.82 -14.28 -21.63
N ARG C 243 -9.73 -13.13 -20.95
CA ARG C 243 -8.43 -12.61 -20.56
C ARG C 243 -8.60 -11.69 -19.36
N ARG C 244 -7.64 -11.74 -18.44
CA ARG C 244 -7.62 -10.83 -17.30
C ARG C 244 -6.17 -10.63 -16.88
N GLU C 245 -5.64 -9.44 -17.16
CA GLU C 245 -4.27 -9.08 -16.80
C GLU C 245 -4.29 -7.95 -15.80
N GLN C 246 -3.32 -7.95 -14.89
CA GLN C 246 -3.18 -6.86 -13.93
C GLN C 246 -1.77 -6.83 -13.40
N MET C 247 -1.26 -5.61 -13.14
CA MET C 247 0.06 -5.42 -12.55
C MET C 247 0.17 -3.97 -12.10
N PHE C 248 1.12 -3.73 -11.20
CA PHE C 248 1.48 -2.38 -10.78
C PHE C 248 2.98 -2.36 -10.51
N VAL C 249 3.51 -1.15 -10.33
CA VAL C 249 4.95 -0.97 -10.12
C VAL C 249 5.23 -1.08 -8.62
N ARG C 250 6.04 -2.06 -8.25
CA ARG C 250 6.40 -2.29 -6.85
C ARG C 250 7.62 -1.46 -6.42
N HIS C 251 8.69 -1.48 -7.21
CA HIS C 251 9.91 -0.76 -6.88
C HIS C 251 10.46 -0.08 -8.12
N PHE C 252 11.39 0.84 -7.90
CA PHE C 252 12.02 1.63 -8.95
C PHE C 252 13.53 1.47 -8.83
N PHE C 253 14.17 0.99 -9.88
CA PHE C 253 15.62 0.81 -9.91
C PHE C 253 16.18 1.46 -11.19
N ASN C 254 17.51 1.44 -11.29
CA ASN C 254 18.20 1.91 -12.48
C ASN C 254 19.25 0.89 -12.87
N ARG C 255 19.67 0.95 -14.14
CA ARG C 255 20.61 -0.01 -14.70
C ARG C 255 22.05 0.43 -14.48
N ALA C 256 22.93 -0.54 -14.34
CA ALA C 256 24.37 -0.31 -14.32
C ALA C 256 24.94 -0.53 -15.72
N GLY C 257 26.02 0.17 -16.01
CA GLY C 257 26.67 0.12 -17.30
C GLY C 257 26.56 1.44 -18.05
N LYS C 258 27.23 1.47 -19.20
CA LYS C 258 27.29 2.69 -20.00
C LYS C 258 25.89 3.04 -20.54
N LEU C 259 25.48 4.28 -20.29
CA LEU C 259 24.22 4.78 -20.84
C LEU C 259 24.41 5.05 -22.33
N GLY C 260 23.74 4.26 -23.17
CA GLY C 260 23.99 4.34 -24.60
C GLY C 260 23.53 5.65 -25.22
N GLU C 261 22.40 6.18 -24.77
CA GLU C 261 21.84 7.43 -25.27
C GLU C 261 21.81 8.42 -24.12
N ALA C 262 22.74 9.36 -24.14
CA ALA C 262 22.86 10.33 -23.05
C ALA C 262 21.69 11.32 -23.08
N VAL C 263 21.35 11.83 -21.90
CA VAL C 263 20.27 12.81 -21.80
C VAL C 263 20.71 14.10 -22.49
N PRO C 264 19.91 14.65 -23.39
CA PRO C 264 20.31 15.89 -24.08
C PRO C 264 20.47 17.05 -23.11
N ASP C 265 21.28 18.03 -23.53
CA ASP C 265 21.66 19.12 -22.65
C ASP C 265 20.52 20.09 -22.38
N ASP C 266 19.48 20.10 -23.21
CA ASP C 266 18.39 21.05 -23.04
C ASP C 266 17.38 20.59 -21.99
N LEU C 267 17.60 19.43 -21.35
CA LEU C 267 16.67 18.90 -20.37
C LEU C 267 17.17 19.03 -18.94
N TYR C 268 18.37 19.59 -18.74
CA TYR C 268 18.91 19.72 -17.40
C TYR C 268 20.05 20.72 -17.42
N ILE C 269 20.33 21.30 -16.26
CA ILE C 269 21.49 22.16 -16.06
C ILE C 269 22.61 21.29 -15.50
N LYS C 270 23.79 21.39 -16.10
CA LYS C 270 24.91 20.55 -15.68
C LYS C 270 25.30 20.86 -14.23
N GLY C 271 25.81 19.83 -13.56
CA GLY C 271 26.23 19.95 -12.18
C GLY C 271 27.72 20.21 -12.03
N SER C 272 28.19 20.11 -10.80
CA SER C 272 29.59 20.36 -10.50
C SER C 272 29.95 19.69 -9.18
N GLY C 273 31.24 19.43 -9.00
CA GLY C 273 31.72 18.77 -7.80
C GLY C 273 31.28 17.33 -7.68
N ASN C 274 30.53 17.04 -6.62
CA ASN C 274 30.00 15.68 -6.45
C ASN C 274 29.01 15.33 -7.56
N THR C 275 28.25 16.30 -8.04
CA THR C 275 27.28 16.09 -9.11
C THR C 275 27.87 16.30 -10.50
N ALA C 276 29.19 16.18 -10.63
CA ALA C 276 29.83 16.41 -11.92
C ALA C 276 29.56 15.25 -12.88
N VAL C 277 29.56 14.03 -12.37
CA VAL C 277 29.33 12.84 -13.18
C VAL C 277 27.87 12.45 -13.05
N ILE C 278 27.14 12.47 -14.17
CA ILE C 278 25.72 12.21 -14.16
C ILE C 278 25.47 10.73 -13.90
N GLN C 279 24.40 10.44 -13.17
CA GLN C 279 24.05 9.06 -12.87
C GLN C 279 23.24 8.46 -14.01
N SER C 280 23.14 7.14 -14.01
CA SER C 280 22.46 6.44 -15.09
C SER C 280 20.96 6.68 -15.01
N SER C 281 20.39 7.20 -16.11
CA SER C 281 18.95 7.40 -16.22
C SER C 281 18.27 6.24 -16.93
N ALA C 282 18.90 5.07 -16.97
CA ALA C 282 18.32 3.88 -17.56
C ALA C 282 17.49 3.18 -16.48
N PHE C 283 16.28 3.68 -16.28
CA PHE C 283 15.41 3.13 -15.26
C PHE C 283 14.71 1.87 -15.76
N PHE C 284 14.24 1.07 -14.80
CA PHE C 284 13.41 -0.08 -15.12
C PHE C 284 12.57 -0.40 -13.89
N PRO C 285 11.29 -0.68 -14.04
CA PRO C 285 10.45 -0.97 -12.88
C PRO C 285 10.30 -2.46 -12.63
N THR C 286 9.87 -2.82 -11.43
CA THR C 286 9.54 -4.20 -11.10
C THR C 286 8.04 -4.39 -11.04
N PRO C 287 7.51 -5.40 -11.72
CA PRO C 287 6.06 -5.65 -11.72
C PRO C 287 5.66 -6.38 -10.44
N SER C 288 4.36 -6.68 -10.33
CA SER C 288 3.86 -7.39 -9.15
C SER C 288 2.55 -8.11 -9.39
N GLY C 289 1.57 -7.46 -10.02
CA GLY C 289 0.32 -8.13 -10.33
C GLY C 289 -0.65 -8.23 -9.18
N SER C 290 -0.47 -7.40 -8.15
CA SER C 290 -1.25 -7.37 -6.92
C SER C 290 -1.70 -8.71 -6.33
N ILE C 291 -2.99 -9.00 -6.37
CA ILE C 291 -3.57 -10.08 -5.58
C ILE C 291 -4.38 -11.02 -6.49
N VAL C 292 -4.48 -12.28 -6.07
CA VAL C 292 -5.29 -13.28 -6.73
C VAL C 292 -6.47 -13.61 -5.82
N THR C 293 -7.64 -13.82 -6.42
CA THR C 293 -8.86 -14.15 -5.69
C THR C 293 -9.63 -15.22 -6.46
N SER C 294 -10.46 -15.95 -5.73
CA SER C 294 -11.37 -16.89 -6.37
C SER C 294 -12.43 -16.17 -7.20
N GLU C 295 -12.84 -14.97 -6.77
CA GLU C 295 -13.89 -14.24 -7.46
C GLU C 295 -13.46 -13.83 -8.86
N SER C 296 -12.16 -13.68 -9.10
CA SER C 296 -11.64 -13.28 -10.40
C SER C 296 -11.19 -14.47 -11.25
N GLN C 297 -11.48 -15.69 -10.82
CA GLN C 297 -11.06 -16.87 -11.56
C GLN C 297 -11.84 -16.97 -12.87
N LEU C 298 -11.13 -17.35 -13.94
CA LEU C 298 -11.75 -17.56 -15.23
C LEU C 298 -12.08 -19.02 -15.51
N PHE C 299 -11.53 -19.95 -14.73
CA PHE C 299 -11.62 -21.37 -15.02
C PHE C 299 -12.58 -22.05 -14.06
N ASN C 300 -12.69 -23.37 -14.20
CA ASN C 300 -13.58 -24.21 -13.39
C ASN C 300 -15.04 -23.78 -13.54
N LYS C 301 -15.38 -23.16 -14.66
CA LYS C 301 -16.74 -22.77 -14.98
C LYS C 301 -16.98 -23.03 -16.45
N PRO C 302 -18.21 -23.42 -16.82
CA PRO C 302 -18.47 -23.82 -18.21
C PRO C 302 -18.63 -22.62 -19.14
N TYR C 303 -18.10 -22.78 -20.35
CA TYR C 303 -18.31 -21.82 -21.43
C TYR C 303 -19.16 -22.48 -22.50
N TRP C 304 -20.22 -21.81 -22.93
CA TRP C 304 -21.12 -22.32 -23.96
C TRP C 304 -20.87 -21.54 -25.25
N LEU C 305 -20.34 -22.24 -26.25
CA LEU C 305 -20.03 -21.63 -27.54
C LEU C 305 -21.29 -21.64 -28.40
N GLN C 306 -22.13 -20.62 -28.17
CA GLN C 306 -23.40 -20.53 -28.88
C GLN C 306 -23.25 -19.86 -30.24
N ARG C 307 -22.68 -18.67 -30.28
CA ARG C 307 -22.48 -17.95 -31.53
C ARG C 307 -21.15 -17.22 -31.44
N ALA C 308 -20.20 -17.62 -32.29
CA ALA C 308 -18.89 -16.98 -32.32
C ALA C 308 -18.91 -15.67 -33.08
N GLN C 309 -17.97 -14.79 -32.75
CA GLN C 309 -17.89 -13.51 -33.44
C GLN C 309 -17.29 -13.67 -34.83
N GLY C 310 -16.49 -14.72 -35.05
CA GLY C 310 -15.95 -15.01 -36.36
C GLY C 310 -16.92 -15.80 -37.22
N HIS C 311 -16.48 -16.09 -38.44
CA HIS C 311 -17.32 -16.84 -39.37
C HIS C 311 -17.36 -18.33 -39.04
N ASN C 312 -16.34 -18.86 -38.37
CA ASN C 312 -16.33 -20.26 -37.95
C ASN C 312 -17.01 -20.34 -36.59
N ASN C 313 -18.18 -20.97 -36.56
CA ASN C 313 -18.98 -21.04 -35.32
C ASN C 313 -18.68 -22.34 -34.58
N GLY C 314 -17.40 -22.54 -34.28
CA GLY C 314 -16.98 -23.66 -33.47
C GLY C 314 -16.78 -24.96 -34.20
N ILE C 315 -16.62 -24.93 -35.53
CA ILE C 315 -16.41 -26.14 -36.30
C ILE C 315 -14.96 -26.57 -36.18
N CYS C 316 -14.74 -27.82 -35.76
CA CYS C 316 -13.39 -28.35 -35.53
C CYS C 316 -12.91 -29.05 -36.80
N TRP C 317 -12.42 -28.27 -37.75
CA TRP C 317 -11.88 -28.84 -38.98
C TRP C 317 -10.65 -29.69 -38.66
N GLY C 318 -10.47 -30.74 -39.45
CA GLY C 318 -9.36 -31.65 -39.24
C GLY C 318 -9.48 -32.54 -38.02
N ASN C 319 -10.64 -32.55 -37.36
CA ASN C 319 -10.88 -33.38 -36.18
C ASN C 319 -9.85 -33.13 -35.08
N GLN C 320 -9.46 -31.87 -34.92
CA GLN C 320 -8.50 -31.48 -33.91
C GLN C 320 -8.93 -30.17 -33.28
N LEU C 321 -8.29 -29.81 -32.16
CA LEU C 321 -8.67 -28.65 -31.40
C LEU C 321 -7.45 -28.10 -30.68
N PHE C 322 -7.48 -26.80 -30.39
CA PHE C 322 -6.37 -26.11 -29.73
C PHE C 322 -6.90 -25.29 -28.57
N VAL C 323 -6.42 -25.58 -27.37
CA VAL C 323 -6.80 -24.86 -26.16
C VAL C 323 -5.55 -24.24 -25.58
N THR C 324 -5.48 -22.91 -25.60
CA THR C 324 -4.35 -22.16 -25.04
C THR C 324 -4.76 -21.61 -23.69
N VAL C 325 -3.93 -21.83 -22.66
CA VAL C 325 -4.25 -21.43 -21.30
C VAL C 325 -3.03 -20.78 -20.67
N VAL C 326 -3.24 -19.64 -20.01
CA VAL C 326 -2.24 -19.02 -19.14
C VAL C 326 -2.91 -18.74 -17.80
N ASP C 327 -2.29 -19.22 -16.72
CA ASP C 327 -2.89 -19.06 -15.39
C ASP C 327 -1.75 -18.87 -14.38
N THR C 328 -1.47 -17.62 -14.04
CA THR C 328 -0.46 -17.30 -13.04
C THR C 328 -1.03 -17.26 -11.63
N THR C 329 -2.33 -17.53 -11.46
CA THR C 329 -2.97 -17.54 -10.15
C THR C 329 -2.72 -18.82 -9.38
N ARG C 330 -1.96 -19.76 -9.95
CA ARG C 330 -1.59 -21.01 -9.31
C ARG C 330 -0.11 -21.27 -9.51
N SER C 331 0.72 -20.23 -9.36
CA SER C 331 2.14 -20.29 -9.65
C SER C 331 2.99 -20.59 -8.42
N THR C 332 2.39 -21.15 -7.37
CA THR C 332 3.13 -21.45 -6.16
C THR C 332 4.27 -22.42 -6.44
N ASN C 333 5.48 -22.06 -6.00
CA ASN C 333 6.66 -22.90 -6.16
C ASN C 333 6.96 -23.58 -4.83
N MET C 334 6.87 -24.91 -4.80
CA MET C 334 7.11 -25.66 -3.58
C MET C 334 8.60 -25.78 -3.31
N THR C 335 8.98 -25.56 -2.05
CA THR C 335 10.37 -25.68 -1.62
C THR C 335 10.60 -27.07 -1.04
N LEU C 336 11.61 -27.76 -1.57
CA LEU C 336 12.00 -29.08 -1.08
C LEU C 336 13.39 -28.99 -0.46
N CYS C 337 13.60 -29.79 0.59
CA CYS C 337 14.84 -29.73 1.37
C CYS C 337 15.25 -31.13 1.77
N THR C 338 16.45 -31.54 1.39
CA THR C 338 17.01 -32.84 1.71
C THR C 338 18.13 -32.68 2.74
N GLU C 339 18.25 -33.67 3.63
CA GLU C 339 19.26 -33.68 4.67
C GLU C 339 20.45 -34.53 4.21
N VAL C 340 21.60 -33.88 4.01
CA VAL C 340 22.78 -34.61 3.57
C VAL C 340 23.50 -35.22 4.77
N THR C 341 23.59 -34.49 5.88
CA THR C 341 24.24 -34.98 7.10
C THR C 341 23.37 -34.63 8.29
N LYS C 342 23.01 -35.64 9.08
CA LYS C 342 22.15 -35.44 10.25
C LYS C 342 23.04 -35.15 11.46
N GLU C 343 22.81 -34.00 12.10
CA GLU C 343 23.55 -33.62 13.28
C GLU C 343 22.58 -33.04 14.31
N GLY C 344 23.05 -32.97 15.55
CA GLY C 344 22.23 -32.43 16.63
C GLY C 344 22.00 -30.94 16.53
N THR C 345 22.82 -30.23 15.75
CA THR C 345 22.68 -28.80 15.56
C THR C 345 22.52 -28.50 14.07
N TYR C 346 21.90 -27.35 13.80
CA TYR C 346 21.64 -26.94 12.42
C TYR C 346 22.89 -26.37 11.78
N LYS C 347 23.21 -26.86 10.59
CA LYS C 347 24.30 -26.33 9.77
C LYS C 347 23.80 -26.17 8.34
N ASN C 348 24.11 -25.02 7.73
CA ASN C 348 23.61 -24.73 6.39
C ASN C 348 24.11 -25.75 5.38
N ASP C 349 25.38 -26.18 5.50
CA ASP C 349 25.96 -27.10 4.54
C ASP C 349 25.43 -28.52 4.67
N ASN C 350 24.53 -28.80 5.62
CA ASN C 350 23.97 -30.13 5.80
C ASN C 350 22.71 -30.36 5.00
N PHE C 351 22.24 -29.37 4.23
CA PHE C 351 20.98 -29.49 3.52
C PHE C 351 21.12 -28.98 2.10
N LYS C 352 20.31 -29.55 1.21
CA LYS C 352 20.22 -29.11 -0.18
C LYS C 352 18.82 -28.61 -0.45
N GLU C 353 18.72 -27.46 -1.12
CA GLU C 353 17.45 -26.80 -1.38
C GLU C 353 17.07 -26.96 -2.84
N TYR C 354 15.82 -27.33 -3.09
CA TYR C 354 15.30 -27.48 -4.44
C TYR C 354 13.99 -26.71 -4.57
N VAL C 355 13.64 -26.38 -5.81
CA VAL C 355 12.40 -25.68 -6.13
C VAL C 355 11.68 -26.46 -7.21
N ARG C 356 10.39 -26.74 -6.98
CA ARG C 356 9.57 -27.48 -7.92
C ARG C 356 8.24 -26.78 -8.09
N HIS C 357 7.65 -26.93 -9.27
CA HIS C 357 6.35 -26.36 -9.59
C HIS C 357 5.49 -27.40 -10.28
N VAL C 358 4.19 -27.35 -10.02
CA VAL C 358 3.26 -28.33 -10.55
C VAL C 358 2.09 -27.62 -11.21
N GLU C 359 1.46 -28.30 -12.16
CA GLU C 359 0.27 -27.81 -12.84
C GLU C 359 -0.69 -28.97 -13.03
N GLU C 360 -1.96 -28.75 -12.71
CA GLU C 360 -3.00 -29.79 -12.79
C GLU C 360 -4.14 -29.27 -13.65
N TYR C 361 -4.42 -29.99 -14.74
CA TYR C 361 -5.49 -29.65 -15.66
C TYR C 361 -6.46 -30.81 -15.80
N ASP C 362 -7.69 -30.48 -16.20
CA ASP C 362 -8.73 -31.48 -16.43
C ASP C 362 -9.69 -30.89 -17.47
N LEU C 363 -9.40 -31.17 -18.74
CA LEU C 363 -10.16 -30.59 -19.84
C LEU C 363 -11.44 -31.38 -20.07
N GLN C 364 -12.56 -30.66 -20.19
CA GLN C 364 -13.87 -31.26 -20.40
C GLN C 364 -14.51 -30.61 -21.62
N PHE C 365 -15.06 -31.41 -22.52
CA PHE C 365 -15.62 -30.94 -23.76
C PHE C 365 -17.00 -31.53 -24.00
N VAL C 366 -17.85 -30.77 -24.68
CA VAL C 366 -19.14 -31.25 -25.18
C VAL C 366 -19.21 -30.89 -26.66
N PHE C 367 -19.32 -31.90 -27.52
CA PHE C 367 -19.32 -31.71 -28.96
C PHE C 367 -20.69 -32.01 -29.55
N GLN C 368 -21.01 -31.32 -30.65
CA GLN C 368 -22.23 -31.53 -31.40
C GLN C 368 -21.88 -32.05 -32.79
N LEU C 369 -22.51 -33.16 -33.18
CA LEU C 369 -22.24 -33.76 -34.48
C LEU C 369 -22.90 -32.95 -35.59
N CYS C 370 -22.16 -32.74 -36.68
CA CYS C 370 -22.62 -31.93 -37.79
C CYS C 370 -22.43 -32.67 -39.10
N LYS C 371 -23.25 -32.32 -40.08
CA LYS C 371 -23.19 -32.88 -41.42
C LYS C 371 -23.08 -31.76 -42.45
N ILE C 372 -22.39 -32.04 -43.55
CA ILE C 372 -22.16 -31.07 -44.62
C ILE C 372 -22.48 -31.74 -45.95
N THR C 373 -23.48 -31.22 -46.65
CA THR C 373 -23.83 -31.71 -47.99
C THR C 373 -22.83 -31.15 -49.00
N LEU C 374 -22.11 -32.05 -49.68
CA LEU C 374 -20.99 -31.66 -50.55
C LEU C 374 -21.51 -31.40 -51.96
N THR C 375 -22.05 -30.20 -52.16
CA THR C 375 -22.39 -29.75 -53.49
C THR C 375 -21.15 -29.20 -54.19
N ALA C 376 -21.28 -28.96 -55.50
CA ALA C 376 -20.15 -28.43 -56.26
C ALA C 376 -19.74 -27.05 -55.76
N GLU C 377 -20.71 -26.21 -55.40
CA GLU C 377 -20.40 -24.90 -54.84
C GLU C 377 -19.71 -25.01 -53.50
N ILE C 378 -20.20 -25.89 -52.62
CA ILE C 378 -19.61 -26.05 -51.29
C ILE C 378 -18.23 -26.69 -51.39
N MET C 379 -18.05 -27.63 -52.31
CA MET C 379 -16.73 -28.23 -52.51
C MET C 379 -15.71 -27.20 -52.97
N THR C 380 -16.14 -26.26 -53.82
CA THR C 380 -15.24 -25.19 -54.25
C THR C 380 -14.89 -24.27 -53.08
N TYR C 381 -15.88 -23.94 -52.25
CA TYR C 381 -15.63 -23.09 -51.09
C TYR C 381 -14.67 -23.75 -50.11
N ILE C 382 -14.86 -25.04 -49.84
CA ILE C 382 -14.00 -25.74 -48.89
C ILE C 382 -12.59 -25.90 -49.47
N HIS C 383 -12.49 -26.14 -50.78
CA HIS C 383 -11.18 -26.29 -51.40
C HIS C 383 -10.39 -24.99 -51.35
N THR C 384 -11.03 -23.85 -51.64
CA THR C 384 -10.35 -22.57 -51.53
C THR C 384 -10.00 -22.24 -50.10
N MET C 385 -10.81 -22.70 -49.13
CA MET C 385 -10.50 -22.48 -47.72
C MET C 385 -9.34 -23.36 -47.27
N ASP C 386 -9.46 -24.67 -47.48
CA ASP C 386 -8.41 -25.61 -47.08
C ASP C 386 -8.61 -26.89 -47.88
N SER C 387 -7.69 -27.19 -48.79
CA SER C 387 -7.82 -28.39 -49.61
C SER C 387 -7.68 -29.66 -48.79
N ASN C 388 -6.93 -29.61 -47.69
CA ASN C 388 -6.72 -30.80 -46.87
C ASN C 388 -8.01 -31.31 -46.24
N ILE C 389 -9.02 -30.44 -46.10
CA ILE C 389 -10.31 -30.89 -45.57
C ILE C 389 -10.95 -31.87 -46.53
N LEU C 390 -10.96 -31.55 -47.83
CA LEU C 390 -11.53 -32.44 -48.82
C LEU C 390 -10.66 -33.68 -49.02
N GLU C 391 -9.34 -33.52 -48.93
CA GLU C 391 -8.44 -34.65 -49.15
C GLU C 391 -8.61 -35.71 -48.07
N ASP C 392 -8.69 -35.30 -46.81
CA ASP C 392 -8.86 -36.26 -45.72
C ASP C 392 -10.23 -36.93 -45.76
N TRP C 393 -11.24 -36.22 -46.27
CA TRP C 393 -12.60 -36.77 -46.32
C TRP C 393 -12.76 -37.86 -47.37
N GLN C 394 -11.76 -38.06 -48.22
CA GLN C 394 -11.76 -39.13 -49.22
C GLN C 394 -12.90 -38.93 -50.22
N PHE C 395 -12.95 -37.74 -50.82
CA PHE C 395 -14.07 -37.35 -51.67
C PHE C 395 -13.73 -36.09 -52.46
N ASP C 430 -0.36 -32.07 -40.26
CA ASP C 430 0.95 -32.61 -40.61
C ASP C 430 2.08 -31.56 -40.53
N PRO C 431 1.91 -30.37 -41.12
CA PRO C 431 2.97 -29.36 -40.98
C PRO C 431 3.07 -28.78 -39.58
N LEU C 432 2.07 -29.00 -38.74
CA LEU C 432 2.10 -28.56 -37.35
C LEU C 432 2.93 -29.47 -36.46
N ASN C 433 3.50 -30.54 -37.02
CA ASN C 433 4.29 -31.48 -36.23
C ASN C 433 5.66 -30.94 -35.87
N LYS C 434 6.11 -29.88 -36.55
CA LYS C 434 7.36 -29.23 -36.18
C LYS C 434 7.25 -28.40 -34.92
N TYR C 435 6.04 -28.13 -34.44
CA TYR C 435 5.81 -27.37 -33.23
C TYR C 435 5.57 -28.31 -32.05
N THR C 436 5.65 -27.74 -30.85
CA THR C 436 5.51 -28.49 -29.60
C THR C 436 4.15 -28.17 -28.97
N PHE C 437 3.31 -29.19 -28.85
CA PHE C 437 2.01 -29.06 -28.20
C PHE C 437 1.84 -30.17 -27.18
N TRP C 438 0.91 -29.96 -26.26
CA TRP C 438 0.53 -30.98 -25.28
C TRP C 438 -0.57 -31.82 -25.92
N GLU C 439 -0.21 -33.02 -26.37
CA GLU C 439 -1.16 -33.88 -27.09
C GLU C 439 -2.18 -34.45 -26.12
N VAL C 440 -3.46 -34.23 -26.41
CA VAL C 440 -4.57 -34.76 -25.63
C VAL C 440 -5.40 -35.64 -26.56
N ASN C 441 -5.22 -36.96 -26.46
CA ASN C 441 -5.88 -37.90 -27.35
C ASN C 441 -7.23 -38.28 -26.76
N LEU C 442 -8.31 -37.84 -27.40
CA LEU C 442 -9.67 -38.13 -26.97
C LEU C 442 -10.41 -39.05 -27.94
N LYS C 443 -9.67 -39.79 -28.78
CA LYS C 443 -10.32 -40.67 -29.74
C LYS C 443 -11.09 -41.80 -29.05
N GLU C 444 -10.60 -42.27 -27.91
CA GLU C 444 -11.25 -43.32 -27.14
C GLU C 444 -11.92 -42.78 -25.88
N LYS C 445 -12.24 -41.49 -25.85
CA LYS C 445 -12.85 -40.86 -24.68
C LYS C 445 -14.24 -40.31 -24.95
N PHE C 446 -14.78 -40.51 -26.15
CA PHE C 446 -16.11 -40.00 -26.47
C PHE C 446 -17.20 -40.90 -25.91
N SER C 447 -18.24 -40.28 -25.37
CA SER C 447 -19.39 -40.99 -24.81
C SER C 447 -20.64 -40.19 -25.09
N ALA C 448 -21.71 -40.89 -25.51
CA ALA C 448 -22.97 -40.24 -25.80
C ALA C 448 -23.83 -40.04 -24.56
N ASP C 449 -23.42 -40.59 -23.41
CA ASP C 449 -24.17 -40.46 -22.17
C ASP C 449 -23.71 -39.20 -21.46
N LEU C 450 -24.38 -38.08 -21.76
CA LEU C 450 -23.96 -36.79 -21.21
C LEU C 450 -24.18 -36.72 -19.70
N ASP C 451 -25.31 -37.27 -19.23
CA ASP C 451 -25.66 -37.15 -17.81
C ASP C 451 -24.73 -37.93 -16.89
N GLN C 452 -23.76 -38.65 -17.42
CA GLN C 452 -22.80 -39.39 -16.61
C GLN C 452 -21.55 -38.60 -16.30
N PHE C 453 -21.51 -37.30 -16.64
CA PHE C 453 -20.33 -36.48 -16.47
C PHE C 453 -20.74 -35.09 -16.02
N PRO C 454 -19.85 -34.38 -15.31
CA PRO C 454 -20.22 -33.05 -14.78
C PRO C 454 -20.60 -32.04 -15.86
N LEU C 455 -19.70 -31.80 -16.81
CA LEU C 455 -20.00 -30.83 -17.87
C LEU C 455 -21.19 -31.27 -18.71
N GLY C 456 -21.38 -32.57 -18.88
CA GLY C 456 -22.55 -33.05 -19.59
C GLY C 456 -23.84 -32.70 -18.88
N ARG C 457 -23.88 -32.90 -17.57
CA ARG C 457 -25.07 -32.53 -16.79
C ARG C 457 -25.34 -31.04 -16.86
N LYS C 458 -24.28 -30.23 -16.77
CA LYS C 458 -24.45 -28.78 -16.89
C LYS C 458 -24.99 -28.40 -18.26
N PHE C 459 -24.55 -29.10 -19.31
CA PHE C 459 -25.06 -28.81 -20.65
C PHE C 459 -26.52 -29.20 -20.79
N LEU C 460 -26.92 -30.32 -20.17
CA LEU C 460 -28.32 -30.75 -20.26
C LEU C 460 -29.25 -29.76 -19.56
N LEU C 461 -28.80 -29.17 -18.45
CA LEU C 461 -29.60 -28.14 -17.80
C LEU C 461 -29.63 -26.86 -18.62
N GLN C 462 -28.52 -26.51 -19.25
CA GLN C 462 -28.45 -25.26 -20.02
C GLN C 462 -29.34 -25.33 -21.24
N SER C 463 -29.21 -26.38 -22.06
CA SER C 463 -29.94 -26.47 -23.31
C SER C 463 -31.39 -26.92 -23.12
N GLY C 464 -31.79 -27.32 -21.91
CA GLY C 464 -33.14 -27.78 -21.69
C GLY C 464 -33.42 -29.19 -22.16
N LEU C 465 -32.39 -29.95 -22.52
CA LEU C 465 -32.56 -31.33 -22.99
C LEU C 465 -32.77 -32.28 -21.83
N LYS D 12 -31.13 29.15 -33.29
CA LYS D 12 -30.03 29.41 -34.22
C LYS D 12 -29.47 28.10 -34.76
N VAL D 13 -28.91 27.29 -33.87
CA VAL D 13 -28.31 26.02 -34.23
C VAL D 13 -29.36 24.93 -34.11
N VAL D 14 -29.38 24.03 -35.09
CA VAL D 14 -30.33 22.91 -35.10
C VAL D 14 -29.56 21.61 -35.21
N SER D 15 -30.23 20.52 -34.82
CA SER D 15 -29.63 19.20 -34.89
C SER D 15 -29.46 18.76 -36.34
N THR D 16 -28.40 17.97 -36.57
CA THR D 16 -28.16 17.45 -37.91
C THR D 16 -29.24 16.48 -38.36
N ASP D 17 -30.00 15.90 -37.42
CA ASP D 17 -31.09 15.00 -37.79
C ASP D 17 -32.22 15.71 -38.51
N GLU D 18 -32.25 17.04 -38.50
CA GLU D 18 -33.35 17.80 -39.10
C GLU D 18 -33.09 18.17 -40.55
N TYR D 19 -31.84 18.12 -41.03
CA TYR D 19 -31.56 18.50 -42.40
C TYR D 19 -30.61 17.51 -43.09
N VAL D 20 -30.30 16.38 -42.48
CA VAL D 20 -29.47 15.35 -43.08
C VAL D 20 -30.27 14.05 -43.11
N SER D 21 -30.51 13.53 -44.31
CA SER D 21 -31.32 12.34 -44.50
C SER D 21 -30.45 11.10 -44.48
N ARG D 22 -30.81 10.13 -43.65
CA ARG D 22 -30.04 8.90 -43.53
C ARG D 22 -30.46 7.90 -44.61
N THR D 23 -29.48 7.16 -45.13
CA THR D 23 -29.73 6.12 -46.11
C THR D 23 -29.46 4.76 -45.51
N SER D 24 -29.78 3.72 -46.28
CA SER D 24 -29.55 2.34 -45.87
C SER D 24 -28.19 1.81 -46.34
N ILE D 25 -27.31 2.69 -46.79
CA ILE D 25 -26.00 2.29 -47.30
C ILE D 25 -24.98 2.42 -46.16
N TYR D 26 -24.27 1.33 -45.89
CA TYR D 26 -23.23 1.32 -44.87
C TYR D 26 -21.92 0.84 -45.47
N TYR D 27 -20.82 1.37 -44.94
CA TYR D 27 -19.48 1.03 -45.41
C TYR D 27 -18.56 0.84 -44.21
N TYR D 28 -17.65 -0.13 -44.32
CA TYR D 28 -16.61 -0.34 -43.33
C TYR D 28 -15.32 0.28 -43.83
N ALA D 29 -14.55 0.84 -42.90
CA ALA D 29 -13.23 1.39 -43.22
C ALA D 29 -12.30 1.05 -42.06
N GLY D 30 -11.27 0.27 -42.35
CA GLY D 30 -10.33 -0.12 -41.32
C GLY D 30 -8.89 0.17 -41.68
N SER D 31 -8.21 0.96 -40.85
CA SER D 31 -6.78 1.13 -41.02
C SER D 31 -6.07 -0.11 -40.50
N SER D 32 -4.93 -0.42 -41.11
CA SER D 32 -4.15 -1.58 -40.68
C SER D 32 -3.53 -1.31 -39.32
N ARG D 33 -2.50 -2.08 -38.96
CA ARG D 33 -1.88 -1.91 -37.65
C ARG D 33 -0.92 -0.74 -37.70
N LEU D 34 -1.10 0.21 -36.78
CA LEU D 34 -0.29 1.41 -36.71
C LEU D 34 0.71 1.26 -35.56
N LEU D 35 1.99 1.46 -35.86
CA LEU D 35 3.05 1.30 -34.89
C LEU D 35 3.87 2.58 -34.77
N ALA D 36 4.31 2.87 -33.55
CA ALA D 36 5.22 3.98 -33.28
C ALA D 36 6.26 3.48 -32.29
N VAL D 37 7.53 3.55 -32.66
CA VAL D 37 8.63 3.05 -31.84
C VAL D 37 9.65 4.16 -31.69
N GLY D 38 10.02 4.46 -30.45
CA GLY D 38 11.00 5.51 -30.21
C GLY D 38 11.43 5.54 -28.77
N ASN D 39 12.11 6.61 -28.41
CA ASN D 39 12.60 6.81 -27.06
C ASN D 39 11.50 7.49 -26.23
N PRO D 40 11.14 6.92 -25.07
CA PRO D 40 10.02 7.47 -24.30
C PRO D 40 10.31 8.78 -23.61
N TYR D 41 11.58 9.19 -23.51
CA TYR D 41 11.95 10.38 -22.75
C TYR D 41 12.26 11.59 -23.62
N PHE D 42 12.89 11.39 -24.77
CA PHE D 42 13.28 12.52 -25.61
C PHE D 42 13.53 12.01 -27.02
N SER D 43 13.42 12.94 -27.98
CA SER D 43 13.75 12.62 -29.36
C SER D 43 15.25 12.78 -29.60
N ILE D 44 15.77 11.98 -30.51
CA ILE D 44 17.18 12.02 -30.89
C ILE D 44 17.26 12.55 -32.30
N LYS D 45 17.92 13.68 -32.48
CA LYS D 45 18.07 14.30 -33.79
C LYS D 45 19.40 13.91 -34.40
N SER D 46 19.47 13.98 -35.73
CA SER D 46 20.71 13.60 -36.39
C SER D 46 21.64 14.79 -36.52
N PRO D 47 22.87 14.72 -36.04
CA PRO D 47 23.88 15.70 -36.42
C PRO D 47 24.41 15.41 -37.81
N ASN D 48 25.03 16.42 -38.42
CA ASN D 48 24.93 17.82 -38.00
C ASN D 48 23.62 18.48 -38.45
N ASN D 49 22.62 17.66 -38.81
CA ASN D 49 21.37 18.21 -39.34
C ASN D 49 20.70 19.14 -38.35
N ASN D 50 20.68 18.77 -37.07
CA ASN D 50 20.05 19.54 -36.00
C ASN D 50 18.59 19.88 -36.29
N LYS D 51 17.99 19.19 -37.25
CA LYS D 51 16.58 19.38 -37.61
C LYS D 51 15.86 18.08 -37.94
N LYS D 52 16.55 17.09 -38.49
CA LYS D 52 15.97 15.79 -38.80
C LYS D 52 16.06 14.88 -37.58
N VAL D 53 14.98 14.17 -37.30
CA VAL D 53 14.88 13.30 -36.13
C VAL D 53 15.00 11.86 -36.60
N LEU D 54 15.99 11.14 -36.06
CA LEU D 54 16.19 9.74 -36.37
C LEU D 54 15.33 8.83 -35.49
N VAL D 55 15.30 9.11 -34.19
CA VAL D 55 14.49 8.35 -33.25
C VAL D 55 13.47 9.30 -32.62
N PRO D 56 12.18 9.15 -32.92
CA PRO D 56 11.17 10.06 -32.38
C PRO D 56 10.90 9.78 -30.92
N LYS D 57 10.19 10.71 -30.29
CA LYS D 57 9.76 10.55 -28.90
C LYS D 57 8.40 9.86 -28.90
N VAL D 58 8.37 8.61 -28.45
CA VAL D 58 7.15 7.81 -28.38
C VAL D 58 6.97 7.38 -26.92
N SER D 59 5.95 7.95 -26.27
CA SER D 59 5.71 7.70 -24.86
C SER D 59 4.23 7.42 -24.63
N GLY D 60 3.95 6.57 -23.64
CA GLY D 60 2.58 6.26 -23.28
C GLY D 60 1.81 7.43 -22.69
N LEU D 61 2.50 8.53 -22.36
CA LEU D 61 1.87 9.72 -21.82
C LEU D 61 1.59 10.76 -22.90
N GLN D 62 1.59 10.35 -24.17
CA GLN D 62 1.38 11.25 -25.29
C GLN D 62 -0.05 11.13 -25.82
N TYR D 63 -0.56 12.24 -26.33
CA TYR D 63 -1.82 12.21 -27.06
C TYR D 63 -1.62 11.57 -28.42
N ARG D 64 -2.61 10.78 -28.85
CA ARG D 64 -2.66 10.24 -30.20
C ARG D 64 -3.83 10.89 -30.92
N VAL D 65 -3.52 11.81 -31.83
CA VAL D 65 -4.53 12.56 -32.56
C VAL D 65 -4.49 12.07 -33.99
N PHE D 66 -5.39 11.14 -34.32
CA PHE D 66 -5.48 10.57 -35.66
C PHE D 66 -6.39 11.44 -36.51
N ARG D 67 -5.87 11.91 -37.64
CA ARG D 67 -6.68 12.64 -38.63
C ARG D 67 -7.04 11.65 -39.73
N VAL D 68 -8.27 11.14 -39.67
CA VAL D 68 -8.74 10.14 -40.62
C VAL D 68 -9.28 10.83 -41.85
N ARG D 69 -8.70 10.53 -43.01
CA ARG D 69 -9.13 11.10 -44.27
C ARG D 69 -10.16 10.18 -44.92
N LEU D 70 -11.34 10.72 -45.21
CA LEU D 70 -12.38 9.93 -45.84
C LEU D 70 -12.52 10.31 -47.32
N PRO D 71 -12.88 9.35 -48.17
CA PRO D 71 -13.11 9.68 -49.58
C PRO D 71 -14.36 10.51 -49.76
N ASP D 72 -14.32 11.40 -50.74
CA ASP D 72 -15.47 12.24 -51.06
C ASP D 72 -16.62 11.37 -51.57
N PRO D 73 -17.74 11.31 -50.86
CA PRO D 73 -18.85 10.46 -51.36
C PRO D 73 -19.48 10.98 -52.63
N ASN D 74 -19.41 12.29 -52.90
CA ASN D 74 -19.95 12.84 -54.13
C ASN D 74 -19.09 12.50 -55.34
N LYS D 75 -17.86 12.02 -55.12
CA LYS D 75 -16.98 11.58 -56.20
C LYS D 75 -16.61 10.10 -56.04
N PHE D 76 -17.38 9.37 -55.25
CA PHE D 76 -17.10 7.97 -54.95
C PHE D 76 -17.76 7.07 -55.98
N GLY D 77 -17.08 5.98 -56.33
CA GLY D 77 -17.59 5.07 -57.33
C GLY D 77 -18.59 4.07 -56.78
N PHE D 78 -19.83 4.51 -56.62
CA PHE D 78 -20.88 3.62 -56.14
C PHE D 78 -21.40 2.74 -57.28
N PRO D 79 -21.81 1.50 -56.97
CA PRO D 79 -22.33 0.63 -58.03
C PRO D 79 -23.69 1.08 -58.55
N ASP D 80 -24.46 1.79 -57.74
CA ASP D 80 -25.77 2.30 -58.15
C ASP D 80 -26.00 3.62 -57.44
N THR D 81 -26.19 4.69 -58.22
CA THR D 81 -26.35 6.04 -57.69
C THR D 81 -27.78 6.53 -57.78
N SER D 82 -28.74 5.61 -57.80
CA SER D 82 -30.16 5.97 -57.91
C SER D 82 -30.78 6.29 -56.55
N PHE D 83 -29.98 6.40 -55.49
CA PHE D 83 -30.49 6.69 -54.16
C PHE D 83 -30.51 8.19 -53.85
N TYR D 84 -29.93 9.03 -54.71
CA TYR D 84 -29.91 10.46 -54.48
C TYR D 84 -29.81 11.17 -55.82
N ASN D 85 -30.09 12.47 -55.80
CA ASN D 85 -30.08 13.29 -57.00
C ASN D 85 -28.90 14.27 -56.93
N PRO D 86 -27.85 14.10 -57.72
CA PRO D 86 -26.70 15.00 -57.64
C PRO D 86 -27.00 16.42 -58.08
N ASP D 87 -28.14 16.69 -58.71
CA ASP D 87 -28.48 18.03 -59.11
C ASP D 87 -28.93 18.89 -57.94
N THR D 88 -29.61 18.30 -56.97
CA THR D 88 -30.14 19.05 -55.83
C THR D 88 -29.69 18.51 -54.47
N GLN D 89 -28.88 17.47 -54.43
CA GLN D 89 -28.46 16.85 -53.18
C GLN D 89 -26.97 16.60 -53.19
N ARG D 90 -26.37 16.60 -51.99
CA ARG D 90 -24.97 16.29 -51.80
C ARG D 90 -24.85 15.21 -50.73
N LEU D 91 -23.73 14.50 -50.75
CA LEU D 91 -23.50 13.37 -49.86
C LEU D 91 -22.44 13.70 -48.82
N VAL D 92 -22.54 13.03 -47.67
CA VAL D 92 -21.58 13.21 -46.59
C VAL D 92 -21.62 11.95 -45.74
N TRP D 93 -20.48 11.60 -45.16
CA TRP D 93 -20.38 10.40 -44.33
C TRP D 93 -20.76 10.69 -42.89
N ALA D 94 -21.33 9.69 -42.23
CA ALA D 94 -21.69 9.77 -40.82
C ALA D 94 -21.12 8.57 -40.10
N CYS D 95 -20.44 8.82 -38.98
CA CYS D 95 -19.80 7.76 -38.21
C CYS D 95 -20.81 7.14 -37.25
N VAL D 96 -21.09 5.85 -37.43
CA VAL D 96 -22.02 5.14 -36.56
C VAL D 96 -21.35 4.04 -35.75
N GLY D 97 -20.17 3.58 -36.13
CA GLY D 97 -19.47 2.55 -35.39
C GLY D 97 -17.98 2.85 -35.28
N LEU D 98 -17.39 2.55 -34.12
CA LEU D 98 -15.98 2.85 -33.88
C LEU D 98 -15.42 1.87 -32.86
N GLU D 99 -14.21 1.38 -33.14
CA GLU D 99 -13.47 0.54 -32.20
C GLU D 99 -11.99 0.90 -32.29
N ILE D 100 -11.41 1.28 -31.15
CA ILE D 100 -10.01 1.66 -31.09
C ILE D 100 -9.24 0.43 -30.59
N GLY D 101 -8.58 -0.27 -31.52
CA GLY D 101 -7.84 -1.46 -31.16
C GLY D 101 -6.47 -1.14 -30.57
N ARG D 102 -6.11 -1.88 -29.52
CA ARG D 102 -4.83 -1.74 -28.85
C ARG D 102 -4.21 -3.14 -28.77
N GLY D 103 -2.99 -3.27 -29.29
CA GLY D 103 -2.34 -4.57 -29.35
C GLY D 103 -1.35 -4.97 -28.28
N GLN D 104 -0.61 -4.02 -27.73
CA GLN D 104 0.42 -4.35 -26.76
C GLN D 104 -0.18 -4.80 -25.43
N PRO D 105 0.57 -5.56 -24.64
CA PRO D 105 0.05 -6.04 -23.36
C PRO D 105 -0.02 -4.92 -22.33
N LEU D 106 -0.81 -5.17 -21.29
CA LEU D 106 -0.92 -4.21 -20.19
C LEU D 106 0.39 -4.12 -19.43
N GLY D 107 0.71 -2.90 -18.99
CA GLY D 107 1.92 -2.68 -18.23
C GLY D 107 2.05 -1.21 -17.89
N VAL D 108 3.00 -0.92 -17.01
CA VAL D 108 3.24 0.43 -16.52
C VAL D 108 4.71 0.76 -16.73
N GLY D 109 4.98 1.94 -17.29
CA GLY D 109 6.33 2.43 -17.42
C GLY D 109 6.64 3.53 -16.41
N VAL D 110 7.92 3.84 -16.29
CA VAL D 110 8.41 4.81 -15.31
C VAL D 110 9.19 5.89 -16.02
N SER D 111 9.22 7.08 -15.40
CA SER D 111 9.98 8.21 -15.89
C SER D 111 10.69 8.86 -14.72
N GLY D 112 11.83 9.48 -15.00
CA GLY D 112 12.60 10.07 -13.93
C GLY D 112 13.51 11.16 -14.42
N HIS D 113 14.42 11.58 -13.54
CA HIS D 113 15.35 12.66 -13.80
C HIS D 113 16.64 12.34 -13.06
N PRO D 114 17.79 12.33 -13.74
CA PRO D 114 19.06 12.12 -13.03
C PRO D 114 19.42 13.26 -12.11
N TYR D 115 18.82 14.44 -12.28
CA TYR D 115 19.03 15.60 -11.41
C TYR D 115 17.69 16.15 -10.95
N LEU D 116 16.88 15.30 -10.33
CA LEU D 116 15.58 15.75 -9.82
C LEU D 116 15.78 16.62 -8.59
N ASN D 117 15.09 17.75 -8.54
CA ASN D 117 15.23 18.70 -7.43
C ASN D 117 14.45 18.20 -6.22
N LYS D 118 15.03 17.19 -5.57
CA LYS D 118 14.48 16.63 -4.33
C LYS D 118 15.52 16.79 -3.23
N PHE D 119 15.09 17.30 -2.08
CA PHE D 119 15.99 17.46 -0.94
C PHE D 119 15.75 16.37 0.10
N ASP D 120 14.63 16.45 0.82
CA ASP D 120 14.35 15.53 1.91
C ASP D 120 13.01 14.83 1.73
N ASP D 121 12.92 13.63 2.31
CA ASP D 121 11.66 12.89 2.41
C ASP D 121 10.93 13.43 3.64
N THR D 122 9.83 14.14 3.41
CA THR D 122 9.10 14.83 4.46
C THR D 122 7.90 14.05 4.98
N GLU D 123 7.94 12.72 4.87
CA GLU D 123 6.79 11.90 5.23
C GLU D 123 6.79 11.48 6.70
N THR D 124 7.94 11.12 7.25
CA THR D 124 7.98 10.62 8.61
C THR D 124 9.01 11.35 9.47
N SER D 125 10.24 11.49 8.97
CA SER D 125 11.34 12.06 9.73
C SER D 125 12.06 13.08 8.87
N ASN D 126 12.10 14.33 9.35
CA ASN D 126 12.81 15.42 8.70
C ASN D 126 13.18 16.44 9.78
N ARG D 127 14.11 16.03 10.65
CA ARG D 127 14.48 16.81 11.82
C ARG D 127 15.40 17.97 11.43
N TYR D 128 15.62 18.86 12.39
CA TYR D 128 16.50 20.01 12.36
C TYR D 128 17.85 19.68 13.00
N PRO D 129 18.94 20.35 12.59
CA PRO D 129 18.90 21.37 11.53
C PRO D 129 18.99 20.75 10.14
N ALA D 130 18.86 21.59 9.12
CA ALA D 130 18.87 21.14 7.73
C ALA D 130 18.83 22.34 6.79
N GLN D 131 19.75 22.35 5.83
CA GLN D 131 19.86 23.41 4.83
C GLN D 131 20.67 22.83 3.67
N PRO D 132 20.11 22.78 2.47
CA PRO D 132 20.84 22.18 1.35
C PRO D 132 22.10 22.97 1.02
N GLY D 133 22.93 22.37 0.18
CA GLY D 133 24.14 23.02 -0.27
C GLY D 133 23.89 23.86 -1.49
N SER D 134 24.70 23.69 -2.53
CA SER D 134 24.45 24.36 -3.80
C SER D 134 23.86 23.45 -4.86
N ASP D 135 24.13 22.14 -4.78
CA ASP D 135 23.57 21.17 -5.71
C ASP D 135 23.24 19.90 -4.94
N ASN D 136 21.96 19.74 -4.58
CA ASN D 136 21.50 18.56 -3.85
C ASN D 136 20.50 17.73 -4.66
N ARG D 137 20.53 17.85 -5.99
CA ARG D 137 19.62 17.10 -6.82
C ARG D 137 19.94 15.61 -6.76
N GLU D 138 18.91 14.79 -6.94
CA GLU D 138 19.04 13.34 -6.84
C GLU D 138 18.49 12.68 -8.09
N CYS D 139 18.94 11.44 -8.32
CA CYS D 139 18.53 10.65 -9.47
C CYS D 139 17.36 9.77 -9.05
N LEU D 140 16.15 10.21 -9.36
CA LEU D 140 14.93 9.54 -8.93
C LEU D 140 14.05 9.22 -10.12
N SER D 141 13.05 8.36 -9.88
CA SER D 141 12.08 7.98 -10.90
C SER D 141 10.72 7.78 -10.23
N MET D 142 9.69 7.62 -11.05
CA MET D 142 8.33 7.50 -10.55
C MET D 142 7.45 6.95 -11.66
N ASP D 143 6.24 6.53 -11.27
CA ASP D 143 5.21 6.11 -12.21
C ASP D 143 4.10 7.16 -12.23
N TYR D 144 3.67 7.53 -13.43
CA TYR D 144 2.78 8.68 -13.58
C TYR D 144 1.33 8.31 -13.26
N LYS D 145 0.49 9.32 -13.25
CA LYS D 145 -0.96 9.13 -13.12
C LYS D 145 -1.50 8.35 -14.31
N GLN D 146 -2.41 7.41 -14.03
CA GLN D 146 -3.01 6.60 -15.08
C GLN D 146 -4.17 7.36 -15.72
N THR D 147 -4.17 7.39 -17.06
CA THR D 147 -5.19 8.13 -17.79
C THR D 147 -5.57 7.37 -19.06
N GLN D 148 -6.86 7.09 -19.21
CA GLN D 148 -7.43 6.60 -20.44
C GLN D 148 -8.49 7.58 -20.92
N LEU D 149 -8.49 7.87 -22.22
CA LEU D 149 -9.50 8.76 -22.78
C LEU D 149 -9.52 8.60 -24.29
N CYS D 150 -10.70 8.86 -24.87
CA CYS D 150 -10.84 8.88 -26.32
C CYS D 150 -11.90 9.91 -26.69
N LEU D 151 -11.55 10.81 -27.61
CA LEU D 151 -12.46 11.82 -28.12
C LEU D 151 -12.61 11.63 -29.62
N ILE D 152 -13.86 11.71 -30.11
CA ILE D 152 -14.15 11.55 -31.52
C ILE D 152 -14.93 12.77 -32.00
N GLY D 153 -14.50 13.33 -33.13
CA GLY D 153 -15.18 14.48 -33.71
C GLY D 153 -14.59 14.79 -35.07
N CYS D 154 -15.25 15.74 -35.76
CA CYS D 154 -14.78 16.20 -37.06
C CYS D 154 -13.92 17.46 -36.94
N LYS D 155 -13.59 17.88 -35.73
CA LYS D 155 -12.76 19.03 -35.44
C LYS D 155 -11.72 18.64 -34.41
N PRO D 156 -10.48 19.11 -34.54
CA PRO D 156 -9.46 18.75 -33.57
C PRO D 156 -9.84 19.22 -32.18
N PRO D 157 -9.46 18.48 -31.14
CA PRO D 157 -9.90 18.82 -29.79
C PRO D 157 -9.16 20.05 -29.25
N THR D 158 -9.80 20.71 -28.30
CA THR D 158 -9.28 21.91 -27.66
C THR D 158 -8.83 21.55 -26.24
N GLY D 159 -7.56 21.81 -25.95
CA GLY D 159 -7.02 21.52 -24.63
C GLY D 159 -6.62 22.75 -23.86
N GLU D 160 -6.50 22.61 -22.53
CA GLU D 160 -6.15 23.72 -21.66
C GLU D 160 -4.84 23.42 -20.95
N HIS D 161 -4.07 24.48 -20.70
CA HIS D 161 -2.82 24.37 -19.96
C HIS D 161 -2.47 25.75 -19.41
N TRP D 162 -1.78 25.74 -18.27
CA TRP D 162 -1.36 26.97 -17.61
C TRP D 162 0.02 27.39 -18.09
N GLY D 163 0.16 28.67 -18.46
CA GLY D 163 1.42 29.21 -18.91
C GLY D 163 1.74 30.52 -18.21
N LYS D 164 2.90 31.07 -18.57
CA LYS D 164 3.33 32.34 -17.99
C LYS D 164 2.50 33.48 -18.55
N GLY D 165 1.80 34.17 -17.65
CA GLY D 165 0.98 35.31 -18.00
C GLY D 165 1.75 36.61 -17.95
N VAL D 166 1.00 37.70 -17.79
CA VAL D 166 1.60 39.02 -17.68
C VAL D 166 1.18 39.69 -16.37
N ALA D 173 3.40 44.87 -7.21
CA ALA D 173 3.93 43.51 -7.20
C ALA D 173 4.76 43.26 -5.94
N ALA D 174 4.21 42.47 -5.02
CA ALA D 174 4.89 42.12 -3.78
C ALA D 174 5.62 40.78 -3.87
N THR D 175 5.23 39.91 -4.80
CA THR D 175 5.89 38.63 -5.01
C THR D 175 6.51 38.60 -6.40
N ASP D 176 7.60 37.83 -6.53
CA ASP D 176 8.23 37.59 -7.82
C ASP D 176 7.70 36.33 -8.49
N CYS D 177 6.61 35.77 -7.98
CA CYS D 177 6.01 34.60 -8.60
C CYS D 177 5.51 34.96 -10.00
N PRO D 178 5.76 34.12 -11.00
CA PRO D 178 5.32 34.45 -12.36
C PRO D 178 3.80 34.42 -12.47
N PRO D 179 3.22 35.35 -13.21
CA PRO D 179 1.76 35.36 -13.37
C PRO D 179 1.28 34.19 -14.21
N LEU D 180 0.18 33.57 -13.78
CA LEU D 180 -0.38 32.40 -14.43
C LEU D 180 -1.56 32.79 -15.32
N GLU D 181 -1.58 32.23 -16.53
CA GLU D 181 -2.68 32.44 -17.46
C GLU D 181 -3.12 31.10 -18.03
N LEU D 182 -4.44 30.91 -18.13
CA LEU D 182 -5.01 29.68 -18.66
C LEU D 182 -5.14 29.81 -20.18
N PHE D 183 -4.40 28.98 -20.90
CA PHE D 183 -4.36 29.03 -22.36
C PHE D 183 -5.12 27.86 -22.96
N ASN D 184 -5.83 28.13 -24.06
CA ASN D 184 -6.44 27.10 -24.88
C ASN D 184 -5.61 26.90 -26.14
N SER D 185 -5.56 25.63 -26.59
CA SER D 185 -4.77 25.30 -27.78
C SER D 185 -5.30 24.00 -28.36
N ILE D 186 -4.99 23.79 -29.63
CA ILE D 186 -5.37 22.54 -30.31
C ILE D 186 -4.39 21.45 -29.89
N ILE D 187 -4.94 20.35 -29.37
CA ILE D 187 -4.10 19.23 -28.95
C ILE D 187 -3.59 18.51 -30.19
N GLU D 188 -2.28 18.54 -30.38
CA GLU D 188 -1.63 17.90 -31.52
C GLU D 188 -1.10 16.53 -31.13
N ASP D 189 -0.91 15.68 -32.15
CA ASP D 189 -0.36 14.35 -31.92
C ASP D 189 1.05 14.45 -31.37
N GLY D 190 1.28 13.84 -30.20
CA GLY D 190 2.55 13.87 -29.53
C GLY D 190 2.62 14.76 -28.31
N ASP D 191 1.63 15.62 -28.09
CA ASP D 191 1.61 16.45 -26.90
C ASP D 191 1.49 15.59 -25.65
N MET D 192 2.10 16.07 -24.56
CA MET D 192 2.11 15.34 -23.30
C MET D 192 0.83 15.60 -22.53
N VAL D 193 0.26 14.54 -21.97
CA VAL D 193 -0.90 14.64 -21.09
C VAL D 193 -0.42 14.94 -19.68
N ASP D 194 -1.33 15.43 -18.84
CA ASP D 194 -1.00 15.71 -17.44
C ASP D 194 -0.60 14.42 -16.73
N THR D 195 0.41 14.51 -15.87
CA THR D 195 0.98 13.35 -15.22
C THR D 195 0.80 13.34 -13.71
N GLY D 196 0.08 14.30 -13.15
CA GLY D 196 -0.04 14.47 -11.72
C GLY D 196 0.62 15.73 -11.20
N PHE D 197 1.41 16.40 -12.03
CA PHE D 197 2.01 17.68 -11.69
C PHE D 197 1.21 18.86 -12.24
N GLY D 198 0.04 18.59 -12.81
CA GLY D 198 -0.80 19.62 -13.38
C GLY D 198 -0.63 19.74 -14.88
N CYS D 199 -1.50 20.53 -15.49
CA CYS D 199 -1.44 20.84 -16.91
C CYS D 199 -0.85 22.23 -17.07
N MET D 200 0.47 22.28 -17.28
CA MET D 200 1.18 23.56 -17.32
C MET D 200 2.35 23.46 -18.27
N ASP D 201 2.91 24.63 -18.59
CA ASP D 201 4.12 24.74 -19.41
C ASP D 201 5.32 24.68 -18.48
N PHE D 202 5.89 23.48 -18.32
CA PHE D 202 7.03 23.32 -17.43
C PHE D 202 8.28 24.00 -17.96
N GLY D 203 8.37 24.16 -19.29
CA GLY D 203 9.54 24.80 -19.86
C GLY D 203 9.64 26.27 -19.50
N THR D 204 8.51 26.95 -19.35
CA THR D 204 8.50 28.39 -19.06
C THR D 204 8.22 28.71 -17.60
N LEU D 205 7.50 27.84 -16.89
CA LEU D 205 7.13 28.11 -15.50
C LEU D 205 8.07 27.46 -14.49
N GLN D 206 8.91 26.52 -14.91
CA GLN D 206 9.91 25.89 -14.04
C GLN D 206 11.25 26.05 -14.74
N ALA D 207 11.98 27.11 -14.37
CA ALA D 207 13.19 27.49 -15.11
C ALA D 207 14.37 26.56 -14.83
N ASN D 208 14.38 25.87 -13.69
CA ASN D 208 15.54 25.06 -13.34
C ASN D 208 15.61 23.75 -14.10
N LYS D 209 14.57 23.39 -14.85
CA LYS D 209 14.53 22.16 -15.65
C LYS D 209 14.75 20.91 -14.81
N SER D 210 14.46 20.97 -13.51
CA SER D 210 14.77 19.85 -12.62
C SER D 210 13.66 19.53 -11.63
N ASP D 211 12.49 20.15 -11.73
CA ASP D 211 11.41 19.90 -10.79
C ASP D 211 10.52 18.73 -11.22
N VAL D 212 10.51 18.39 -12.50
CA VAL D 212 9.73 17.26 -13.00
C VAL D 212 10.64 16.44 -13.91
N PRO D 213 10.30 15.16 -14.14
CA PRO D 213 11.16 14.31 -14.96
C PRO D 213 11.37 14.87 -16.37
N ILE D 214 12.37 14.31 -17.04
CA ILE D 214 12.89 14.91 -18.27
C ILE D 214 11.92 14.86 -19.43
N ASP D 215 10.95 13.95 -19.42
CA ASP D 215 10.04 13.84 -20.55
C ASP D 215 8.95 14.90 -20.54
N ILE D 216 8.89 15.74 -19.51
CA ILE D 216 7.89 16.80 -19.44
C ILE D 216 8.53 18.09 -18.95
N CYS D 217 9.79 18.02 -18.51
CA CYS D 217 10.44 19.18 -17.93
C CYS D 217 10.67 20.29 -18.95
N ASN D 218 10.72 19.96 -20.23
CA ASN D 218 10.85 20.95 -21.30
C ASN D 218 9.67 20.85 -22.26
N SER D 219 8.53 20.37 -21.77
CA SER D 219 7.34 20.19 -22.58
C SER D 219 6.16 20.87 -21.89
N THR D 220 5.01 20.85 -22.56
CA THR D 220 3.78 21.42 -22.03
C THR D 220 2.75 20.30 -21.91
N CYS D 221 2.21 20.13 -20.70
CA CYS D 221 1.19 19.14 -20.45
C CYS D 221 -0.19 19.76 -20.66
N LYS D 222 -1.01 19.12 -21.50
CA LYS D 222 -2.32 19.63 -21.86
C LYS D 222 -3.40 18.69 -21.37
N TYR D 223 -4.50 19.27 -20.89
CA TYR D 223 -5.71 18.56 -20.49
C TYR D 223 -6.88 18.98 -21.37
N PRO D 224 -7.71 18.04 -21.80
CA PRO D 224 -8.83 18.41 -22.69
C PRO D 224 -9.79 19.35 -21.99
N ASP D 225 -10.08 20.48 -22.64
CA ASP D 225 -11.04 21.44 -22.13
C ASP D 225 -12.44 20.92 -22.44
N TYR D 226 -12.89 19.97 -21.62
CA TYR D 226 -14.18 19.33 -21.84
C TYR D 226 -15.31 20.34 -21.79
N LEU D 227 -15.21 21.34 -20.91
CA LEU D 227 -16.29 22.33 -20.79
C LEU D 227 -16.41 23.18 -22.04
N LYS D 228 -15.28 23.65 -22.58
CA LYS D 228 -15.31 24.46 -23.79
C LYS D 228 -15.79 23.66 -24.99
N MET D 229 -15.28 22.43 -25.16
CA MET D 229 -15.67 21.62 -26.30
C MET D 229 -17.12 21.16 -26.20
N ALA D 230 -17.66 21.08 -24.99
CA ALA D 230 -19.08 20.72 -24.83
C ALA D 230 -19.99 21.92 -25.02
N SER D 231 -19.51 23.12 -24.72
CA SER D 231 -20.33 24.33 -24.79
C SER D 231 -20.26 25.02 -26.15
N GLU D 232 -19.48 24.51 -27.09
CA GLU D 232 -19.46 25.10 -28.42
C GLU D 232 -20.80 24.85 -29.11
N PRO D 233 -21.24 25.79 -29.95
CA PRO D 233 -22.64 25.73 -30.43
C PRO D 233 -22.95 24.52 -31.29
N TYR D 234 -22.13 24.24 -32.31
CA TYR D 234 -22.45 23.14 -33.23
C TYR D 234 -22.04 21.78 -32.69
N GLY D 235 -21.12 21.73 -31.73
CA GLY D 235 -20.70 20.46 -31.17
C GLY D 235 -19.89 19.60 -32.12
N ASP D 236 -18.98 20.21 -32.88
CA ASP D 236 -18.16 19.48 -33.82
C ASP D 236 -16.95 18.80 -33.18
N SER D 237 -16.62 19.17 -31.95
CA SER D 237 -15.41 18.62 -31.33
C SER D 237 -15.68 17.29 -30.66
N LEU D 238 -16.77 17.18 -29.90
CA LEU D 238 -17.04 16.00 -29.08
C LEU D 238 -18.35 15.35 -29.52
N PHE D 239 -18.26 14.45 -30.49
CA PHE D 239 -19.38 13.56 -30.79
C PHE D 239 -19.63 12.59 -29.64
N PHE D 240 -18.55 12.17 -28.98
CA PHE D 240 -18.56 11.08 -28.00
C PHE D 240 -17.19 11.03 -27.35
N PHE D 241 -17.16 10.69 -26.06
CA PHE D 241 -15.87 10.60 -25.40
C PHE D 241 -15.98 9.71 -24.17
N LEU D 242 -14.86 9.08 -23.83
CA LEU D 242 -14.71 8.29 -22.62
C LEU D 242 -13.47 8.75 -21.89
N ARG D 243 -13.46 8.57 -20.57
CA ARG D 243 -12.32 9.01 -19.78
C ARG D 243 -12.28 8.24 -18.47
N ARG D 244 -11.07 7.88 -18.04
CA ARG D 244 -10.86 7.21 -16.76
C ARG D 244 -9.49 7.60 -16.25
N GLU D 245 -9.45 8.43 -15.21
CA GLU D 245 -8.21 8.89 -14.60
C GLU D 245 -8.12 8.37 -13.18
N GLN D 246 -6.90 8.10 -12.72
CA GLN D 246 -6.71 7.73 -11.33
C GLN D 246 -5.25 7.97 -10.94
N MET D 247 -5.06 8.39 -9.69
CA MET D 247 -3.72 8.61 -9.14
C MET D 247 -3.83 8.75 -7.63
N PHE D 248 -2.70 8.51 -6.96
CA PHE D 248 -2.58 8.77 -5.52
C PHE D 248 -1.17 9.25 -5.23
N VAL D 249 -0.97 9.71 -4.00
CA VAL D 249 0.32 10.25 -3.58
C VAL D 249 1.18 9.11 -3.04
N ARG D 250 2.32 8.87 -3.69
CA ARG D 250 3.23 7.79 -3.32
C ARG D 250 4.24 8.25 -2.26
N HIS D 251 4.89 9.38 -2.48
CA HIS D 251 5.90 9.89 -1.56
C HIS D 251 5.74 11.39 -1.39
N PHE D 252 6.40 11.93 -0.35
CA PHE D 252 6.35 13.34 -0.01
C PHE D 252 7.77 13.87 0.06
N PHE D 253 8.07 14.90 -0.74
CA PHE D 253 9.38 15.52 -0.77
C PHE D 253 9.21 17.03 -0.63
N ASN D 254 10.35 17.72 -0.54
CA ASN D 254 10.38 19.18 -0.55
C ASN D 254 11.44 19.66 -1.53
N ARG D 255 11.31 20.91 -1.95
CA ARG D 255 12.19 21.48 -2.95
C ARG D 255 13.41 22.12 -2.30
N ALA D 256 14.52 22.09 -3.03
CA ALA D 256 15.73 22.81 -2.65
C ALA D 256 15.76 24.16 -3.37
N GLY D 257 16.40 25.12 -2.72
CA GLY D 257 16.48 26.48 -3.24
C GLY D 257 15.73 27.46 -2.36
N LYS D 258 15.86 28.74 -2.73
CA LYS D 258 15.25 29.81 -1.96
C LYS D 258 13.73 29.71 -2.01
N LEU D 259 13.10 29.70 -0.84
CA LEU D 259 11.64 29.72 -0.75
C LEU D 259 11.16 31.12 -1.12
N GLY D 260 10.45 31.23 -2.24
CA GLY D 260 10.07 32.55 -2.73
C GLY D 260 9.05 33.23 -1.84
N GLU D 261 8.12 32.48 -1.29
CA GLU D 261 7.07 33.01 -0.41
C GLU D 261 7.24 32.39 0.96
N ALA D 262 7.79 33.18 1.89
CA ALA D 262 8.04 32.67 3.24
C ALA D 262 6.73 32.50 4.00
N VAL D 263 6.73 31.57 4.93
CA VAL D 263 5.55 31.35 5.77
C VAL D 263 5.36 32.56 6.67
N PRO D 264 4.17 33.16 6.71
CA PRO D 264 3.94 34.32 7.56
C PRO D 264 4.12 33.98 9.04
N ASP D 265 4.42 35.03 9.82
CA ASP D 265 4.80 34.84 11.21
C ASP D 265 3.64 34.37 12.08
N ASP D 266 2.41 34.55 11.64
CA ASP D 266 1.25 34.18 12.44
C ASP D 266 0.89 32.70 12.33
N LEU D 267 1.66 31.92 11.57
CA LEU D 267 1.35 30.50 11.37
C LEU D 267 2.29 29.57 12.13
N TYR D 268 3.26 30.10 12.86
CA TYR D 268 4.20 29.26 13.59
C TYR D 268 4.93 30.10 14.64
N ILE D 269 5.42 29.41 15.65
CA ILE D 269 6.28 30.02 16.67
C ILE D 269 7.73 29.81 16.27
N LYS D 270 8.50 30.88 16.29
CA LYS D 270 9.90 30.80 15.88
C LYS D 270 10.68 29.84 16.77
N GLY D 271 11.69 29.19 16.19
CA GLY D 271 12.53 28.26 16.91
C GLY D 271 13.83 28.89 17.38
N SER D 272 14.71 28.03 17.87
CA SER D 272 16.01 28.47 18.37
C SER D 272 16.95 27.27 18.41
N GLY D 273 18.24 27.56 18.42
CA GLY D 273 19.25 26.51 18.43
C GLY D 273 19.30 25.71 17.15
N ASN D 274 19.04 24.41 17.24
CA ASN D 274 19.02 23.58 16.05
C ASN D 274 17.89 23.99 15.10
N THR D 275 16.77 24.44 15.65
CA THR D 275 15.62 24.85 14.87
C THR D 275 15.64 26.34 14.54
N ALA D 276 16.82 26.97 14.56
CA ALA D 276 16.89 28.41 14.31
C ALA D 276 16.66 28.73 12.84
N VAL D 277 17.18 27.90 11.94
CA VAL D 277 17.05 28.10 10.50
C VAL D 277 15.90 27.25 10.00
N ILE D 278 14.85 27.90 9.49
CA ILE D 278 13.66 27.18 9.07
C ILE D 278 13.92 26.42 7.79
N GLN D 279 13.31 25.24 7.67
CA GLN D 279 13.45 24.42 6.47
C GLN D 279 12.44 24.84 5.42
N SER D 280 12.71 24.42 4.18
CA SER D 280 11.87 24.82 3.06
C SER D 280 10.53 24.10 3.13
N SER D 281 9.45 24.87 3.12
CA SER D 281 8.09 24.34 3.12
C SER D 281 7.51 24.24 1.71
N ALA D 282 8.36 24.20 0.68
CA ALA D 282 7.90 24.04 -0.69
C ALA D 282 7.79 22.55 -0.98
N PHE D 283 6.68 21.97 -0.53
CA PHE D 283 6.47 20.54 -0.70
C PHE D 283 5.95 20.24 -2.10
N PHE D 284 6.15 18.98 -2.52
CA PHE D 284 5.59 18.50 -3.78
C PHE D 284 5.47 16.99 -3.68
N PRO D 285 4.36 16.40 -4.14
CA PRO D 285 4.23 14.94 -4.05
C PRO D 285 4.60 14.23 -5.34
N THR D 286 4.86 12.93 -5.24
CA THR D 286 5.06 12.12 -6.44
C THR D 286 3.81 11.30 -6.70
N PRO D 287 3.26 11.33 -7.90
CA PRO D 287 2.03 10.58 -8.18
C PRO D 287 2.31 9.12 -8.49
N SER D 288 1.21 8.38 -8.65
CA SER D 288 1.25 6.96 -9.00
C SER D 288 -0.14 6.61 -9.51
N GLY D 289 -0.24 6.10 -10.73
CA GLY D 289 -1.54 5.72 -11.23
C GLY D 289 -1.93 4.30 -10.88
N SER D 290 -1.69 3.92 -9.63
CA SER D 290 -1.97 2.60 -9.06
C SER D 290 -1.94 1.46 -10.08
N ILE D 291 -2.85 0.51 -9.94
CA ILE D 291 -2.84 -0.73 -10.71
C ILE D 291 -3.62 -0.55 -12.00
N VAL D 292 -3.23 -1.33 -13.02
CA VAL D 292 -3.94 -1.39 -14.28
C VAL D 292 -4.57 -2.76 -14.39
N THR D 293 -5.78 -2.82 -14.96
CA THR D 293 -6.51 -4.07 -15.08
C THR D 293 -7.18 -4.15 -16.45
N SER D 294 -7.43 -5.39 -16.88
CA SER D 294 -8.20 -5.61 -18.10
C SER D 294 -9.64 -5.16 -17.93
N GLU D 295 -10.19 -5.28 -16.71
CA GLU D 295 -11.58 -4.93 -16.47
C GLU D 295 -11.84 -3.43 -16.65
N SER D 296 -10.82 -2.60 -16.50
CA SER D 296 -10.96 -1.16 -16.62
C SER D 296 -10.59 -0.64 -18.01
N GLN D 297 -10.37 -1.53 -18.97
CA GLN D 297 -9.98 -1.12 -20.30
C GLN D 297 -11.14 -0.42 -21.01
N LEU D 298 -10.83 0.66 -21.71
CA LEU D 298 -11.80 1.37 -22.53
C LEU D 298 -11.77 0.97 -24.00
N PHE D 299 -10.71 0.30 -24.44
CA PHE D 299 -10.47 0.04 -25.84
C PHE D 299 -10.73 -1.43 -26.16
N ASN D 300 -10.48 -1.80 -27.42
CA ASN D 300 -10.73 -3.15 -27.94
C ASN D 300 -12.20 -3.55 -27.79
N LYS D 301 -13.09 -2.57 -27.73
CA LYS D 301 -14.53 -2.80 -27.65
C LYS D 301 -15.24 -1.78 -28.52
N PRO D 302 -16.35 -2.17 -29.13
CA PRO D 302 -17.03 -1.26 -30.08
C PRO D 302 -17.86 -0.20 -29.36
N TYR D 303 -17.84 1.01 -29.92
CA TYR D 303 -18.70 2.10 -29.50
C TYR D 303 -19.70 2.38 -30.62
N TRP D 304 -20.98 2.46 -30.27
CA TRP D 304 -22.03 2.74 -31.24
C TRP D 304 -22.50 4.17 -31.02
N LEU D 305 -22.21 5.05 -31.99
CA LEU D 305 -22.57 6.46 -31.90
C LEU D 305 -23.99 6.64 -32.44
N GLN D 306 -24.95 6.39 -31.56
CA GLN D 306 -26.36 6.48 -31.95
C GLN D 306 -26.90 7.91 -31.83
N ARG D 307 -26.73 8.54 -30.67
CA ARG D 307 -27.19 9.91 -30.47
C ARG D 307 -26.17 10.66 -29.65
N ALA D 308 -25.56 11.68 -30.24
CA ALA D 308 -24.58 12.50 -29.55
C ALA D 308 -25.27 13.56 -28.69
N GLN D 309 -24.55 14.00 -27.66
CA GLN D 309 -25.08 15.03 -26.78
C GLN D 309 -25.07 16.40 -27.45
N GLY D 310 -24.19 16.61 -28.43
CA GLY D 310 -24.17 17.84 -29.19
C GLY D 310 -25.16 17.81 -30.34
N HIS D 311 -25.20 18.93 -31.06
CA HIS D 311 -26.11 19.05 -32.20
C HIS D 311 -25.63 18.28 -33.43
N ASN D 312 -24.32 18.03 -33.55
CA ASN D 312 -23.78 17.26 -34.66
C ASN D 312 -23.81 15.79 -34.25
N ASN D 313 -24.66 15.00 -34.91
CA ASN D 313 -24.85 13.59 -34.56
C ASN D 313 -23.94 12.70 -35.42
N GLY D 314 -22.64 13.00 -35.36
CA GLY D 314 -21.65 12.18 -36.03
C GLY D 314 -21.44 12.47 -37.50
N ILE D 315 -21.85 13.63 -37.98
CA ILE D 315 -21.68 13.98 -39.38
C ILE D 315 -20.24 14.44 -39.59
N CYS D 316 -19.55 13.82 -40.55
CA CYS D 316 -18.14 14.11 -40.80
C CYS D 316 -18.02 15.15 -41.90
N TRP D 317 -18.18 16.41 -41.52
CA TRP D 317 -18.01 17.50 -42.46
C TRP D 317 -16.56 17.53 -42.97
N GLY D 318 -16.41 17.93 -44.24
CA GLY D 318 -15.09 17.97 -44.84
C GLY D 318 -14.49 16.61 -45.16
N ASN D 319 -15.26 15.53 -45.01
CA ASN D 319 -14.78 14.18 -45.31
C ASN D 319 -13.55 13.82 -44.50
N GLN D 320 -13.51 14.27 -43.24
CA GLN D 320 -12.38 13.99 -42.36
C GLN D 320 -12.90 13.67 -40.97
N LEU D 321 -12.00 13.16 -40.13
CA LEU D 321 -12.37 12.70 -38.80
C LEU D 321 -11.15 12.84 -37.88
N PHE D 322 -11.42 12.99 -36.58
CA PHE D 322 -10.37 13.16 -35.58
C PHE D 322 -10.64 12.23 -34.41
N VAL D 323 -9.68 11.35 -34.12
CA VAL D 323 -9.76 10.41 -33.01
C VAL D 323 -8.59 10.70 -32.08
N THR D 324 -8.89 11.17 -30.87
CA THR D 324 -7.89 11.46 -29.86
C THR D 324 -7.87 10.34 -28.84
N VAL D 325 -6.69 9.79 -28.55
CA VAL D 325 -6.55 8.64 -27.66
C VAL D 325 -5.39 8.88 -26.70
N VAL D 326 -5.63 8.60 -25.42
CA VAL D 326 -4.59 8.52 -24.41
C VAL D 326 -4.76 7.20 -23.67
N ASP D 327 -3.68 6.41 -23.61
CA ASP D 327 -3.75 5.08 -22.99
C ASP D 327 -2.42 4.82 -22.29
N THR D 328 -2.40 5.07 -20.98
CA THR D 328 -1.22 4.81 -20.16
C THR D 328 -1.17 3.39 -19.62
N THR D 329 -2.17 2.57 -19.93
CA THR D 329 -2.21 1.19 -19.46
C THR D 329 -1.30 0.26 -20.26
N ARG D 330 -0.60 0.79 -21.26
CA ARG D 330 0.35 0.03 -22.07
C ARG D 330 1.64 0.81 -22.24
N SER D 331 2.12 1.41 -21.14
CA SER D 331 3.27 2.30 -21.16
C SER D 331 4.58 1.59 -20.83
N THR D 332 4.62 0.27 -20.95
CA THR D 332 5.84 -0.48 -20.64
C THR D 332 7.00 -0.02 -21.51
N ASN D 333 8.13 0.29 -20.88
CA ASN D 333 9.33 0.70 -21.57
C ASN D 333 10.30 -0.48 -21.60
N MET D 334 10.59 -0.99 -22.79
CA MET D 334 11.46 -2.14 -22.92
C MET D 334 12.92 -1.74 -22.77
N THR D 335 13.67 -2.53 -22.02
CA THR D 335 15.09 -2.30 -21.80
C THR D 335 15.90 -3.13 -22.79
N LEU D 336 16.77 -2.46 -23.55
CA LEU D 336 17.67 -3.12 -24.48
C LEU D 336 19.11 -2.95 -24.03
N CYS D 337 19.92 -3.98 -24.28
CA CYS D 337 21.30 -4.02 -23.80
C CYS D 337 22.17 -4.67 -24.86
N THR D 338 23.19 -3.95 -25.31
CA THR D 338 24.13 -4.44 -26.31
C THR D 338 25.47 -4.73 -25.65
N GLU D 339 26.15 -5.74 -26.18
CA GLU D 339 27.45 -6.17 -25.67
C GLU D 339 28.54 -5.51 -26.53
N VAL D 340 29.29 -4.59 -25.93
CA VAL D 340 30.34 -3.89 -26.66
C VAL D 340 31.63 -4.71 -26.69
N THR D 341 31.95 -5.38 -25.58
CA THR D 341 33.13 -6.20 -25.48
C THR D 341 32.77 -7.50 -24.79
N LYS D 342 33.06 -8.63 -25.43
CA LYS D 342 32.74 -9.94 -24.88
C LYS D 342 33.90 -10.43 -24.02
N GLU D 343 33.62 -10.71 -22.75
CA GLU D 343 34.62 -11.22 -21.83
C GLU D 343 34.01 -12.35 -21.00
N GLY D 344 34.88 -13.14 -20.38
CA GLY D 344 34.42 -14.25 -19.56
C GLY D 344 33.76 -13.83 -18.27
N THR D 345 33.98 -12.59 -17.82
CA THR D 345 33.38 -12.07 -16.61
C THR D 345 32.58 -10.81 -16.93
N TYR D 346 31.61 -10.52 -16.07
CA TYR D 346 30.73 -9.37 -16.28
C TYR D 346 31.47 -8.09 -15.87
N LYS D 347 31.46 -7.10 -16.77
CA LYS D 347 31.97 -5.78 -16.48
C LYS D 347 30.96 -4.74 -16.98
N ASN D 348 30.70 -3.73 -16.16
CA ASN D 348 29.70 -2.73 -16.49
C ASN D 348 30.04 -1.99 -17.78
N ASP D 349 31.33 -1.69 -17.98
CA ASP D 349 31.74 -0.93 -19.16
C ASP D 349 31.68 -1.75 -20.45
N ASN D 350 31.31 -3.03 -20.38
CA ASN D 350 31.21 -3.87 -21.57
C ASN D 350 29.82 -3.84 -22.20
N PHE D 351 28.87 -3.10 -21.64
CA PHE D 351 27.51 -3.10 -22.14
C PHE D 351 26.98 -1.67 -22.22
N LYS D 352 26.07 -1.45 -23.17
CA LYS D 352 25.37 -0.19 -23.32
C LYS D 352 23.87 -0.44 -23.16
N GLU D 353 23.21 0.44 -22.40
CA GLU D 353 21.80 0.29 -22.08
C GLU D 353 20.97 1.32 -22.84
N TYR D 354 19.88 0.85 -23.45
CA TYR D 354 18.96 1.70 -24.18
C TYR D 354 17.54 1.44 -23.69
N VAL D 355 16.66 2.41 -23.91
CA VAL D 355 15.26 2.31 -23.53
C VAL D 355 14.40 2.65 -24.74
N ARG D 356 13.43 1.79 -25.04
CA ARG D 356 12.54 1.97 -26.17
C ARG D 356 11.10 1.73 -25.74
N HIS D 357 10.17 2.39 -26.43
CA HIS D 357 8.75 2.26 -26.18
C HIS D 357 8.01 2.11 -27.50
N VAL D 358 6.94 1.32 -27.49
CA VAL D 358 6.17 1.01 -28.68
C VAL D 358 4.69 1.27 -28.40
N GLU D 359 3.95 1.52 -29.48
CA GLU D 359 2.52 1.72 -29.42
C GLU D 359 1.88 1.06 -30.62
N GLU D 360 0.82 0.29 -30.40
CA GLU D 360 0.14 -0.46 -31.46
C GLU D 360 -1.34 -0.09 -31.46
N TYR D 361 -1.81 0.43 -32.59
CA TYR D 361 -3.21 0.82 -32.76
C TYR D 361 -3.81 0.09 -33.95
N ASP D 362 -5.14 -0.01 -33.95
CA ASP D 362 -5.88 -0.64 -35.03
C ASP D 362 -7.27 0.01 -35.05
N LEU D 363 -7.40 1.08 -35.83
CA LEU D 363 -8.64 1.84 -35.87
C LEU D 363 -9.63 1.17 -36.84
N GLN D 364 -10.86 0.97 -36.37
CA GLN D 364 -11.92 0.37 -37.16
C GLN D 364 -13.13 1.28 -37.12
N PHE D 365 -13.73 1.52 -38.30
CA PHE D 365 -14.85 2.45 -38.42
C PHE D 365 -15.96 1.81 -39.23
N VAL D 366 -17.19 2.21 -38.92
CA VAL D 366 -18.37 1.88 -39.71
C VAL D 366 -19.10 3.18 -40.00
N PHE D 367 -19.23 3.51 -41.28
CA PHE D 367 -19.82 4.78 -41.70
C PHE D 367 -21.18 4.56 -42.34
N GLN D 368 -22.06 5.54 -42.19
CA GLN D 368 -23.39 5.55 -42.78
C GLN D 368 -23.46 6.68 -43.79
N LEU D 369 -23.87 6.36 -45.02
CA LEU D 369 -23.96 7.36 -46.07
C LEU D 369 -25.19 8.23 -45.87
N CYS D 370 -25.02 9.54 -46.04
CA CYS D 370 -26.08 10.50 -45.81
C CYS D 370 -26.21 11.43 -47.00
N LYS D 371 -27.44 11.94 -47.18
CA LYS D 371 -27.74 12.90 -48.23
C LYS D 371 -28.41 14.13 -47.63
N ILE D 372 -28.18 15.28 -48.25
CA ILE D 372 -28.71 16.55 -47.78
C ILE D 372 -29.35 17.26 -48.96
N THR D 373 -30.66 17.51 -48.87
CA THR D 373 -31.37 18.26 -49.90
C THR D 373 -31.01 19.74 -49.74
N LEU D 374 -30.40 20.32 -50.78
CA LEU D 374 -29.82 21.66 -50.68
C LEU D 374 -30.88 22.70 -51.06
N THR D 375 -31.73 23.03 -50.09
CA THR D 375 -32.65 24.13 -50.23
C THR D 375 -31.95 25.44 -49.90
N ALA D 376 -32.62 26.56 -50.23
CA ALA D 376 -32.05 27.87 -49.95
C ALA D 376 -31.85 28.08 -48.45
N GLU D 377 -32.81 27.61 -47.64
CA GLU D 377 -32.68 27.71 -46.20
C GLU D 377 -31.52 26.87 -45.68
N ILE D 378 -31.38 25.65 -46.18
CA ILE D 378 -30.31 24.77 -45.73
C ILE D 378 -28.96 25.29 -46.19
N MET D 379 -28.89 25.85 -47.40
CA MET D 379 -27.64 26.44 -47.88
C MET D 379 -27.23 27.62 -47.01
N THR D 380 -28.19 28.42 -46.55
CA THR D 380 -27.87 29.54 -45.66
C THR D 380 -27.35 29.03 -44.33
N TYR D 381 -27.97 27.99 -43.77
CA TYR D 381 -27.51 27.43 -42.50
C TYR D 381 -26.11 26.86 -42.63
N ILE D 382 -25.84 26.11 -43.71
CA ILE D 382 -24.53 25.50 -43.89
C ILE D 382 -23.47 26.57 -44.15
N HIS D 383 -23.82 27.62 -44.90
CA HIS D 383 -22.86 28.67 -45.16
C HIS D 383 -22.48 29.43 -43.89
N THR D 384 -23.46 29.74 -43.05
CA THR D 384 -23.17 30.40 -41.78
C THR D 384 -22.40 29.48 -40.84
N MET D 385 -22.62 28.17 -40.94
CA MET D 385 -21.87 27.23 -40.12
C MET D 385 -20.43 27.10 -40.59
N ASP D 386 -20.24 26.81 -41.88
CA ASP D 386 -18.90 26.68 -42.46
C ASP D 386 -19.02 26.84 -43.96
N SER D 387 -18.46 27.93 -44.49
CA SER D 387 -18.55 28.19 -45.92
C SER D 387 -17.77 27.16 -46.73
N ASN D 388 -16.70 26.60 -46.17
CA ASN D 388 -15.89 25.61 -46.89
C ASN D 388 -16.68 24.35 -47.22
N ILE D 389 -17.74 24.06 -46.48
CA ILE D 389 -18.56 22.89 -46.79
C ILE D 389 -19.25 23.06 -48.15
N LEU D 390 -19.85 24.23 -48.38
CA LEU D 390 -20.49 24.48 -49.67
C LEU D 390 -19.46 24.64 -50.78
N GLU D 391 -18.31 25.24 -50.47
CA GLU D 391 -17.28 25.45 -51.49
C GLU D 391 -16.73 24.13 -52.00
N ASP D 392 -16.45 23.19 -51.09
CA ASP D 392 -15.93 21.90 -51.51
C ASP D 392 -16.97 21.07 -52.27
N TRP D 393 -18.26 21.29 -51.98
CA TRP D 393 -19.31 20.53 -52.63
C TRP D 393 -19.53 20.93 -54.09
N GLN D 394 -18.91 22.02 -54.54
CA GLN D 394 -19.00 22.47 -55.93
C GLN D 394 -20.45 22.79 -56.28
N PHE D 395 -21.06 23.65 -55.48
CA PHE D 395 -22.49 23.94 -55.56
C PHE D 395 -22.84 25.19 -54.76
N ASP D 430 -7.31 22.94 -44.61
CA ASP D 430 -6.17 23.73 -45.03
C ASP D 430 -5.42 24.41 -43.87
N PRO D 431 -6.13 25.11 -42.96
CA PRO D 431 -5.42 25.72 -41.82
C PRO D 431 -4.95 24.70 -40.80
N LEU D 432 -5.43 23.46 -40.86
CA LEU D 432 -4.99 22.42 -39.93
C LEU D 432 -3.66 21.81 -40.35
N ASN D 433 -3.07 22.24 -41.47
CA ASN D 433 -1.80 21.69 -41.93
C ASN D 433 -0.62 22.22 -41.13
N LYS D 434 -0.79 23.33 -40.40
CA LYS D 434 0.29 23.83 -39.56
C LYS D 434 0.45 23.01 -38.28
N TYR D 435 -0.50 22.13 -37.97
CA TYR D 435 -0.43 21.27 -36.81
C TYR D 435 0.11 19.89 -37.19
N THR D 436 0.48 19.12 -36.18
CA THR D 436 1.07 17.79 -36.37
C THR D 436 0.03 16.74 -35.97
N PHE D 437 -0.38 15.93 -36.94
CA PHE D 437 -1.32 14.84 -36.69
C PHE D 437 -0.78 13.54 -37.28
N TRP D 438 -1.33 12.43 -36.79
CA TRP D 438 -1.04 11.10 -37.35
C TRP D 438 -2.04 10.87 -38.47
N GLU D 439 -1.56 11.00 -39.71
CA GLU D 439 -2.44 10.89 -40.88
C GLU D 439 -2.87 9.44 -41.08
N VAL D 440 -4.18 9.21 -41.14
CA VAL D 440 -4.74 7.89 -41.38
C VAL D 440 -5.59 7.99 -42.64
N ASN D 441 -5.04 7.54 -43.77
CA ASN D 441 -5.71 7.66 -45.06
C ASN D 441 -6.58 6.44 -45.28
N LEU D 442 -7.90 6.64 -45.28
CA LEU D 442 -8.86 5.57 -45.52
C LEU D 442 -9.60 5.76 -46.84
N LYS D 443 -9.05 6.55 -47.76
CA LYS D 443 -9.71 6.78 -49.04
C LYS D 443 -9.80 5.50 -49.86
N GLU D 444 -8.81 4.61 -49.74
CA GLU D 444 -8.80 3.34 -50.43
C GLU D 444 -9.06 2.17 -49.48
N LYS D 445 -9.69 2.45 -48.34
CA LYS D 445 -9.97 1.43 -47.34
C LYS D 445 -11.45 1.19 -47.11
N PHE D 446 -12.33 1.85 -47.87
CA PHE D 446 -13.77 1.66 -47.71
C PHE D 446 -14.22 0.37 -48.38
N SER D 447 -15.11 -0.34 -47.70
CA SER D 447 -15.66 -1.59 -48.22
C SER D 447 -17.11 -1.71 -47.78
N ALA D 448 -17.98 -2.10 -48.72
CA ALA D 448 -19.39 -2.27 -48.42
C ALA D 448 -19.72 -3.64 -47.82
N ASP D 449 -18.75 -4.56 -47.76
CA ASP D 449 -18.97 -5.89 -47.22
C ASP D 449 -18.66 -5.86 -45.73
N LEU D 450 -19.68 -5.55 -44.91
CA LEU D 450 -19.47 -5.38 -43.48
C LEU D 450 -19.12 -6.71 -42.81
N ASP D 451 -19.79 -7.80 -43.20
CA ASP D 451 -19.60 -9.08 -42.53
C ASP D 451 -18.22 -9.68 -42.77
N GLN D 452 -17.38 -9.06 -43.58
CA GLN D 452 -16.03 -9.54 -43.83
C GLN D 452 -15.00 -8.94 -42.87
N PHE D 453 -15.45 -8.21 -41.85
CA PHE D 453 -14.58 -7.52 -40.91
C PHE D 453 -15.17 -7.65 -39.51
N PRO D 454 -14.32 -7.58 -38.47
CA PRO D 454 -14.83 -7.77 -37.10
C PRO D 454 -15.88 -6.75 -36.69
N LEU D 455 -15.55 -5.46 -36.78
CA LEU D 455 -16.51 -4.43 -36.38
C LEU D 455 -17.75 -4.44 -37.26
N GLY D 456 -17.60 -4.82 -38.53
CA GLY D 456 -18.76 -4.94 -39.40
C GLY D 456 -19.72 -6.01 -38.93
N ARG D 457 -19.20 -7.18 -38.59
CA ARG D 457 -20.05 -8.24 -38.05
C ARG D 457 -20.70 -7.81 -36.74
N LYS D 458 -19.95 -7.13 -35.87
CA LYS D 458 -20.52 -6.63 -34.63
C LYS D 458 -21.63 -5.63 -34.90
N PHE D 459 -21.47 -4.82 -35.94
CA PHE D 459 -22.51 -3.84 -36.29
C PHE D 459 -23.77 -4.54 -36.81
N LEU D 460 -23.60 -5.60 -37.59
CA LEU D 460 -24.75 -6.33 -38.11
C LEU D 460 -25.53 -7.01 -36.98
N LEU D 461 -24.82 -7.52 -35.97
CA LEU D 461 -25.51 -8.11 -34.81
C LEU D 461 -26.19 -7.03 -33.97
N GLN D 462 -25.54 -5.87 -33.83
CA GLN D 462 -26.08 -4.81 -33.00
C GLN D 462 -27.38 -4.25 -33.59
N SER D 463 -27.33 -3.87 -34.87
CA SER D 463 -28.48 -3.23 -35.52
C SER D 463 -29.54 -4.22 -35.96
N GLY D 464 -29.30 -5.52 -35.83
CA GLY D 464 -30.27 -6.52 -36.25
C GLY D 464 -30.32 -6.77 -37.75
N LEU D 465 -29.34 -6.29 -38.50
CA LEU D 465 -29.32 -6.49 -39.95
C LEU D 465 -28.80 -7.88 -40.30
N LYS E 12 -48.47 22.74 10.62
CA LYS E 12 -47.92 24.08 10.46
C LYS E 12 -47.32 24.28 9.07
N VAL E 13 -46.29 23.51 8.78
CA VAL E 13 -45.56 23.61 7.51
C VAL E 13 -46.17 22.65 6.50
N VAL E 14 -46.35 23.13 5.27
CA VAL E 14 -46.88 22.32 4.18
C VAL E 14 -45.89 22.34 3.02
N SER E 15 -46.01 21.35 2.14
CA SER E 15 -45.14 21.27 0.99
C SER E 15 -45.44 22.40 0.00
N THR E 16 -44.39 22.85 -0.68
CA THR E 16 -44.57 23.89 -1.70
C THR E 16 -45.39 23.41 -2.87
N ASP E 17 -45.52 22.09 -3.08
CA ASP E 17 -46.33 21.57 -4.16
C ASP E 17 -47.82 21.83 -3.98
N GLU E 18 -48.25 22.23 -2.79
CA GLU E 18 -49.67 22.43 -2.52
C GLU E 18 -50.14 23.86 -2.75
N TYR E 19 -49.23 24.84 -2.81
CA TYR E 19 -49.62 26.23 -3.00
C TYR E 19 -48.77 26.95 -4.05
N VAL E 20 -47.92 26.24 -4.78
CA VAL E 20 -47.13 26.81 -5.85
C VAL E 20 -47.48 26.06 -7.13
N SER E 21 -48.00 26.78 -8.12
CA SER E 21 -48.47 26.17 -9.36
C SER E 21 -47.35 26.15 -10.39
N ARG E 22 -47.10 24.98 -10.96
CA ARG E 22 -46.05 24.81 -11.96
C ARG E 22 -46.56 25.19 -13.34
N THR E 23 -45.69 25.81 -14.13
CA THR E 23 -45.99 26.15 -15.51
C THR E 23 -45.13 25.33 -16.46
N SER E 24 -45.42 25.45 -17.75
CA SER E 24 -44.67 24.78 -18.80
C SER E 24 -43.53 25.64 -19.33
N ILE E 25 -43.18 26.71 -18.64
CA ILE E 25 -42.13 27.62 -19.08
C ILE E 25 -40.82 27.23 -18.39
N TYR E 26 -39.78 26.99 -19.20
CA TYR E 26 -38.46 26.63 -18.69
C TYR E 26 -37.42 27.59 -19.23
N TYR E 27 -36.38 27.81 -18.43
CA TYR E 27 -35.29 28.71 -18.79
C TYR E 27 -33.96 28.09 -18.44
N TYR E 28 -32.96 28.31 -19.28
CA TYR E 28 -31.58 27.92 -18.98
C TYR E 28 -30.81 29.14 -18.51
N ALA E 29 -29.88 28.91 -17.58
CA ALA E 29 -29.00 29.95 -17.07
C ALA E 29 -27.62 29.35 -16.90
N GLY E 30 -26.63 29.93 -17.57
CA GLY E 30 -25.29 29.38 -17.47
C GLY E 30 -24.23 30.33 -17.00
N SER E 31 -23.59 29.96 -15.90
CA SER E 31 -22.43 30.67 -15.37
C SER E 31 -21.21 30.31 -16.21
N SER E 32 -20.59 31.31 -16.84
CA SER E 32 -19.41 31.10 -17.66
C SER E 32 -18.28 30.44 -16.88
N ARG E 33 -17.05 30.49 -17.39
CA ARG E 33 -15.95 29.80 -16.74
C ARG E 33 -15.42 30.66 -15.59
N LEU E 34 -15.42 30.07 -14.39
CA LEU E 34 -14.96 30.73 -13.18
C LEU E 34 -13.59 30.17 -12.79
N LEU E 35 -12.63 31.05 -12.55
CA LEU E 35 -11.28 30.67 -12.20
C LEU E 35 -10.88 31.31 -10.87
N ALA E 36 -10.11 30.57 -10.07
CA ALA E 36 -9.55 31.08 -8.83
C ALA E 36 -8.12 30.59 -8.73
N VAL E 37 -7.17 31.53 -8.61
CA VAL E 37 -5.76 31.23 -8.57
C VAL E 37 -5.15 31.92 -7.35
N GLY E 38 -4.43 31.16 -6.53
CA GLY E 38 -3.82 31.74 -5.35
C GLY E 38 -2.88 30.76 -4.69
N ASN E 39 -2.45 31.13 -3.48
CA ASN E 39 -1.56 30.32 -2.67
C ASN E 39 -2.37 29.34 -1.82
N PRO E 40 -2.08 28.03 -1.90
CA PRO E 40 -2.93 27.06 -1.19
C PRO E 40 -2.74 27.04 0.31
N TYR E 41 -1.70 27.67 0.85
CA TYR E 41 -1.40 27.59 2.28
C TYR E 41 -1.78 28.84 3.05
N PHE E 42 -1.59 30.02 2.47
CA PHE E 42 -1.87 31.28 3.17
C PHE E 42 -2.02 32.40 2.16
N SER E 43 -2.72 33.44 2.57
CA SER E 43 -2.88 34.64 1.75
C SER E 43 -1.70 35.58 1.93
N ILE E 44 -1.37 36.30 0.87
CA ILE E 44 -0.30 37.29 0.88
C ILE E 44 -0.93 38.67 0.74
N LYS E 45 -0.74 39.51 1.74
CA LYS E 45 -1.28 40.86 1.74
C LYS E 45 -0.22 41.86 1.28
N SER E 46 -0.63 43.15 1.21
CA SER E 46 0.28 44.21 0.75
C SER E 46 1.08 44.80 1.91
N PRO E 47 2.41 44.84 1.81
CA PRO E 47 3.21 45.61 2.77
C PRO E 47 3.44 47.05 2.33
N ASN E 48 2.94 48.02 3.10
CA ASN E 48 2.14 47.75 4.28
C ASN E 48 0.75 48.36 4.17
N ASN E 49 -0.24 47.50 4.22
CA ASN E 49 -1.65 47.89 4.12
C ASN E 49 -2.54 47.11 5.07
N ASN E 50 -2.14 45.90 5.46
CA ASN E 50 -2.85 44.98 6.35
C ASN E 50 -4.35 44.92 6.10
N LYS E 51 -4.78 45.32 4.90
CA LYS E 51 -6.18 45.23 4.48
C LYS E 51 -6.36 44.81 3.03
N LYS E 52 -5.45 45.14 2.13
CA LYS E 52 -5.50 44.72 0.75
C LYS E 52 -4.78 43.39 0.60
N VAL E 53 -5.41 42.45 -0.11
CA VAL E 53 -4.85 41.12 -0.35
C VAL E 53 -4.43 41.06 -1.81
N LEU E 54 -3.14 40.79 -2.04
CA LEU E 54 -2.62 40.64 -3.40
C LEU E 54 -2.75 39.21 -3.91
N VAL E 55 -2.38 38.23 -3.10
CA VAL E 55 -2.51 36.83 -3.47
C VAL E 55 -3.45 36.15 -2.50
N PRO E 56 -4.64 35.75 -2.93
CA PRO E 56 -5.61 35.12 -2.02
C PRO E 56 -5.22 33.68 -1.72
N LYS E 57 -5.88 33.12 -0.70
CA LYS E 57 -5.69 31.72 -0.32
C LYS E 57 -6.70 30.88 -1.10
N VAL E 58 -6.20 30.10 -2.05
CA VAL E 58 -7.04 29.24 -2.88
C VAL E 58 -6.55 27.81 -2.71
N SER E 59 -7.35 26.98 -2.05
CA SER E 59 -6.98 25.60 -1.74
C SER E 59 -8.15 24.69 -2.05
N GLY E 60 -7.83 23.46 -2.47
CA GLY E 60 -8.85 22.46 -2.70
C GLY E 60 -9.58 22.01 -1.45
N LEU E 61 -9.10 22.39 -0.28
CA LEU E 61 -9.73 22.07 0.99
C LEU E 61 -10.65 23.18 1.49
N GLN E 62 -11.03 24.10 0.61
CA GLN E 62 -11.89 25.23 0.97
C GLN E 62 -13.31 24.98 0.49
N TYR E 63 -14.27 25.52 1.23
CA TYR E 63 -15.65 25.52 0.78
C TYR E 63 -15.83 26.54 -0.34
N ARG E 64 -16.63 26.18 -1.34
CA ARG E 64 -17.03 27.10 -2.39
C ARG E 64 -18.53 27.35 -2.23
N VAL E 65 -18.88 28.53 -1.75
CA VAL E 65 -20.26 28.89 -1.47
C VAL E 65 -20.67 29.94 -2.50
N PHE E 66 -21.32 29.49 -3.57
CA PHE E 66 -21.76 30.39 -4.64
C PHE E 66 -23.13 30.96 -4.28
N ARG E 67 -23.24 32.28 -4.25
CA ARG E 67 -24.51 32.96 -4.08
C ARG E 67 -24.98 33.40 -5.46
N VAL E 68 -25.89 32.64 -6.04
CA VAL E 68 -26.38 32.88 -7.39
C VAL E 68 -27.55 33.85 -7.31
N ARG E 69 -27.44 34.98 -8.00
CA ARG E 69 -28.50 35.99 -8.04
C ARG E 69 -29.39 35.72 -9.25
N LEU E 70 -30.69 35.55 -9.00
CA LEU E 70 -31.61 35.32 -10.11
C LEU E 70 -32.40 36.58 -10.42
N PRO E 71 -32.77 36.79 -11.68
CA PRO E 71 -33.59 37.96 -12.01
C PRO E 71 -35.00 37.82 -11.47
N ASP E 72 -35.58 38.95 -11.10
CA ASP E 72 -36.94 38.97 -10.57
C ASP E 72 -37.91 38.56 -11.68
N PRO E 73 -38.62 37.44 -11.55
CA PRO E 73 -39.55 37.04 -12.61
C PRO E 73 -40.73 37.98 -12.75
N ASN E 74 -41.11 38.68 -11.68
CA ASN E 74 -42.21 39.64 -11.76
C ASN E 74 -41.82 40.91 -12.52
N LYS E 75 -40.52 41.13 -12.77
CA LYS E 75 -40.05 42.26 -13.56
C LYS E 75 -39.32 41.82 -14.82
N PHE E 76 -39.48 40.55 -15.20
CA PHE E 76 -38.77 39.99 -16.34
C PHE E 76 -39.56 40.22 -17.62
N GLY E 77 -38.85 40.48 -18.71
CA GLY E 77 -39.49 40.74 -19.99
C GLY E 77 -39.89 39.49 -20.73
N PHE E 78 -41.03 38.91 -20.34
CA PHE E 78 -41.52 37.72 -21.03
C PHE E 78 -42.22 38.12 -22.33
N PRO E 79 -42.15 37.28 -23.37
CA PRO E 79 -42.82 37.62 -24.62
C PRO E 79 -44.34 37.53 -24.53
N ASP E 80 -44.87 36.72 -23.62
CA ASP E 80 -46.31 36.59 -23.46
C ASP E 80 -46.60 36.32 -21.99
N THR E 81 -47.37 37.21 -21.36
CA THR E 81 -47.68 37.12 -19.94
C THR E 81 -49.12 36.70 -19.69
N SER E 82 -49.75 36.00 -20.64
CA SER E 82 -51.12 35.55 -20.51
C SER E 82 -51.26 34.23 -19.75
N PHE E 83 -50.17 33.73 -19.17
CA PHE E 83 -50.20 32.48 -18.43
C PHE E 83 -50.50 32.68 -16.95
N TYR E 84 -50.55 33.92 -16.47
CA TYR E 84 -50.82 34.19 -15.06
C TYR E 84 -51.48 35.56 -14.94
N ASN E 85 -52.04 35.81 -13.76
CA ASN E 85 -52.75 37.05 -13.49
C ASN E 85 -51.95 37.87 -12.49
N PRO E 86 -51.33 38.98 -12.89
CA PRO E 86 -50.51 39.77 -11.94
C PRO E 86 -51.33 40.45 -10.85
N ASP E 87 -52.66 40.49 -10.97
CA ASP E 87 -53.47 41.10 -9.92
C ASP E 87 -53.59 40.21 -8.68
N THR E 88 -53.62 38.89 -8.87
CA THR E 88 -53.80 37.96 -7.76
C THR E 88 -52.71 36.89 -7.68
N GLN E 89 -51.72 36.92 -8.55
CA GLN E 89 -50.69 35.88 -8.57
C GLN E 89 -49.31 36.52 -8.67
N ARG E 90 -48.32 35.81 -8.12
CA ARG E 90 -46.92 36.22 -8.19
C ARG E 90 -46.08 35.07 -8.72
N LEU E 91 -44.91 35.43 -9.24
CA LEU E 91 -44.02 34.47 -9.89
C LEU E 91 -42.77 34.24 -9.03
N VAL E 92 -42.20 33.04 -9.17
CA VAL E 92 -40.98 32.68 -8.46
C VAL E 92 -40.32 31.54 -9.24
N TRP E 93 -38.99 31.50 -9.21
CA TRP E 93 -38.25 30.47 -9.92
C TRP E 93 -38.09 29.22 -9.08
N ALA E 94 -38.06 28.07 -9.76
CA ALA E 94 -37.84 26.78 -9.13
C ALA E 94 -36.73 26.05 -9.88
N CYS E 95 -35.76 25.52 -9.13
CA CYS E 95 -34.61 24.85 -9.73
C CYS E 95 -34.96 23.39 -9.98
N VAL E 96 -34.94 22.99 -11.25
CA VAL E 96 -35.22 21.61 -11.62
C VAL E 96 -34.03 20.91 -12.25
N GLY E 97 -33.04 21.63 -12.75
CA GLY E 97 -31.86 21.02 -13.34
C GLY E 97 -30.59 21.71 -12.92
N LEU E 98 -29.53 20.94 -12.68
CA LEU E 98 -28.28 21.49 -12.18
C LEU E 98 -27.13 20.60 -12.60
N GLU E 99 -26.05 21.23 -13.06
CA GLU E 99 -24.80 20.53 -13.36
C GLU E 99 -23.65 21.40 -12.92
N ILE E 100 -22.78 20.85 -12.07
CA ILE E 100 -21.63 21.57 -11.53
C ILE E 100 -20.44 21.19 -12.40
N GLY E 101 -20.02 22.10 -13.28
CA GLY E 101 -18.90 21.82 -14.15
C GLY E 101 -17.56 21.95 -13.42
N ARG E 102 -16.70 20.98 -13.70
CA ARG E 102 -15.36 20.91 -13.11
C ARG E 102 -14.36 20.80 -14.25
N GLY E 103 -13.37 21.69 -14.28
CA GLY E 103 -12.43 21.72 -15.39
C GLY E 103 -11.11 21.01 -15.21
N GLN E 104 -10.24 21.52 -14.33
CA GLN E 104 -8.89 21.01 -14.09
C GLN E 104 -8.82 19.50 -13.95
N PRO E 105 -7.66 18.88 -14.21
CA PRO E 105 -7.57 17.43 -14.13
C PRO E 105 -7.60 16.93 -12.70
N LEU E 106 -7.88 15.63 -12.55
CA LEU E 106 -7.85 15.01 -11.24
C LEU E 106 -6.43 14.96 -10.70
N GLY E 107 -6.29 15.16 -9.40
CA GLY E 107 -4.98 15.14 -8.77
C GLY E 107 -5.11 15.39 -7.29
N VAL E 108 -4.01 15.16 -6.59
CA VAL E 108 -3.95 15.30 -5.14
C VAL E 108 -2.80 16.23 -4.79
N GLY E 109 -3.09 17.20 -3.91
CA GLY E 109 -2.07 18.09 -3.37
C GLY E 109 -1.73 17.73 -1.93
N VAL E 110 -0.63 18.32 -1.45
CA VAL E 110 -0.12 18.05 -0.12
C VAL E 110 0.03 19.35 0.65
N SER E 111 -0.06 19.25 1.97
CA SER E 111 0.11 20.37 2.88
C SER E 111 1.00 19.93 4.03
N GLY E 112 1.73 20.87 4.61
CA GLY E 112 2.63 20.54 5.68
C GLY E 112 2.93 21.71 6.58
N HIS E 113 3.94 21.53 7.43
CA HIS E 113 4.36 22.51 8.40
C HIS E 113 5.87 22.39 8.57
N PRO E 114 6.63 23.48 8.44
CA PRO E 114 8.07 23.39 8.67
C PRO E 114 8.44 23.12 10.12
N TYR E 115 7.53 23.36 11.07
CA TYR E 115 7.75 23.08 12.49
C TYR E 115 6.59 22.27 13.04
N LEU E 116 6.33 21.11 12.44
CA LEU E 116 5.27 20.25 12.91
C LEU E 116 5.64 19.61 14.24
N ASN E 117 4.70 19.63 15.19
CA ASN E 117 4.94 19.10 16.53
C ASN E 117 4.88 17.58 16.48
N LYS E 118 5.94 16.99 15.94
CA LYS E 118 6.12 15.54 15.89
C LYS E 118 7.36 15.18 16.68
N PHE E 119 7.23 14.17 17.56
CA PHE E 119 8.37 13.75 18.37
C PHE E 119 8.97 12.47 17.82
N ASP E 120 8.28 11.34 18.02
CA ASP E 120 8.78 10.04 17.63
C ASP E 120 7.76 9.33 16.74
N ASP E 121 8.26 8.44 15.90
CA ASP E 121 7.41 7.55 15.10
C ASP E 121 7.01 6.37 15.98
N THR E 122 5.73 6.30 16.33
CA THR E 122 5.24 5.31 17.29
C THR E 122 4.62 4.09 16.61
N GLU E 123 5.03 3.79 15.38
CA GLU E 123 4.42 2.70 14.63
C GLU E 123 5.13 1.37 14.86
N THR E 124 6.46 1.36 14.90
CA THR E 124 7.19 0.11 15.02
C THR E 124 8.23 0.15 16.13
N SER E 125 9.07 1.18 16.16
CA SER E 125 10.20 1.26 17.08
C SER E 125 10.22 2.64 17.74
N ASN E 126 10.12 2.65 19.08
CA ASN E 126 10.20 3.86 19.89
C ASN E 126 10.70 3.45 21.28
N ARG E 127 11.98 3.09 21.35
CA ARG E 127 12.56 2.55 22.57
C ARG E 127 12.81 3.67 23.59
N TYR E 128 13.11 3.25 24.87
CA TYR E 128 13.44 4.22 25.90
C TYR E 128 14.96 4.34 26.02
N PRO E 129 15.49 5.49 26.48
CA PRO E 129 14.88 6.74 26.96
C PRO E 129 14.42 7.64 25.83
N ALA E 130 13.96 8.84 26.17
CA ALA E 130 13.35 9.75 25.21
C ALA E 130 14.22 10.97 24.93
N GLN E 131 14.41 11.24 23.65
CA GLN E 131 15.12 12.34 22.99
C GLN E 131 15.12 13.66 23.77
N PRO E 132 16.28 14.16 24.16
CA PRO E 132 16.36 15.45 24.86
C PRO E 132 15.95 16.59 23.94
N GLY E 133 15.92 17.79 24.52
CA GLY E 133 15.66 19.02 23.79
C GLY E 133 14.39 19.76 24.14
N SER E 134 14.36 21.05 23.79
CA SER E 134 13.21 21.93 23.96
C SER E 134 12.42 22.19 22.68
N ASP E 135 13.02 22.00 21.51
CA ASP E 135 12.34 22.22 20.24
C ASP E 135 12.74 21.07 19.32
N ASN E 136 11.84 20.08 19.21
CA ASN E 136 12.06 18.91 18.37
C ASN E 136 11.09 18.85 17.21
N ARG E 137 10.54 19.99 16.80
CA ARG E 137 9.62 20.03 15.67
C ARG E 137 10.36 19.71 14.38
N GLU E 138 9.63 19.13 13.42
CA GLU E 138 10.21 18.70 12.15
C GLU E 138 9.40 19.27 11.00
N CYS E 139 10.03 19.32 9.83
CA CYS E 139 9.42 19.86 8.62
C CYS E 139 8.82 18.69 7.84
N LEU E 140 7.51 18.48 8.00
CA LEU E 140 6.82 17.34 7.42
C LEU E 140 5.64 17.81 6.57
N SER E 141 5.11 16.88 5.77
CA SER E 141 3.96 17.15 4.93
C SER E 141 3.10 15.89 4.87
N MET E 142 1.91 16.04 4.28
CA MET E 142 0.95 14.94 4.22
C MET E 142 -0.12 15.29 3.19
N ASP E 143 -0.92 14.28 2.83
CA ASP E 143 -2.07 14.46 1.97
C ASP E 143 -3.34 14.30 2.79
N TYR E 144 -4.30 15.20 2.58
CA TYR E 144 -5.46 15.28 3.45
C TYR E 144 -6.50 14.22 3.10
N LYS E 145 -7.52 14.15 3.95
CA LYS E 145 -8.68 13.30 3.70
C LYS E 145 -9.41 13.75 2.44
N GLN E 146 -9.85 12.78 1.64
CA GLN E 146 -10.56 13.08 0.41
C GLN E 146 -12.03 13.36 0.73
N THR E 147 -12.55 14.47 0.20
CA THR E 147 -13.92 14.90 0.47
C THR E 147 -14.53 15.49 -0.79
N GLN E 148 -15.66 14.93 -1.20
CA GLN E 148 -16.51 15.53 -2.23
C GLN E 148 -17.90 15.76 -1.65
N LEU E 149 -18.47 16.93 -1.95
CA LEU E 149 -19.82 17.23 -1.51
C LEU E 149 -20.36 18.41 -2.30
N CYS E 150 -21.68 18.45 -2.45
CA CYS E 150 -22.34 19.60 -3.07
C CYS E 150 -23.70 19.77 -2.42
N LEU E 151 -24.00 20.98 -1.98
CA LEU E 151 -25.28 21.33 -1.39
C LEU E 151 -25.95 22.42 -2.21
N ILE E 152 -27.23 22.26 -2.48
CA ILE E 152 -28.01 23.23 -3.24
C ILE E 152 -29.22 23.63 -2.40
N GLY E 153 -29.45 24.93 -2.28
CA GLY E 153 -30.59 25.43 -1.54
C GLY E 153 -30.71 26.93 -1.72
N CYS E 154 -31.82 27.46 -1.19
CA CYS E 154 -32.08 28.90 -1.22
C CYS E 154 -31.63 29.59 0.06
N LYS E 155 -30.93 28.88 0.94
CA LYS E 155 -30.43 29.40 2.21
C LYS E 155 -28.98 28.97 2.37
N PRO E 156 -28.10 29.85 2.88
CA PRO E 156 -26.71 29.46 3.06
C PRO E 156 -26.60 28.29 4.01
N PRO E 157 -25.62 27.41 3.81
CA PRO E 157 -25.52 26.21 4.63
C PRO E 157 -25.03 26.50 6.03
N THR E 158 -25.38 25.61 6.95
CA THR E 158 -25.01 25.71 8.36
C THR E 158 -23.97 24.65 8.67
N GLY E 159 -22.81 25.07 9.15
CA GLY E 159 -21.75 24.14 9.50
C GLY E 159 -21.45 24.12 10.98
N GLU E 160 -20.83 23.05 11.45
CA GLU E 160 -20.49 22.89 12.86
C GLU E 160 -18.99 22.75 13.04
N HIS E 161 -18.51 23.27 14.16
CA HIS E 161 -17.09 23.16 14.50
C HIS E 161 -16.95 23.34 16.02
N TRP E 162 -15.93 22.70 16.58
CA TRP E 162 -15.67 22.78 18.01
C TRP E 162 -14.76 23.95 18.31
N GLY E 163 -15.15 24.75 19.30
CA GLY E 163 -14.38 25.90 19.72
C GLY E 163 -14.21 25.95 21.23
N LYS E 164 -13.46 26.94 21.68
CA LYS E 164 -13.20 27.13 23.10
C LYS E 164 -14.44 27.67 23.80
N GLY E 165 -14.95 26.92 24.77
CA GLY E 165 -16.13 27.33 25.53
C GLY E 165 -15.76 28.13 26.77
N VAL E 166 -16.72 28.23 27.68
CA VAL E 166 -16.55 28.93 28.94
C VAL E 166 -16.91 28.00 30.09
N ALA E 167 -16.05 27.93 31.10
CA ALA E 167 -16.26 27.04 32.24
C ALA E 167 -16.11 27.79 33.56
N ALA E 174 -10.14 18.13 37.20
CA ALA E 174 -8.76 18.40 37.62
C ALA E 174 -7.86 18.55 36.41
N THR E 175 -8.42 19.07 35.33
CA THR E 175 -7.67 19.33 34.10
C THR E 175 -7.68 20.80 33.76
N ASP E 176 -6.61 21.25 33.11
CA ASP E 176 -6.52 22.58 32.53
C ASP E 176 -6.93 22.57 31.07
N CYS E 177 -7.53 21.47 30.61
CA CYS E 177 -7.98 21.36 29.24
C CYS E 177 -9.07 22.39 28.96
N PRO E 178 -9.02 23.09 27.82
CA PRO E 178 -10.03 24.11 27.53
C PRO E 178 -11.39 23.47 27.31
N PRO E 179 -12.46 24.10 27.78
CA PRO E 179 -13.79 23.53 27.58
C PRO E 179 -14.19 23.58 26.12
N LEU E 180 -14.80 22.50 25.65
CA LEU E 180 -15.19 22.37 24.25
C LEU E 180 -16.67 22.69 24.11
N GLU E 181 -17.00 23.49 23.08
CA GLU E 181 -18.37 23.83 22.77
C GLU E 181 -18.61 23.64 21.28
N LEU E 182 -19.74 23.05 20.94
CA LEU E 182 -20.10 22.80 19.55
C LEU E 182 -20.81 24.03 19.01
N PHE E 183 -20.20 24.70 18.03
CA PHE E 183 -20.71 25.94 17.47
C PHE E 183 -21.30 25.70 16.09
N ASN E 184 -22.43 26.36 15.82
CA ASN E 184 -23.00 26.42 14.49
C ASN E 184 -22.72 27.78 13.87
N SER E 185 -22.49 27.80 12.57
CA SER E 185 -22.16 29.05 11.87
C SER E 185 -22.48 28.88 10.40
N ILE E 186 -22.61 30.02 9.72
CA ILE E 186 -22.86 30.03 8.28
C ILE E 186 -21.55 29.74 7.55
N ILE E 187 -21.55 28.71 6.71
CA ILE E 187 -20.36 28.36 5.94
C ILE E 187 -20.16 29.40 4.84
N GLU E 188 -19.07 30.14 4.94
CA GLU E 188 -18.73 31.17 3.97
C GLU E 188 -17.73 30.62 2.96
N ASP E 189 -17.68 31.28 1.79
CA ASP E 189 -16.71 30.90 0.77
C ASP E 189 -15.30 31.12 1.28
N GLY E 190 -14.50 30.05 1.27
CA GLY E 190 -13.13 30.10 1.76
C GLY E 190 -12.91 29.40 3.08
N ASP E 191 -13.98 29.04 3.80
CA ASP E 191 -13.82 28.31 5.04
C ASP E 191 -13.20 26.94 4.76
N MET E 192 -12.41 26.45 5.71
CA MET E 192 -11.71 25.18 5.54
C MET E 192 -12.61 24.01 5.88
N VAL E 193 -12.55 22.97 5.06
CA VAL E 193 -13.25 21.73 5.35
C VAL E 193 -12.39 20.86 6.27
N ASP E 194 -13.03 19.88 6.90
CA ASP E 194 -12.29 18.96 7.77
C ASP E 194 -11.25 18.20 6.95
N THR E 195 -10.07 18.00 7.53
CA THR E 195 -8.95 17.42 6.83
C THR E 195 -8.48 16.08 7.39
N GLY E 196 -9.18 15.55 8.40
CA GLY E 196 -8.74 14.35 9.10
C GLY E 196 -8.31 14.60 10.52
N PHE E 197 -8.13 15.87 10.91
CA PHE E 197 -7.84 16.23 12.29
C PHE E 197 -9.08 16.72 13.04
N GLY E 198 -10.26 16.60 12.43
CA GLY E 198 -11.50 17.04 13.02
C GLY E 198 -11.91 18.42 12.53
N CYS E 199 -13.15 18.79 12.88
CA CYS E 199 -13.70 20.09 12.55
C CYS E 199 -13.66 20.95 13.81
N MET E 200 -12.60 21.74 13.94
CA MET E 200 -12.38 22.53 15.14
C MET E 200 -11.67 23.83 14.78
N ASP E 201 -11.66 24.75 15.73
CA ASP E 201 -10.93 26.00 15.59
C ASP E 201 -9.50 25.76 16.10
N PHE E 202 -8.60 25.45 15.18
CA PHE E 202 -7.22 25.15 15.57
C PHE E 202 -6.51 26.39 16.09
N GLY E 203 -6.94 27.58 15.66
CA GLY E 203 -6.31 28.81 16.12
C GLY E 203 -6.51 29.07 17.59
N THR E 204 -7.66 28.66 18.14
CA THR E 204 -7.98 28.92 19.54
C THR E 204 -7.76 27.71 20.44
N LEU E 205 -7.87 26.49 19.90
CA LEU E 205 -7.74 25.28 20.70
C LEU E 205 -6.36 24.67 20.66
N GLN E 206 -5.50 25.10 19.74
CA GLN E 206 -4.11 24.63 19.65
C GLN E 206 -3.22 25.88 19.64
N ALA E 207 -2.74 26.26 20.82
CA ALA E 207 -2.06 27.54 20.99
C ALA E 207 -0.65 27.54 20.40
N ASN E 208 0.00 26.38 20.28
CA ASN E 208 1.38 26.35 19.83
C ASN E 208 1.55 26.55 18.34
N LYS E 209 0.46 26.58 17.57
CA LYS E 209 0.49 26.82 16.13
C LYS E 209 1.34 25.80 15.39
N SER E 210 1.53 24.60 15.96
CA SER E 210 2.45 23.63 15.36
C SER E 210 1.91 22.21 15.36
N ASP E 211 0.65 21.99 15.74
CA ASP E 211 0.09 20.64 15.78
C ASP E 211 -0.52 20.20 14.46
N VAL E 212 -0.92 21.13 13.61
CA VAL E 212 -1.48 20.79 12.29
C VAL E 212 -0.82 21.67 11.25
N PRO E 213 -0.84 21.26 9.97
CA PRO E 213 -0.18 22.04 8.93
C PRO E 213 -0.72 23.47 8.85
N ILE E 214 0.06 24.30 8.14
CA ILE E 214 -0.12 25.75 8.21
C ILE E 214 -1.42 26.23 7.58
N ASP E 215 -2.03 25.45 6.68
CA ASP E 215 -3.24 25.91 6.02
C ASP E 215 -4.49 25.76 6.87
N ILE E 216 -4.38 25.18 8.08
CA ILE E 216 -5.53 25.03 8.96
C ILE E 216 -5.14 25.37 10.39
N CYS E 217 -3.84 25.57 10.63
CA CYS E 217 -3.37 25.80 12.00
C CYS E 217 -3.86 27.11 12.58
N ASN E 218 -4.20 28.09 11.73
CA ASN E 218 -4.75 29.36 12.17
C ASN E 218 -6.11 29.60 11.54
N SER E 219 -6.81 28.54 11.18
CA SER E 219 -8.11 28.62 10.53
C SER E 219 -9.10 27.74 11.29
N THR E 220 -10.36 27.77 10.86
CA THR E 220 -11.42 26.96 11.45
C THR E 220 -11.96 26.00 10.40
N CYS E 221 -11.91 24.71 10.71
CA CYS E 221 -12.45 23.68 9.84
C CYS E 221 -13.91 23.42 10.22
N LYS E 222 -14.80 23.50 9.23
CA LYS E 222 -16.23 23.35 9.45
C LYS E 222 -16.74 22.11 8.72
N TYR E 223 -17.66 21.40 9.37
CA TYR E 223 -18.34 20.26 8.78
C TYR E 223 -19.84 20.57 8.69
N PRO E 224 -20.49 20.24 7.58
CA PRO E 224 -21.91 20.57 7.43
C PRO E 224 -22.76 19.86 8.47
N ASP E 225 -23.58 20.63 9.18
CA ASP E 225 -24.50 20.08 10.17
C ASP E 225 -25.72 19.53 9.41
N TYR E 226 -25.53 18.34 8.85
CA TYR E 226 -26.59 17.72 8.04
C TYR E 226 -27.85 17.49 8.87
N LEU E 227 -27.70 17.14 10.14
CA LEU E 227 -28.86 16.86 10.98
C LEU E 227 -29.70 18.11 11.22
N LYS E 228 -29.05 19.24 11.50
CA LYS E 228 -29.77 20.49 11.73
C LYS E 228 -30.47 20.96 10.46
N MET E 229 -29.75 20.93 9.33
CA MET E 229 -30.34 21.39 8.07
C MET E 229 -31.43 20.45 7.57
N ALA E 230 -31.39 19.18 7.95
CA ALA E 230 -32.44 18.26 7.55
C ALA E 230 -33.67 18.37 8.44
N SER E 231 -33.49 18.75 9.70
CA SER E 231 -34.59 18.83 10.66
C SER E 231 -35.23 20.20 10.72
N GLU E 232 -34.73 21.17 9.97
CA GLU E 232 -35.36 22.48 9.95
C GLU E 232 -36.73 22.37 9.28
N PRO E 233 -37.72 23.16 9.74
CA PRO E 233 -39.11 22.94 9.32
C PRO E 233 -39.38 23.14 7.84
N TYR E 234 -38.96 24.28 7.30
CA TYR E 234 -39.31 24.62 5.92
C TYR E 234 -38.40 23.93 4.90
N GLY E 235 -37.22 23.50 5.29
CA GLY E 235 -36.33 22.84 4.36
C GLY E 235 -35.75 23.75 3.30
N ASP E 236 -35.36 24.98 3.68
CA ASP E 236 -34.80 25.93 2.74
C ASP E 236 -33.31 25.72 2.50
N SER E 237 -32.63 24.94 3.34
CA SER E 237 -31.19 24.77 3.24
C SER E 237 -30.79 23.68 2.25
N LEU E 238 -31.46 22.53 2.31
CA LEU E 238 -31.05 21.35 1.54
C LEU E 238 -32.16 20.94 0.58
N PHE E 239 -32.14 21.51 -0.62
CA PHE E 239 -32.97 20.96 -1.69
C PHE E 239 -32.49 19.57 -2.08
N PHE E 240 -31.18 19.35 -2.03
CA PHE E 240 -30.53 18.16 -2.55
C PHE E 240 -29.05 18.25 -2.17
N PHE E 241 -28.43 17.10 -1.92
CA PHE E 241 -27.02 17.11 -1.58
C PHE E 241 -26.41 15.75 -1.87
N LEU E 242 -25.11 15.76 -2.18
CA LEU E 242 -24.31 14.57 -2.36
C LEU E 242 -23.04 14.70 -1.54
N ARG E 243 -22.47 13.55 -1.16
CA ARG E 243 -21.26 13.55 -0.34
C ARG E 243 -20.54 12.23 -0.52
N ARG E 244 -19.21 12.29 -0.56
CA ARG E 244 -18.39 11.09 -0.61
C ARG E 244 -17.07 11.40 0.07
N GLU E 245 -16.87 10.85 1.27
CA GLU E 245 -15.66 11.06 2.04
C GLU E 245 -14.92 9.73 2.20
N GLN E 246 -13.59 9.80 2.25
CA GLN E 246 -12.79 8.62 2.50
C GLN E 246 -11.42 9.04 3.01
N MET E 247 -10.87 8.25 3.92
CA MET E 247 -9.54 8.49 4.48
C MET E 247 -9.09 7.24 5.23
N PHE E 248 -7.77 7.15 5.42
CA PHE E 248 -7.20 6.12 6.28
C PHE E 248 -5.99 6.70 6.98
N VAL E 249 -5.46 5.95 7.93
CA VAL E 249 -4.32 6.38 8.74
C VAL E 249 -3.03 5.99 8.03
N ARG E 250 -2.23 6.99 7.69
CA ARG E 250 -0.97 6.76 6.99
C ARG E 250 0.18 6.50 7.96
N HIS E 251 0.34 7.34 8.97
CA HIS E 251 1.43 7.19 9.93
C HIS E 251 0.92 7.49 11.34
N PHE E 252 1.73 7.10 12.33
CA PHE E 252 1.39 7.26 13.74
C PHE E 252 2.51 8.02 14.42
N PHE E 253 2.17 9.16 15.02
CA PHE E 253 3.14 10.00 15.73
C PHE E 253 2.59 10.34 17.11
N ASN E 254 3.42 11.01 17.91
CA ASN E 254 3.01 11.52 19.21
C ASN E 254 3.49 12.97 19.35
N ARG E 255 2.86 13.68 20.28
CA ARG E 255 3.12 15.10 20.47
C ARG E 255 4.27 15.32 21.44
N ALA E 256 4.99 16.41 21.24
CA ALA E 256 6.00 16.86 22.18
C ALA E 256 5.41 17.92 23.11
N GLY E 257 5.93 17.99 24.32
CA GLY E 257 5.44 18.89 25.34
C GLY E 257 4.84 18.14 26.51
N LYS E 258 4.45 18.92 27.52
CA LYS E 258 3.92 18.34 28.75
C LYS E 258 2.60 17.63 28.49
N LEU E 259 2.52 16.37 28.90
CA LEU E 259 1.27 15.63 28.83
C LEU E 259 0.32 16.13 29.91
N GLY E 260 -0.77 16.77 29.49
CA GLY E 260 -1.64 17.42 30.45
C GLY E 260 -2.38 16.44 31.35
N GLU E 261 -2.79 15.31 30.80
CA GLU E 261 -3.54 14.29 31.55
C GLU E 261 -2.70 13.01 31.59
N ALA E 262 -2.08 12.74 32.73
CA ALA E 262 -1.23 11.58 32.86
C ALA E 262 -2.06 10.30 32.90
N VAL E 263 -1.47 9.22 32.42
CA VAL E 263 -2.15 7.91 32.47
C VAL E 263 -2.24 7.46 33.92
N PRO E 264 -3.42 7.04 34.39
CA PRO E 264 -3.54 6.58 35.78
C PRO E 264 -2.68 5.35 36.03
N ASP E 265 -2.34 5.14 37.31
CA ASP E 265 -1.37 4.12 37.68
C ASP E 265 -1.88 2.71 37.47
N ASP E 266 -3.20 2.53 37.36
CA ASP E 266 -3.79 1.20 37.22
C ASP E 266 -3.74 0.68 35.79
N LEU E 267 -3.17 1.42 34.84
CA LEU E 267 -3.14 1.02 33.45
C LEU E 267 -1.78 0.53 32.98
N TYR E 268 -0.78 0.54 33.85
CA TYR E 268 0.57 0.11 33.45
C TYR E 268 1.38 -0.17 34.71
N ILE E 269 2.42 -0.97 34.54
CA ILE E 269 3.39 -1.22 35.60
C ILE E 269 4.53 -0.23 35.44
N LYS E 270 4.90 0.44 36.53
CA LYS E 270 5.96 1.43 36.47
C LYS E 270 7.27 0.79 36.04
N GLY E 271 8.10 1.58 35.34
CA GLY E 271 9.37 1.11 34.84
C GLY E 271 10.53 1.49 35.75
N SER E 272 11.73 1.23 35.25
CA SER E 272 12.96 1.53 35.97
C SER E 272 14.11 1.58 34.98
N GLY E 273 15.18 2.26 35.38
CA GLY E 273 16.34 2.40 34.52
C GLY E 273 16.08 3.25 33.30
N ASN E 274 16.23 2.66 32.11
CA ASN E 274 15.95 3.39 30.88
C ASN E 274 14.49 3.80 30.79
N THR E 275 13.58 2.95 31.30
CA THR E 275 12.16 3.20 31.26
C THR E 275 11.64 3.91 32.50
N ALA E 276 12.50 4.65 33.20
CA ALA E 276 12.07 5.31 34.44
C ALA E 276 11.14 6.48 34.17
N VAL E 277 11.42 7.25 33.12
CA VAL E 277 10.61 8.41 32.77
C VAL E 277 9.66 8.02 31.64
N ILE E 278 8.36 8.10 31.92
CA ILE E 278 7.36 7.67 30.95
C ILE E 278 7.29 8.68 29.80
N GLN E 279 7.07 8.17 28.59
CA GLN E 279 6.95 9.00 27.41
C GLN E 279 5.51 9.47 27.21
N SER E 280 5.36 10.49 26.37
CA SER E 280 4.05 11.09 26.13
C SER E 280 3.16 10.15 25.33
N SER E 281 1.97 9.88 25.86
CA SER E 281 0.97 9.05 25.19
C SER E 281 -0.04 9.89 24.40
N ALA E 282 0.31 11.11 24.03
CA ALA E 282 -0.57 11.96 23.22
C ALA E 282 -0.33 11.65 21.75
N PHE E 283 -0.97 10.58 21.29
CA PHE E 283 -0.81 10.13 19.92
C PHE E 283 -1.69 10.94 18.97
N PHE E 284 -1.30 10.94 17.69
CA PHE E 284 -2.13 11.55 16.65
C PHE E 284 -1.78 10.92 15.31
N PRO E 285 -2.75 10.59 14.47
CA PRO E 285 -2.45 9.97 13.17
C PRO E 285 -2.42 10.97 12.02
N THR E 286 -1.80 10.57 10.90
CA THR E 286 -1.84 11.36 9.68
C THR E 286 -2.80 10.75 8.69
N PRO E 287 -3.73 11.50 8.13
CA PRO E 287 -4.70 10.94 7.19
C PRO E 287 -4.13 10.82 5.77
N SER E 288 -4.94 10.21 4.89
CA SER E 288 -4.56 10.02 3.48
C SER E 288 -5.83 9.75 2.68
N GLY E 289 -6.29 10.73 1.92
CA GLY E 289 -7.43 10.52 1.04
C GLY E 289 -7.22 9.53 -0.09
N SER E 290 -6.57 8.40 0.21
CA SER E 290 -6.24 7.31 -0.71
C SER E 290 -6.07 7.73 -2.16
N ILE E 291 -7.02 7.34 -3.02
CA ILE E 291 -6.89 7.47 -4.46
C ILE E 291 -8.08 8.22 -5.02
N VAL E 292 -7.88 8.90 -6.14
CA VAL E 292 -8.95 9.59 -6.84
C VAL E 292 -9.18 8.87 -8.16
N THR E 293 -10.45 8.78 -8.57
CA THR E 293 -10.82 8.12 -9.81
C THR E 293 -11.93 8.92 -10.49
N SER E 294 -12.01 8.75 -11.81
CA SER E 294 -13.14 9.33 -12.54
C SER E 294 -14.45 8.66 -12.17
N GLU E 295 -14.38 7.37 -11.84
CA GLU E 295 -15.60 6.61 -11.54
C GLU E 295 -16.28 7.10 -10.28
N SER E 296 -15.54 7.72 -9.36
CA SER E 296 -16.09 8.19 -8.10
C SER E 296 -16.44 9.67 -8.13
N GLN E 297 -16.39 10.31 -9.30
CA GLN E 297 -16.68 11.73 -9.39
C GLN E 297 -18.16 12.00 -9.16
N LEU E 298 -18.44 13.06 -8.41
CA LEU E 298 -19.81 13.50 -8.18
C LEU E 298 -20.25 14.62 -9.12
N PHE E 299 -19.31 15.26 -9.81
CA PHE E 299 -19.57 16.45 -10.60
C PHE E 299 -19.53 16.13 -12.09
N ASN E 300 -19.71 17.16 -12.91
CA ASN E 300 -19.75 17.05 -14.36
C ASN E 300 -20.86 16.11 -14.83
N LYS E 301 -21.90 15.98 -14.02
CA LYS E 301 -23.07 15.17 -14.36
C LYS E 301 -24.31 15.91 -13.89
N PRO E 302 -25.43 15.77 -14.61
CA PRO E 302 -26.63 16.54 -14.26
C PRO E 302 -27.38 15.92 -13.09
N TYR E 303 -27.92 16.78 -12.23
CA TYR E 303 -28.80 16.40 -11.15
C TYR E 303 -30.20 16.92 -11.45
N TRP E 304 -31.21 16.06 -11.33
CA TRP E 304 -32.59 16.43 -11.59
C TRP E 304 -33.32 16.54 -10.26
N LEU E 305 -33.71 17.77 -9.89
CA LEU E 305 -34.41 18.02 -8.64
C LEU E 305 -35.90 17.80 -8.87
N GLN E 306 -36.30 16.53 -8.79
CA GLN E 306 -37.69 16.15 -9.03
C GLN E 306 -38.55 16.28 -7.77
N ARG E 307 -38.13 15.64 -6.68
CA ARG E 307 -38.86 15.70 -5.42
C ARG E 307 -37.86 15.75 -4.27
N ALA E 308 -37.85 16.86 -3.54
CA ALA E 308 -36.96 16.99 -2.40
C ALA E 308 -37.54 16.29 -1.18
N GLN E 309 -36.64 15.86 -0.27
CA GLN E 309 -37.09 15.22 0.96
C GLN E 309 -37.68 16.22 1.94
N GLY E 310 -37.30 17.50 1.85
CA GLY E 310 -37.90 18.53 2.66
C GLY E 310 -39.19 19.05 2.06
N HIS E 311 -39.80 20.00 2.76
CA HIS E 311 -41.07 20.55 2.31
C HIS E 311 -40.91 21.55 1.17
N ASN E 312 -39.73 22.15 1.02
CA ASN E 312 -39.45 23.07 -0.08
C ASN E 312 -38.95 22.25 -1.27
N ASN E 313 -39.76 22.20 -2.33
CA ASN E 313 -39.44 21.37 -3.50
C ASN E 313 -38.71 22.20 -4.56
N GLY E 314 -37.61 22.81 -4.13
CA GLY E 314 -36.75 23.52 -5.06
C GLY E 314 -37.17 24.94 -5.39
N ILE E 315 -38.01 25.55 -4.57
CA ILE E 315 -38.46 26.91 -4.82
C ILE E 315 -37.37 27.89 -4.37
N CYS E 316 -36.96 28.77 -5.29
CA CYS E 316 -35.88 29.72 -5.01
C CYS E 316 -36.48 31.03 -4.53
N TRP E 317 -36.83 31.06 -3.24
CA TRP E 317 -37.35 32.27 -2.63
C TRP E 317 -36.31 33.37 -2.65
N GLY E 318 -36.78 34.62 -2.77
CA GLY E 318 -35.89 35.76 -2.81
C GLY E 318 -35.11 35.92 -4.10
N ASN E 319 -35.40 35.11 -5.13
CA ASN E 319 -34.72 35.18 -6.41
C ASN E 319 -33.22 35.00 -6.25
N GLN E 320 -32.82 34.12 -5.34
CA GLN E 320 -31.41 33.85 -5.08
C GLN E 320 -31.23 32.35 -4.86
N LEU E 321 -29.97 31.92 -4.87
CA LEU E 321 -29.64 30.51 -4.77
C LEU E 321 -28.27 30.37 -4.13
N PHE E 322 -28.03 29.23 -3.51
CA PHE E 322 -26.78 28.95 -2.83
C PHE E 322 -26.29 27.56 -3.23
N VAL E 323 -25.10 27.51 -3.83
CA VAL E 323 -24.48 26.26 -4.26
C VAL E 323 -23.17 26.11 -3.49
N THR E 324 -23.11 25.12 -2.61
CA THR E 324 -21.91 24.83 -1.84
C THR E 324 -21.22 23.62 -2.44
N VAL E 325 -19.92 23.74 -2.69
CA VAL E 325 -19.15 22.69 -3.35
C VAL E 325 -17.85 22.49 -2.62
N VAL E 326 -17.49 21.23 -2.36
CA VAL E 326 -16.17 20.84 -1.89
C VAL E 326 -15.66 19.72 -2.78
N ASP E 327 -14.48 19.91 -3.35
CA ASP E 327 -13.92 18.91 -4.29
C ASP E 327 -12.41 18.90 -4.11
N THR E 328 -11.91 17.95 -3.31
CA THR E 328 -10.49 17.78 -3.10
C THR E 328 -9.86 16.84 -4.12
N THR E 329 -10.64 16.33 -5.06
CA THR E 329 -10.13 15.41 -6.08
C THR E 329 -9.38 16.12 -7.20
N ARG E 330 -9.26 17.44 -7.14
CA ARG E 330 -8.51 18.25 -8.09
C ARG E 330 -7.64 19.26 -7.35
N SER E 331 -6.99 18.81 -6.28
CA SER E 331 -6.25 19.68 -5.38
C SER E 331 -4.77 19.78 -5.73
N THR E 332 -4.39 19.47 -6.97
CA THR E 332 -2.99 19.51 -7.37
C THR E 332 -2.41 20.91 -7.18
N ASN E 333 -1.26 20.98 -6.53
CA ASN E 333 -0.55 22.24 -6.31
C ASN E 333 0.60 22.33 -7.30
N MET E 334 0.54 23.31 -8.18
CA MET E 334 1.57 23.49 -9.20
C MET E 334 2.81 24.12 -8.60
N THR E 335 3.97 23.60 -8.98
CA THR E 335 5.25 24.13 -8.54
C THR E 335 5.78 25.09 -9.60
N LEU E 336 6.09 26.30 -9.19
CA LEU E 336 6.66 27.31 -10.06
C LEU E 336 8.08 27.64 -9.62
N CYS E 337 8.96 27.90 -10.59
CA CYS E 337 10.38 28.11 -10.31
C CYS E 337 10.92 29.19 -11.23
N THR E 338 11.48 30.25 -10.64
CA THR E 338 12.06 31.35 -11.38
C THR E 338 13.58 31.33 -11.25
N GLU E 339 14.26 31.75 -12.32
CA GLU E 339 15.71 31.82 -12.36
C GLU E 339 16.14 33.26 -12.07
N VAL E 340 16.77 33.47 -10.92
CA VAL E 340 17.22 34.80 -10.55
C VAL E 340 18.57 35.12 -11.20
N THR E 341 19.47 34.13 -11.26
CA THR E 341 20.78 34.30 -11.86
C THR E 341 21.07 33.10 -12.74
N LYS E 342 21.37 33.35 -14.01
CA LYS E 342 21.66 32.30 -14.98
C LYS E 342 23.14 31.98 -14.97
N GLU E 343 23.48 30.72 -14.71
CA GLU E 343 24.86 30.27 -14.71
C GLU E 343 24.96 28.94 -15.43
N GLY E 344 26.19 28.58 -15.81
CA GLY E 344 26.41 27.32 -16.50
C GLY E 344 26.22 26.09 -15.64
N THR E 345 26.27 26.24 -14.31
CA THR E 345 26.09 25.13 -13.39
C THR E 345 24.92 25.43 -12.45
N TYR E 346 24.33 24.36 -11.92
CA TYR E 346 23.17 24.48 -11.06
C TYR E 346 23.60 24.92 -9.67
N LYS E 347 22.94 25.96 -9.15
CA LYS E 347 23.12 26.41 -7.78
C LYS E 347 21.74 26.65 -7.17
N ASN E 348 21.55 26.18 -5.93
CA ASN E 348 20.25 26.32 -5.30
C ASN E 348 19.86 27.78 -5.11
N ASP E 349 20.82 28.62 -4.75
CA ASP E 349 20.54 30.02 -4.48
C ASP E 349 20.23 30.84 -5.73
N ASN E 350 20.27 30.23 -6.92
CA ASN E 350 19.95 30.93 -8.16
C ASN E 350 18.48 30.84 -8.53
N PHE E 351 17.66 30.17 -7.74
CA PHE E 351 16.27 29.93 -8.09
C PHE E 351 15.38 30.20 -6.89
N LYS E 352 14.14 30.62 -7.18
CA LYS E 352 13.10 30.81 -6.18
C LYS E 352 11.93 29.89 -6.49
N GLU E 353 11.41 29.24 -5.45
CA GLU E 353 10.33 28.26 -5.59
C GLU E 353 9.03 28.82 -5.05
N TYR E 354 7.96 28.66 -5.82
CA TYR E 354 6.62 29.10 -5.43
C TYR E 354 5.63 27.97 -5.62
N VAL E 355 4.49 28.07 -4.92
CA VAL E 355 3.43 27.07 -5.00
C VAL E 355 2.12 27.79 -5.28
N ARG E 356 1.39 27.32 -6.30
CA ARG E 356 0.12 27.90 -6.69
C ARG E 356 -0.92 26.81 -6.92
N HIS E 357 -2.18 27.17 -6.71
CA HIS E 357 -3.30 26.25 -6.89
C HIS E 357 -4.42 26.96 -7.65
N VAL E 358 -5.13 26.20 -8.49
CA VAL E 358 -6.17 26.75 -9.34
C VAL E 358 -7.44 25.92 -9.18
N GLU E 359 -8.57 26.57 -9.45
CA GLU E 359 -9.89 25.93 -9.44
C GLU E 359 -10.72 26.46 -10.59
N GLU E 360 -11.37 25.57 -11.32
CA GLU E 360 -12.18 25.92 -12.49
C GLU E 360 -13.58 25.38 -12.31
N TYR E 361 -14.57 26.27 -12.31
CA TYR E 361 -15.97 25.90 -12.18
C TYR E 361 -16.78 26.43 -13.35
N ASP E 362 -17.92 25.79 -13.59
CA ASP E 362 -18.84 26.20 -14.67
C ASP E 362 -20.24 25.73 -14.26
N LEU E 363 -20.96 26.62 -13.58
CA LEU E 363 -22.29 26.28 -13.07
C LEU E 363 -23.34 26.39 -14.16
N GLN E 364 -24.17 25.36 -14.28
CA GLN E 364 -25.22 25.29 -15.27
C GLN E 364 -26.54 25.02 -14.58
N PHE E 365 -27.58 25.77 -14.93
CA PHE E 365 -28.88 25.67 -14.27
C PHE E 365 -30.00 25.57 -15.28
N VAL E 366 -31.07 24.86 -14.89
CA VAL E 366 -32.32 24.83 -15.62
C VAL E 366 -33.43 25.16 -14.63
N PHE E 367 -34.16 26.25 -14.87
CA PHE E 367 -35.19 26.72 -13.97
C PHE E 367 -36.57 26.54 -14.58
N GLN E 368 -37.55 26.33 -13.71
CA GLN E 368 -38.95 26.20 -14.09
C GLN E 368 -39.73 27.36 -13.50
N LEU E 369 -40.48 28.07 -14.33
CA LEU E 369 -41.26 29.21 -13.87
C LEU E 369 -42.51 28.72 -13.13
N CYS E 370 -42.79 29.36 -12.00
CA CYS E 370 -43.90 28.98 -11.14
C CYS E 370 -44.73 30.19 -10.79
N LYS E 371 -46.01 29.96 -10.51
CA LYS E 371 -46.94 31.00 -10.11
C LYS E 371 -47.61 30.62 -8.81
N ILE E 372 -47.93 31.62 -8.00
CA ILE E 372 -48.54 31.42 -6.69
C ILE E 372 -49.75 32.34 -6.58
N THR E 373 -50.94 31.76 -6.44
CA THR E 373 -52.16 32.54 -6.23
C THR E 373 -52.20 32.99 -4.78
N LEU E 374 -52.21 34.31 -4.58
CA LEU E 374 -52.07 34.89 -3.24
C LEU E 374 -53.44 35.04 -2.60
N THR E 375 -53.92 33.94 -2.03
CA THR E 375 -55.11 33.96 -1.21
C THR E 375 -54.76 34.42 0.21
N ALA E 376 -55.80 34.71 1.00
CA ALA E 376 -55.59 35.17 2.36
C ALA E 376 -54.86 34.13 3.21
N GLU E 377 -55.21 32.85 3.03
CA GLU E 377 -54.51 31.80 3.76
C GLU E 377 -53.06 31.68 3.31
N ILE E 378 -52.82 31.73 2.00
CA ILE E 378 -51.46 31.59 1.49
C ILE E 378 -50.62 32.81 1.87
N MET E 379 -51.21 34.00 1.87
CA MET E 379 -50.46 35.18 2.28
C MET E 379 -50.07 35.09 3.76
N THR E 380 -50.96 34.56 4.60
CA THR E 380 -50.62 34.38 6.01
C THR E 380 -49.51 33.35 6.18
N TYR E 381 -49.58 32.24 5.44
CA TYR E 381 -48.54 31.22 5.53
C TYR E 381 -47.19 31.74 5.07
N ILE E 382 -47.17 32.49 3.96
CA ILE E 382 -45.91 33.01 3.45
C ILE E 382 -45.33 34.06 4.40
N HIS E 383 -46.20 34.88 5.01
CA HIS E 383 -45.71 35.88 5.95
C HIS E 383 -45.11 35.22 7.18
N THR E 384 -45.75 34.16 7.70
CA THR E 384 -45.19 33.46 8.85
C THR E 384 -43.89 32.76 8.49
N MET E 385 -43.73 32.32 7.23
CA MET E 385 -42.49 31.70 6.80
C MET E 385 -41.38 32.74 6.66
N ASP E 386 -41.63 33.79 5.88
CA ASP E 386 -40.64 34.85 5.67
C ASP E 386 -41.40 36.07 5.16
N SER E 387 -41.43 37.13 5.97
CA SER E 387 -42.17 38.33 5.59
C SER E 387 -41.53 39.02 4.39
N ASN E 388 -40.22 38.89 4.22
CA ASN E 388 -39.53 39.55 3.11
C ASN E 388 -40.00 39.05 1.75
N ILE E 389 -40.55 37.83 1.69
CA ILE E 389 -41.06 37.32 0.42
C ILE E 389 -42.25 38.14 -0.04
N LEU E 390 -43.20 38.40 0.86
CA LEU E 390 -44.36 39.21 0.51
C LEU E 390 -43.97 40.68 0.33
N GLU E 391 -43.02 41.17 1.14
CA GLU E 391 -42.63 42.56 1.07
C GLU E 391 -41.96 42.89 -0.27
N ASP E 392 -41.06 42.00 -0.72
CA ASP E 392 -40.40 42.24 -2.01
C ASP E 392 -41.36 42.10 -3.18
N TRP E 393 -42.41 41.28 -3.03
CA TRP E 393 -43.37 41.09 -4.11
C TRP E 393 -44.26 42.29 -4.35
N GLN E 394 -44.23 43.29 -3.46
CA GLN E 394 -45.00 44.52 -3.61
C GLN E 394 -46.50 44.23 -3.63
N PHE E 395 -46.95 43.55 -2.58
CA PHE E 395 -48.32 43.04 -2.52
C PHE E 395 -48.66 42.59 -1.09
N ASP E 430 -30.52 40.85 2.67
CA ASP E 430 -29.90 42.03 3.26
C ASP E 430 -28.94 41.72 4.43
N PRO E 431 -29.36 40.89 5.41
CA PRO E 431 -28.42 40.54 6.49
C PRO E 431 -27.31 39.61 6.05
N LEU E 432 -27.41 38.99 4.87
CA LEU E 432 -26.37 38.10 4.37
C LEU E 432 -25.18 38.86 3.78
N ASN E 433 -25.22 40.19 3.77
CA ASN E 433 -24.12 40.96 3.20
C ASN E 433 -22.89 41.00 4.10
N LYS E 434 -23.03 40.67 5.39
CA LYS E 434 -21.89 40.60 6.28
C LYS E 434 -21.05 39.35 6.07
N TYR E 435 -21.55 38.36 5.33
CA TYR E 435 -20.83 37.13 5.05
C TYR E 435 -20.18 37.21 3.68
N THR E 436 -19.25 36.29 3.44
CA THR E 436 -18.47 36.26 2.20
C THR E 436 -18.94 35.10 1.34
N PHE E 437 -19.47 35.43 0.15
CA PHE E 437 -19.89 34.46 -0.83
C PHE E 437 -19.30 34.80 -2.18
N TRP E 438 -19.26 33.81 -3.06
CA TRP E 438 -18.84 34.01 -4.45
C TRP E 438 -20.09 34.39 -5.25
N GLU E 439 -20.21 35.68 -5.57
CA GLU E 439 -21.39 36.18 -6.25
C GLU E 439 -21.39 35.71 -7.70
N VAL E 440 -22.48 35.05 -8.10
CA VAL E 440 -22.67 34.58 -9.48
C VAL E 440 -23.93 35.25 -9.99
N ASN E 441 -23.75 36.30 -10.79
CA ASN E 441 -24.87 37.12 -11.27
C ASN E 441 -25.41 36.51 -12.57
N LEU E 442 -26.61 35.94 -12.50
CA LEU E 442 -27.28 35.35 -13.66
C LEU E 442 -28.51 36.14 -14.08
N LYS E 443 -28.59 37.41 -13.70
CA LYS E 443 -29.76 38.22 -14.05
C LYS E 443 -29.87 38.43 -15.55
N GLU E 444 -28.75 38.51 -16.26
CA GLU E 444 -28.74 38.67 -17.71
C GLU E 444 -28.29 37.40 -18.43
N LYS E 445 -28.45 36.24 -17.79
CA LYS E 445 -28.02 34.97 -18.37
C LYS E 445 -29.17 34.01 -18.64
N PHE E 446 -30.40 34.42 -18.42
CA PHE E 446 -31.55 33.55 -18.64
C PHE E 446 -31.89 33.47 -20.12
N SER E 447 -32.21 32.28 -20.59
CA SER E 447 -32.56 32.04 -21.99
C SER E 447 -33.63 30.95 -22.06
N ALA E 448 -34.64 31.18 -22.88
CA ALA E 448 -35.71 30.21 -23.06
C ALA E 448 -35.37 29.12 -24.08
N ASP E 449 -34.24 29.25 -24.78
CA ASP E 449 -33.82 28.28 -25.79
C ASP E 449 -32.96 27.23 -25.10
N LEU E 450 -33.61 26.17 -24.60
CA LEU E 450 -32.90 25.16 -23.84
C LEU E 450 -31.94 24.35 -24.72
N ASP E 451 -32.36 24.01 -25.93
CA ASP E 451 -31.57 23.15 -26.80
C ASP E 451 -30.27 23.79 -27.29
N GLN E 452 -30.00 25.05 -26.94
CA GLN E 452 -28.77 25.72 -27.33
C GLN E 452 -27.65 25.56 -26.31
N PHE E 453 -27.86 24.74 -25.28
CA PHE E 453 -26.91 24.58 -24.19
C PHE E 453 -26.85 23.12 -23.79
N PRO E 454 -25.72 22.67 -23.22
CA PRO E 454 -25.58 21.25 -22.87
C PRO E 454 -26.63 20.77 -21.87
N LEU E 455 -26.73 21.44 -20.73
CA LEU E 455 -27.69 21.01 -19.72
C LEU E 455 -29.12 21.13 -20.22
N GLY E 456 -29.39 22.09 -21.11
CA GLY E 456 -30.72 22.21 -21.69
C GLY E 456 -31.09 20.99 -22.53
N ARG E 457 -30.16 20.56 -23.40
CA ARG E 457 -30.39 19.37 -24.20
C ARG E 457 -30.57 18.14 -23.31
N LYS E 458 -29.75 18.03 -22.26
CA LYS E 458 -29.89 16.92 -21.32
C LYS E 458 -31.25 16.96 -20.63
N PHE E 459 -31.75 18.16 -20.33
CA PHE E 459 -33.06 18.29 -19.70
C PHE E 459 -34.19 17.90 -20.64
N LEU E 460 -34.07 18.26 -21.92
CA LEU E 460 -35.10 17.91 -22.89
C LEU E 460 -35.18 16.41 -23.09
N LEU E 461 -34.04 15.71 -23.05
CA LEU E 461 -34.05 14.26 -23.16
C LEU E 461 -34.61 13.62 -21.89
N GLN E 462 -34.31 14.20 -20.73
CA GLN E 462 -34.77 13.63 -19.47
C GLN E 462 -36.28 13.70 -19.34
N SER E 463 -36.86 14.89 -19.56
CA SER E 463 -38.29 15.09 -19.35
C SER E 463 -39.13 14.58 -20.51
N GLY E 464 -38.52 14.16 -21.61
CA GLY E 464 -39.28 13.69 -22.75
C GLY E 464 -39.90 14.77 -23.60
N LEU E 465 -39.55 16.02 -23.39
CA LEU E 465 -40.11 17.13 -24.15
C LEU E 465 -39.42 17.25 -25.52
N GLU F 1 25.44 14.14 24.44
CA GLU F 1 26.89 13.99 24.40
C GLU F 1 27.32 13.02 23.30
N VAL F 2 27.89 13.56 22.23
CA VAL F 2 28.31 12.76 21.10
C VAL F 2 29.70 12.20 21.37
N GLN F 3 29.86 10.90 21.18
CA GLN F 3 31.14 10.23 21.37
C GLN F 3 31.38 9.26 20.23
N LEU F 4 32.66 9.02 19.92
CA LEU F 4 33.06 8.03 18.91
C LEU F 4 34.23 7.23 19.49
N GLN F 5 33.90 6.22 20.29
CA GLN F 5 34.91 5.29 20.79
C GLN F 5 35.52 4.51 19.63
N GLN F 6 36.81 4.25 19.73
CA GLN F 6 37.57 3.66 18.63
C GLN F 6 38.58 2.67 19.20
N SER F 7 38.77 1.57 18.47
CA SER F 7 39.78 0.59 18.85
C SER F 7 41.16 1.23 18.85
N GLY F 8 42.05 0.62 19.60
CA GLY F 8 43.37 1.19 19.83
C GLY F 8 44.43 0.11 19.90
N ALA F 9 45.58 0.43 19.31
CA ALA F 9 46.80 -0.37 19.38
C ALA F 9 46.57 -1.80 18.91
N GLU F 10 46.51 -1.94 17.58
CA GLU F 10 46.36 -3.21 16.89
C GLU F 10 47.61 -3.45 16.06
N LEU F 11 48.36 -4.50 16.41
CA LEU F 11 49.61 -4.86 15.72
C LEU F 11 49.41 -6.20 15.03
N VAL F 12 49.62 -6.23 13.71
CA VAL F 12 49.48 -7.42 12.90
C VAL F 12 50.73 -7.58 12.03
N ARG F 13 51.16 -8.81 11.84
CA ARG F 13 52.34 -9.09 11.04
C ARG F 13 52.04 -8.94 9.56
N PRO F 14 53.03 -8.51 8.75
CA PRO F 14 52.80 -8.35 7.31
C PRO F 14 52.92 -9.68 6.60
N GLY F 15 51.94 -9.98 5.75
CA GLY F 15 50.81 -9.09 5.53
C GLY F 15 49.47 -9.79 5.66
N ALA F 16 48.81 -9.57 6.79
CA ALA F 16 47.50 -10.16 7.06
C ALA F 16 46.42 -9.07 6.99
N LEU F 17 45.24 -9.41 7.50
CA LEU F 17 44.11 -8.50 7.47
C LEU F 17 43.88 -7.88 8.84
N VAL F 18 43.25 -6.70 8.84
CA VAL F 18 42.93 -5.97 10.05
C VAL F 18 41.59 -5.28 9.86
N LYS F 19 40.75 -5.29 10.89
CA LYS F 19 39.45 -4.63 10.87
C LYS F 19 39.34 -3.75 12.11
N LEU F 20 39.28 -2.44 11.91
CA LEU F 20 39.20 -1.49 13.01
C LEU F 20 37.74 -1.15 13.30
N SER F 21 37.45 -0.94 14.58
CA SER F 21 36.11 -0.65 15.03
C SER F 21 35.96 0.82 15.40
N CYS F 22 34.72 1.30 15.33
CA CYS F 22 34.37 2.66 15.73
C CYS F 22 32.86 2.78 15.92
N LYS F 23 32.37 2.46 17.11
CA LYS F 23 30.95 2.56 17.41
C LYS F 23 30.67 3.83 18.21
N ALA F 24 29.62 4.55 17.82
CA ALA F 24 29.31 5.84 18.42
C ALA F 24 28.25 5.69 19.51
N SER F 25 28.18 6.69 20.37
CA SER F 25 27.18 6.75 21.44
C SER F 25 26.68 8.17 21.55
N GLY F 26 25.35 8.32 21.59
CA GLY F 26 24.72 9.62 21.61
C GLY F 26 23.99 9.97 20.34
N PHE F 27 24.18 9.21 19.27
CA PHE F 27 23.44 9.41 18.03
C PHE F 27 23.42 8.11 17.26
N ASN F 28 22.53 8.02 16.29
CA ASN F 28 22.37 6.81 15.47
C ASN F 28 23.32 6.85 14.29
N ILE F 29 24.00 5.73 14.05
CA ILE F 29 24.95 5.66 12.93
C ILE F 29 24.22 5.67 11.60
N LYS F 30 22.98 5.17 11.57
CA LYS F 30 22.18 5.16 10.34
C LYS F 30 21.93 6.56 9.80
N ASP F 31 21.95 7.57 10.67
CA ASP F 31 21.54 8.91 10.27
C ASP F 31 22.65 9.65 9.52
N TYR F 32 23.90 9.48 9.93
CA TYR F 32 25.00 10.30 9.43
C TYR F 32 26.01 9.43 8.68
N TYR F 33 26.92 10.11 7.97
CA TYR F 33 27.98 9.44 7.23
C TYR F 33 29.12 9.07 8.16
N MET F 34 29.74 7.93 7.87
CA MET F 34 30.90 7.44 8.63
C MET F 34 32.13 7.49 7.72
N HIS F 35 33.07 8.37 8.06
CA HIS F 35 34.27 8.58 7.27
C HIS F 35 35.48 7.95 7.94
N TRP F 36 36.51 7.69 7.14
CA TRP F 36 37.78 7.17 7.64
C TRP F 36 38.91 8.02 7.06
N VAL F 37 39.86 8.40 7.92
CA VAL F 37 40.98 9.22 7.53
C VAL F 37 42.26 8.59 8.06
N LYS F 38 43.32 8.62 7.23
CA LYS F 38 44.62 8.05 7.58
C LYS F 38 45.62 9.16 7.82
N GLN F 39 46.65 8.85 8.61
CA GLN F 39 47.74 9.80 8.87
C GLN F 39 49.02 9.00 9.10
N ARG F 40 49.88 8.96 8.09
CA ARG F 40 51.17 8.32 8.23
C ARG F 40 52.07 9.15 9.15
N PRO F 41 53.03 8.51 9.84
CA PRO F 41 53.91 9.25 10.73
C PRO F 41 54.66 10.35 9.99
N GLU F 42 54.73 11.53 10.61
CA GLU F 42 55.38 12.71 10.05
C GLU F 42 54.73 13.14 8.73
N GLN F 43 53.45 12.82 8.57
CA GLN F 43 52.72 13.13 7.35
C GLN F 43 51.37 13.74 7.70
N GLY F 44 50.69 14.23 6.67
CA GLY F 44 49.39 14.86 6.85
C GLY F 44 48.26 13.85 6.88
N LEU F 45 47.05 14.37 6.80
CA LEU F 45 45.83 13.56 6.86
C LEU F 45 45.38 13.20 5.45
N GLU F 46 45.11 11.91 5.22
CA GLU F 46 44.62 11.42 3.94
C GLU F 46 43.25 10.79 4.14
N TRP F 47 42.24 11.35 3.46
CA TRP F 47 40.90 10.81 3.55
C TRP F 47 40.82 9.45 2.86
N ILE F 48 40.29 8.46 3.56
CA ILE F 48 40.24 7.09 3.05
C ILE F 48 38.93 6.87 2.32
N GLY F 49 37.81 6.99 3.03
CA GLY F 49 36.52 6.74 2.42
C GLY F 49 35.39 7.19 3.31
N TRP F 50 34.17 6.91 2.87
CA TRP F 50 32.98 7.18 3.65
C TRP F 50 31.92 6.14 3.33
N ILE F 51 31.04 5.88 4.30
CA ILE F 51 29.98 4.88 4.15
C ILE F 51 28.68 5.43 4.72
N ASP F 52 27.59 5.27 3.97
CA ASP F 52 26.26 5.54 4.46
C ASP F 52 25.71 4.27 5.09
N PRO F 53 25.65 4.16 6.42
CA PRO F 53 25.20 2.91 7.04
C PRO F 53 23.73 2.61 6.82
N GLU F 54 22.94 3.56 6.33
CA GLU F 54 21.52 3.32 6.10
C GLU F 54 21.31 2.34 4.95
N ASN F 55 22.21 2.32 3.96
CA ASN F 55 22.06 1.43 2.82
C ASN F 55 23.39 0.88 2.32
N GLY F 56 24.48 1.06 3.06
CA GLY F 56 25.75 0.47 2.66
C GLY F 56 26.42 1.16 1.49
N LYS F 57 26.20 2.45 1.30
CA LYS F 57 26.90 3.20 0.28
C LYS F 57 28.39 3.25 0.59
N THR F 58 29.22 3.13 -0.44
CA THR F 58 30.67 3.21 -0.29
C THR F 58 31.22 4.26 -1.23
N ILE F 59 32.08 5.13 -0.70
CA ILE F 59 32.74 6.17 -1.48
C ILE F 59 34.21 6.18 -1.06
N TYR F 60 35.11 5.90 -2.00
CA TYR F 60 36.54 5.84 -1.72
C TYR F 60 37.29 6.84 -2.59
N ASP F 61 38.45 7.25 -2.10
CA ASP F 61 39.45 7.85 -2.97
C ASP F 61 40.05 6.77 -3.86
N PRO F 62 40.23 7.04 -5.15
CA PRO F 62 40.70 5.98 -6.07
C PRO F 62 42.00 5.32 -5.65
N ARG F 63 42.77 5.94 -4.75
CA ARG F 63 43.98 5.29 -4.23
C ARG F 63 43.64 4.07 -3.39
N PHE F 64 42.62 4.18 -2.53
CA PHE F 64 42.32 3.18 -1.52
C PHE F 64 41.28 2.16 -1.96
N ARG F 65 40.84 2.19 -3.22
CA ARG F 65 39.82 1.25 -3.66
C ARG F 65 40.29 -0.20 -3.57
N GLY F 66 41.61 -0.42 -3.65
CA GLY F 66 42.15 -1.76 -3.64
C GLY F 66 42.02 -2.51 -2.33
N LYS F 67 42.54 -1.94 -1.24
CA LYS F 67 42.61 -2.66 0.03
C LYS F 67 41.93 -1.90 1.16
N ALA F 68 40.68 -1.48 0.96
CA ALA F 68 39.93 -0.79 2.01
C ALA F 68 38.47 -1.20 1.89
N SER F 69 38.11 -2.28 2.57
CA SER F 69 36.73 -2.77 2.59
C SER F 69 36.08 -2.23 3.86
N ILE F 70 35.43 -1.07 3.73
CA ILE F 70 34.80 -0.43 4.87
C ILE F 70 33.34 -0.86 4.94
N THR F 71 32.86 -1.12 6.15
CA THR F 71 31.49 -1.57 6.38
C THR F 71 30.95 -0.90 7.63
N ALA F 72 29.67 -1.17 7.91
CA ALA F 72 29.02 -0.65 9.11
C ALA F 72 27.74 -1.42 9.43
N ASP F 73 27.55 -1.79 10.69
CA ASP F 73 26.35 -2.47 11.14
C ASP F 73 25.54 -1.53 12.02
N THR F 74 24.31 -1.22 11.60
CA THR F 74 23.49 -0.29 12.36
C THR F 74 23.00 -0.92 13.66
N SER F 75 22.84 -2.24 13.70
CA SER F 75 22.40 -2.89 14.93
C SER F 75 23.39 -2.66 16.07
N SER F 76 24.69 -2.80 15.77
CA SER F 76 25.74 -2.54 16.75
C SER F 76 26.14 -1.06 16.80
N ASN F 77 25.57 -0.23 15.92
CA ASN F 77 25.90 1.20 15.84
C ASN F 77 27.40 1.39 15.64
N THR F 78 28.00 0.54 14.81
CA THR F 78 29.45 0.47 14.66
C THR F 78 29.84 0.59 13.19
N ALA F 79 31.01 1.18 12.96
CA ALA F 79 31.60 1.26 11.63
C ALA F 79 32.92 0.49 11.62
N TYR F 80 33.20 -0.18 10.51
CA TYR F 80 34.37 -1.04 10.38
C TYR F 80 35.25 -0.56 9.24
N LEU F 81 36.56 -0.65 9.43
CA LEU F 81 37.55 -0.35 8.41
C LEU F 81 38.47 -1.57 8.26
N GLN F 82 38.34 -2.29 7.16
CA GLN F 82 39.14 -3.48 6.91
C GLN F 82 40.21 -3.18 5.87
N LEU F 83 41.45 -3.52 6.21
CA LEU F 83 42.60 -3.34 5.32
C LEU F 83 43.23 -4.70 5.08
N SER F 84 43.43 -5.05 3.82
CA SER F 84 43.99 -6.34 3.44
C SER F 84 45.39 -6.15 2.85
N SER F 85 46.24 -7.16 3.04
CA SER F 85 47.62 -7.16 2.56
C SER F 85 48.37 -5.93 3.08
N LEU F 86 48.58 -5.92 4.39
CA LEU F 86 49.27 -4.81 5.04
C LEU F 86 50.73 -4.78 4.63
N THR F 87 51.26 -3.57 4.47
CA THR F 87 52.66 -3.34 4.15
C THR F 87 53.30 -2.48 5.24
N SER F 88 54.57 -2.12 5.02
CA SER F 88 55.23 -1.20 5.93
C SER F 88 54.64 0.21 5.81
N GLU F 89 54.23 0.59 4.61
CA GLU F 89 53.61 1.90 4.41
C GLU F 89 52.22 1.96 5.06
N ASP F 90 51.55 0.82 5.18
CA ASP F 90 50.19 0.80 5.71
C ASP F 90 50.11 1.20 7.18
N ALA F 91 51.20 1.03 7.93
CA ALA F 91 51.21 1.40 9.34
C ALA F 91 51.09 2.91 9.49
N ALA F 92 50.08 3.36 10.20
CA ALA F 92 49.79 4.78 10.37
C ALA F 92 48.75 4.93 11.49
N VAL F 93 48.22 6.15 11.62
CA VAL F 93 47.16 6.45 12.58
C VAL F 93 45.87 6.64 11.81
N TYR F 94 44.79 6.02 12.29
CA TYR F 94 43.51 6.03 11.61
C TYR F 94 42.45 6.67 12.48
N TYR F 95 41.60 7.49 11.85
CA TYR F 95 40.52 8.17 12.54
C TYR F 95 39.19 7.89 11.83
N CYS F 96 38.12 7.84 12.61
CA CYS F 96 36.76 7.84 12.08
C CYS F 96 36.10 9.16 12.41
N ALA F 97 35.20 9.60 11.51
CA ALA F 97 34.60 10.92 11.67
C ALA F 97 33.17 10.89 11.14
N THR F 98 32.39 11.87 11.60
CA THR F 98 30.97 11.97 11.31
C THR F 98 30.73 13.13 10.35
N SER F 99 29.94 12.88 9.30
CA SER F 99 29.53 13.91 8.36
C SER F 99 28.02 13.89 8.23
N ASN F 100 27.48 14.98 7.69
CA ASN F 100 26.04 15.16 7.54
C ASN F 100 25.74 15.69 6.15
N TYR F 101 24.81 15.05 5.46
CA TYR F 101 24.40 15.51 4.14
C TYR F 101 23.40 16.66 4.24
N ARG F 102 22.45 16.57 5.17
CA ARG F 102 21.42 17.58 5.31
C ARG F 102 21.95 18.87 5.93
N TYR F 103 23.13 18.82 6.57
CA TYR F 103 23.80 19.99 7.13
C TYR F 103 25.30 19.79 6.81
N ASP F 104 25.67 20.16 5.58
CA ASP F 104 26.97 19.78 5.04
C ASP F 104 28.12 20.54 5.71
N ARG F 105 28.35 20.27 6.99
CA ARG F 105 29.57 20.71 7.68
C ARG F 105 30.54 19.52 7.69
N SER F 106 31.72 19.73 7.12
CA SER F 106 32.66 18.64 6.92
C SER F 106 33.22 18.16 8.25
N PHE F 107 33.02 16.87 8.54
CA PHE F 107 33.60 16.21 9.70
C PHE F 107 33.17 16.89 11.01
N ASP F 108 32.00 16.50 11.54
CA ASP F 108 31.52 17.08 12.79
C ASP F 108 32.39 16.66 13.97
N TYR F 109 32.53 15.35 14.18
CA TYR F 109 33.26 14.83 15.32
C TYR F 109 34.27 13.79 14.86
N TRP F 110 35.39 13.72 15.58
CA TRP F 110 36.46 12.78 15.29
C TRP F 110 36.68 11.86 16.48
N GLY F 111 37.10 10.63 16.19
CA GLY F 111 37.46 9.71 17.25
C GLY F 111 38.82 10.04 17.85
N GLN F 112 39.16 9.35 18.94
CA GLN F 112 40.44 9.60 19.59
C GLN F 112 41.61 9.05 18.78
N GLY F 113 41.39 8.06 17.94
CA GLY F 113 42.43 7.56 17.06
C GLY F 113 42.81 6.11 17.28
N THR F 114 43.34 5.47 16.23
CA THR F 114 43.83 4.11 16.29
C THR F 114 45.22 4.06 15.70
N THR F 115 46.17 3.50 16.45
CA THR F 115 47.55 3.37 16.00
C THR F 115 47.78 1.95 15.50
N LEU F 116 48.20 1.84 14.25
CA LEU F 116 48.47 0.54 13.62
C LEU F 116 49.96 0.45 13.31
N THR F 117 50.63 -0.54 13.91
CA THR F 117 52.03 -0.82 13.65
C THR F 117 52.16 -2.22 13.05
N VAL F 118 53.15 -2.40 12.19
CA VAL F 118 53.33 -3.63 11.44
C VAL F 118 54.76 -4.13 11.67
N SER F 119 54.88 -5.30 12.29
CA SER F 119 56.17 -5.94 12.52
C SER F 119 55.91 -7.42 12.79
N ALA F 120 56.92 -8.13 13.28
CA ALA F 120 56.83 -9.58 13.47
C ALA F 120 57.30 -10.02 14.85
N LYS F 121 57.38 -9.12 15.83
CA LYS F 121 57.81 -9.48 17.17
C LYS F 121 57.07 -8.64 18.20
N THR F 122 56.94 -9.20 19.40
CA THR F 122 56.38 -8.50 20.55
C THR F 122 57.21 -8.84 21.77
N THR F 123 57.56 -7.82 22.56
CA THR F 123 58.45 -8.01 23.70
C THR F 123 58.04 -7.09 24.84
N PRO F 124 58.21 -7.54 26.08
CA PRO F 124 57.89 -6.70 27.25
C PRO F 124 59.00 -5.71 27.55
N PRO F 125 58.74 -4.70 28.39
CA PRO F 125 59.77 -3.69 28.67
C PRO F 125 60.67 -4.00 29.84
N SER F 126 61.56 -3.07 30.16
CA SER F 126 62.42 -3.11 31.34
C SER F 126 62.54 -1.71 31.89
N VAL F 127 62.58 -1.59 33.22
CA VAL F 127 62.58 -0.31 33.90
C VAL F 127 63.87 -0.17 34.68
N TYR F 128 64.52 0.99 34.54
CA TYR F 128 65.77 1.28 35.24
C TYR F 128 65.63 2.63 35.94
N PRO F 129 65.87 2.71 37.25
CA PRO F 129 65.77 3.99 37.94
C PRO F 129 66.94 4.90 37.61
N LEU F 130 66.71 6.20 37.81
CA LEU F 130 67.72 7.23 37.55
C LEU F 130 67.78 8.16 38.75
N ALA F 131 68.79 7.97 39.59
CA ALA F 131 69.03 8.82 40.75
C ALA F 131 70.45 9.37 40.70
N PRO F 132 70.69 10.57 41.25
CA PRO F 132 72.04 11.13 41.24
C PRO F 132 73.02 10.34 42.13
N GLY F 133 74.21 10.91 42.34
CA GLY F 133 75.21 10.26 43.17
C GLY F 133 75.50 11.02 44.45
N CYS F 134 76.58 11.81 44.42
CA CYS F 134 76.88 12.67 45.57
C CYS F 134 75.82 13.74 45.73
N GLY F 135 75.45 14.40 44.63
CA GLY F 135 74.30 15.28 44.62
C GLY F 135 74.53 16.68 45.16
N ASP F 136 74.42 17.66 44.27
CA ASP F 136 74.27 19.05 44.68
C ASP F 136 72.82 19.30 45.07
N THR F 137 72.60 20.37 45.84
CA THR F 137 71.25 20.81 46.17
C THR F 137 71.25 22.23 46.73
N THR F 138 72.08 22.47 47.75
CA THR F 138 72.09 23.73 48.49
C THR F 138 70.67 24.13 48.92
N GLY F 139 69.80 23.14 49.08
CA GLY F 139 68.41 23.40 49.40
C GLY F 139 67.66 24.13 48.30
N SER F 140 67.17 23.39 47.29
CA SER F 140 66.42 24.00 46.21
C SER F 140 65.62 22.98 45.41
N SER F 141 66.30 22.09 44.69
CA SER F 141 65.62 21.19 43.77
C SER F 141 66.50 19.97 43.51
N VAL F 142 65.83 18.84 43.23
CA VAL F 142 66.48 17.58 42.87
C VAL F 142 65.67 16.93 41.77
N THR F 143 66.35 16.44 40.73
CA THR F 143 65.69 15.81 39.59
C THR F 143 65.91 14.30 39.63
N SER F 144 64.83 13.55 39.44
CA SER F 144 64.87 12.10 39.37
C SER F 144 64.29 11.64 38.04
N GLY F 145 64.75 10.47 37.57
CA GLY F 145 64.38 9.98 36.26
C GLY F 145 63.96 8.52 36.28
N CYS F 146 63.42 8.09 35.15
CA CYS F 146 62.93 6.72 34.98
C CYS F 146 63.12 6.34 33.52
N LEU F 147 63.82 5.23 33.28
CA LEU F 147 64.21 4.84 31.92
C LEU F 147 63.57 3.51 31.59
N VAL F 148 62.61 3.52 30.66
CA VAL F 148 62.00 2.32 30.12
C VAL F 148 62.72 1.98 28.82
N LYS F 149 63.29 0.79 28.76
CA LYS F 149 64.14 0.40 27.63
C LYS F 149 63.71 -0.96 27.10
N GLY F 150 63.76 -1.11 25.77
CA GLY F 150 63.52 -2.38 25.12
C GLY F 150 62.10 -2.92 25.26
N TYR F 151 61.18 -2.39 24.45
CA TYR F 151 59.83 -2.91 24.43
C TYR F 151 59.25 -2.73 23.02
N PHE F 152 58.15 -3.44 22.77
CA PHE F 152 57.47 -3.39 21.48
C PHE F 152 56.11 -4.07 21.60
N PRO F 153 55.03 -3.45 21.09
CA PRO F 153 55.06 -2.13 20.48
C PRO F 153 54.54 -1.03 21.40
N GLU F 154 54.16 0.11 20.81
CA GLU F 154 53.54 1.18 21.57
C GLU F 154 52.12 0.80 21.97
N PRO F 155 51.57 1.43 23.02
CA PRO F 155 52.16 2.47 23.86
C PRO F 155 52.63 1.97 25.23
N VAL F 156 53.22 2.87 26.01
CA VAL F 156 53.64 2.59 27.38
C VAL F 156 53.32 3.83 28.22
N THR F 157 52.55 3.64 29.29
CA THR F 157 52.14 4.72 30.16
C THR F 157 53.07 4.80 31.36
N VAL F 158 53.59 5.99 31.63
CA VAL F 158 54.49 6.23 32.76
C VAL F 158 53.86 7.31 33.63
N THR F 159 53.44 6.94 34.84
CA THR F 159 52.85 7.85 35.79
C THR F 159 53.74 7.95 37.03
N TRP F 160 53.85 9.16 37.56
CA TRP F 160 54.70 9.44 38.72
C TRP F 160 53.86 9.66 39.97
N ASN F 161 54.30 9.05 41.06
CA ASN F 161 53.67 9.23 42.37
C ASN F 161 52.18 8.88 42.35
N SER F 168 55.45 19.14 37.83
CA SER F 168 55.82 19.32 36.44
C SER F 168 56.81 18.25 36.00
N VAL F 169 56.30 17.17 35.40
CA VAL F 169 57.12 16.06 34.93
C VAL F 169 57.07 16.05 33.41
N HIS F 170 58.21 15.74 32.80
CA HIS F 170 58.34 15.67 31.35
C HIS F 170 58.57 14.22 30.94
N THR F 171 57.71 13.73 30.05
CA THR F 171 57.83 12.38 29.51
C THR F 171 58.14 12.47 28.03
N PHE F 172 59.32 11.98 27.64
CA PHE F 172 59.83 12.14 26.29
C PHE F 172 59.24 11.08 25.36
N PRO F 173 59.07 11.41 24.08
CA PRO F 173 58.55 10.43 23.13
C PRO F 173 59.51 9.27 22.96
N ALA F 174 58.94 8.07 22.77
CA ALA F 174 59.74 6.88 22.63
C ALA F 174 60.46 6.85 21.28
N LEU F 175 61.74 6.49 21.31
CA LEU F 175 62.57 6.39 20.12
C LEU F 175 62.82 4.92 19.81
N LEU F 176 62.71 4.56 18.55
CA LEU F 176 62.87 3.18 18.10
C LEU F 176 64.20 3.00 17.38
N GLN F 177 64.86 1.88 17.65
CA GLN F 177 66.13 1.54 17.03
C GLN F 177 66.44 0.07 17.32
N SER F 178 66.99 -0.62 16.32
CA SER F 178 67.36 -2.03 16.43
C SER F 178 66.15 -2.92 16.78
N GLY F 179 64.96 -2.50 16.35
CA GLY F 179 63.76 -3.27 16.62
C GLY F 179 63.24 -3.16 18.03
N LEU F 180 63.67 -2.15 18.79
CA LEU F 180 63.21 -1.94 20.16
C LEU F 180 62.84 -0.47 20.33
N TYR F 181 62.34 -0.14 21.52
CA TYR F 181 61.93 1.21 21.87
C TYR F 181 62.64 1.65 23.14
N THR F 182 62.58 2.95 23.41
CA THR F 182 63.20 3.53 24.61
C THR F 182 62.47 4.82 24.96
N MET F 183 61.94 4.87 26.18
CA MET F 183 61.20 6.04 26.66
C MET F 183 61.71 6.42 28.04
N SER F 184 61.77 7.73 28.30
CA SER F 184 62.23 8.25 29.57
C SER F 184 61.18 9.19 30.16
N SER F 185 61.38 9.55 31.42
CA SER F 185 60.51 10.49 32.12
C SER F 185 61.28 11.07 33.31
N SER F 186 61.19 12.38 33.49
CA SER F 186 61.98 13.08 34.50
C SER F 186 61.06 13.90 35.39
N VAL F 187 61.13 13.66 36.70
CA VAL F 187 60.40 14.44 37.69
C VAL F 187 61.37 15.37 38.38
N THR F 188 60.88 16.54 38.77
CA THR F 188 61.67 17.53 39.50
C THR F 188 60.95 17.87 40.80
N VAL F 189 61.58 17.53 41.92
CA VAL F 189 60.98 17.76 43.24
C VAL F 189 62.07 18.25 44.19
N PRO F 190 61.70 19.13 45.12
CA PRO F 190 62.70 19.72 46.01
C PRO F 190 63.31 18.69 46.95
N SER F 191 64.38 19.13 47.62
CA SER F 191 65.08 18.26 48.58
C SER F 191 64.25 17.92 49.80
N SER F 192 63.11 18.59 49.99
CA SER F 192 62.22 18.26 51.11
C SER F 192 61.42 16.99 50.85
N THR F 193 61.28 16.58 49.59
CA THR F 193 60.53 15.37 49.26
C THR F 193 61.42 14.15 49.14
N TRP F 194 62.62 14.31 48.58
CA TRP F 194 63.55 13.20 48.43
C TRP F 194 64.69 13.36 49.42
N PRO F 195 65.06 12.31 50.17
CA PRO F 195 64.43 10.99 50.11
C PRO F 195 63.35 10.77 51.17
N SER F 196 62.69 11.86 51.60
CA SER F 196 61.67 11.74 52.63
C SER F 196 60.42 11.07 52.09
N GLN F 197 59.83 11.63 51.04
CA GLN F 197 58.65 11.07 50.40
C GLN F 197 59.07 10.13 49.28
N THR F 198 58.57 8.90 49.34
CA THR F 198 58.93 7.90 48.32
C THR F 198 58.33 8.30 46.98
N VAL F 199 59.15 8.21 45.93
CA VAL F 199 58.75 8.57 44.57
C VAL F 199 58.86 7.31 43.72
N THR F 200 57.71 6.75 43.33
CA THR F 200 57.64 5.50 42.61
C THR F 200 57.27 5.75 41.15
N CYS F 201 58.10 5.26 40.23
CA CYS F 201 57.83 5.34 38.81
C CYS F 201 56.99 4.12 38.41
N SER F 202 55.77 4.38 37.93
CA SER F 202 54.84 3.32 37.54
C SER F 202 54.84 3.21 36.02
N VAL F 203 55.34 2.09 35.51
CA VAL F 203 55.43 1.83 34.07
C VAL F 203 54.46 0.71 33.73
N ALA F 204 53.64 0.91 32.72
CA ALA F 204 52.65 -0.06 32.30
C ALA F 204 52.74 -0.28 30.80
N HIS F 205 52.75 -1.54 30.39
CA HIS F 205 52.78 -1.92 28.98
C HIS F 205 51.61 -2.84 28.69
N PRO F 206 50.56 -2.38 27.99
CA PRO F 206 49.37 -3.23 27.81
C PRO F 206 49.61 -4.44 26.93
N ALA F 207 50.46 -4.33 25.91
CA ALA F 207 50.66 -5.43 24.97
C ALA F 207 51.33 -6.64 25.60
N SER F 208 51.92 -6.49 26.80
CA SER F 208 52.57 -7.60 27.47
C SER F 208 52.08 -7.79 28.91
N SER F 209 51.03 -7.07 29.31
CA SER F 209 50.48 -7.17 30.66
C SER F 209 51.54 -6.88 31.72
N THR F 210 52.29 -5.80 31.50
CA THR F 210 53.40 -5.42 32.37
C THR F 210 52.99 -4.24 33.24
N THR F 211 53.19 -4.37 34.54
CA THR F 211 52.94 -3.29 35.51
C THR F 211 54.11 -3.31 36.50
N VAL F 212 55.15 -2.53 36.19
CA VAL F 212 56.37 -2.50 36.98
C VAL F 212 56.42 -1.18 37.74
N ASP F 213 56.52 -1.26 39.06
CA ASP F 213 56.73 -0.10 39.91
C ASP F 213 58.19 -0.08 40.36
N LYS F 214 58.82 1.07 40.22
CA LYS F 214 60.25 1.22 40.52
C LYS F 214 60.44 2.36 41.52
N LYS F 215 60.93 2.04 42.70
CA LYS F 215 61.21 3.03 43.72
C LYS F 215 62.62 3.57 43.55
N LEU F 216 62.77 4.89 43.69
CA LEU F 216 64.07 5.54 43.53
C LEU F 216 64.83 5.61 44.84
N ASP G 1 41.75 14.69 -7.83
CA ASP G 1 41.44 15.74 -8.80
C ASP G 1 41.84 17.11 -8.26
N ILE G 2 41.31 17.46 -7.09
CA ILE G 2 41.55 18.76 -6.48
C ILE G 2 42.69 18.62 -5.48
N GLN G 3 43.72 19.43 -5.65
CA GLN G 3 44.87 19.46 -4.75
C GLN G 3 44.78 20.70 -3.86
N MET G 4 45.37 20.60 -2.67
CA MET G 4 45.39 21.69 -1.70
C MET G 4 46.82 22.02 -1.36
N THR G 5 47.25 23.23 -1.72
CA THR G 5 48.59 23.72 -1.43
C THR G 5 48.52 24.66 -0.23
N GLN G 6 49.00 24.18 0.91
CA GLN G 6 48.98 24.94 2.15
C GLN G 6 50.36 25.52 2.43
N SER G 7 50.40 26.83 2.74
CA SER G 7 51.66 27.52 2.97
C SER G 7 51.48 28.57 4.04
N PRO G 8 52.43 28.71 4.97
CA PRO G 8 53.65 27.89 5.04
C PRO G 8 53.44 26.58 5.80
N SER G 9 54.48 25.78 5.90
CA SER G 9 54.41 24.51 6.62
C SER G 9 54.65 24.66 8.12
N SER G 10 55.14 25.82 8.57
CA SER G 10 55.36 26.06 9.99
C SER G 10 55.23 27.56 10.25
N LEU G 11 54.87 27.90 11.49
CA LEU G 11 54.69 29.29 11.88
C LEU G 11 55.26 29.50 13.28
N PHE G 12 55.51 30.77 13.60
CA PHE G 12 56.04 31.14 14.91
C PHE G 12 55.75 32.61 15.15
N ALA G 13 55.23 32.93 16.33
CA ALA G 13 54.94 34.30 16.72
C ALA G 13 54.77 34.36 18.23
N SER G 14 54.94 35.56 18.78
CA SER G 14 54.83 35.74 20.22
C SER G 14 53.37 35.65 20.66
N LEU G 15 53.18 35.52 21.97
CA LEU G 15 51.83 35.48 22.53
C LEU G 15 51.13 36.82 22.32
N GLY G 16 49.88 36.74 21.88
CA GLY G 16 49.11 37.93 21.56
C GLY G 16 49.23 38.39 20.13
N GLY G 17 50.07 37.74 19.31
CA GLY G 17 50.24 38.11 17.92
C GLY G 17 49.22 37.43 17.02
N LYS G 18 49.35 37.72 15.72
CA LYS G 18 48.45 37.20 14.71
C LYS G 18 49.23 36.45 13.65
N VAL G 19 48.73 35.27 13.28
CA VAL G 19 49.31 34.45 12.23
C VAL G 19 48.26 34.21 11.16
N THR G 20 48.72 33.82 9.97
CA THR G 20 47.84 33.61 8.83
C THR G 20 48.34 32.44 8.00
N ILE G 21 47.41 31.57 7.61
CA ILE G 21 47.70 30.41 6.76
C ILE G 21 46.93 30.58 5.45
N THR G 22 47.57 30.21 4.35
CA THR G 22 46.99 30.33 3.02
C THR G 22 46.89 28.95 2.37
N CYS G 23 45.75 28.68 1.74
CA CYS G 23 45.55 27.46 0.98
C CYS G 23 45.05 27.81 -0.41
N LYS G 24 45.76 27.35 -1.43
CA LYS G 24 45.37 27.52 -2.83
C LYS G 24 44.99 26.17 -3.40
N ALA G 25 43.78 26.09 -3.95
CA ALA G 25 43.26 24.86 -4.55
C ALA G 25 43.53 24.83 -6.05
N SER G 26 43.60 23.61 -6.59
CA SER G 26 43.90 23.45 -8.00
C SER G 26 42.74 23.91 -8.89
N GLN G 27 41.54 24.02 -8.34
CA GLN G 27 40.39 24.51 -9.09
C GLN G 27 39.39 25.12 -8.11
N ASP G 28 38.32 25.69 -8.65
CA ASP G 28 37.30 26.33 -7.83
C ASP G 28 36.59 25.29 -6.97
N ILE G 29 36.49 25.57 -5.67
CA ILE G 29 35.77 24.71 -4.75
C ILE G 29 34.53 25.39 -4.20
N ASN G 30 34.16 26.55 -4.74
CA ASN G 30 32.91 27.24 -4.42
C ASN G 30 32.77 27.50 -2.92
N LYS G 31 33.84 28.02 -2.31
CA LYS G 31 33.89 28.43 -0.92
C LYS G 31 33.69 27.27 0.06
N TYR G 32 33.69 26.04 -0.43
CA TYR G 32 33.49 24.86 0.43
C TYR G 32 34.84 24.39 0.96
N ILE G 33 35.38 25.16 1.91
CA ILE G 33 36.66 24.84 2.54
C ILE G 33 36.47 24.90 4.04
N ALA G 34 37.20 24.02 4.74
CA ALA G 34 37.15 23.93 6.19
C ALA G 34 38.56 24.03 6.76
N TRP G 35 38.63 24.37 8.05
CA TRP G 35 39.90 24.52 8.75
C TRP G 35 39.84 23.76 10.06
N PHE G 36 40.88 22.97 10.34
CA PHE G 36 40.91 22.08 11.48
C PHE G 36 42.12 22.36 12.35
N GLN G 37 42.00 21.98 13.63
CA GLN G 37 43.09 22.07 14.59
C GLN G 37 43.36 20.67 15.12
N HIS G 38 44.59 20.18 14.93
CA HIS G 38 44.98 18.85 15.34
C HIS G 38 46.14 18.94 16.31
N LYS G 39 45.93 18.45 17.54
CA LYS G 39 46.94 18.33 18.58
C LYS G 39 47.40 16.89 18.72
N PRO G 40 48.68 16.68 19.06
CA PRO G 40 49.19 15.30 19.14
C PRO G 40 48.46 14.48 20.19
N GLY G 41 48.13 13.24 19.82
CA GLY G 41 47.40 12.35 20.70
C GLY G 41 45.90 12.57 20.73
N LYS G 42 45.40 13.60 20.06
CA LYS G 42 43.98 13.92 20.03
C LYS G 42 43.42 13.72 18.62
N GLY G 43 42.12 13.90 18.50
CA GLY G 43 41.48 13.93 17.21
C GLY G 43 41.38 15.36 16.71
N PRO G 44 41.29 15.53 15.39
CA PRO G 44 41.13 16.87 14.83
C PRO G 44 39.86 17.55 15.32
N ARG G 45 39.95 18.87 15.48
CA ARG G 45 38.86 19.69 15.97
C ARG G 45 38.46 20.67 14.88
N LEU G 46 37.21 20.58 14.41
CA LEU G 46 36.74 21.46 13.36
C LEU G 46 36.60 22.89 13.90
N LEU G 47 37.33 23.81 13.29
CA LEU G 47 37.30 25.22 13.68
C LEU G 47 36.36 26.04 12.81
N ILE G 48 36.46 25.92 11.49
CA ILE G 48 35.69 26.72 10.56
C ILE G 48 35.20 25.84 9.43
N HIS G 49 33.94 26.03 9.02
CA HIS G 49 33.41 25.43 7.81
C HIS G 49 32.88 26.53 6.92
N TYR G 50 32.72 26.20 5.63
CA TYR G 50 32.26 27.14 4.61
C TYR G 50 33.05 28.45 4.67
N THR G 51 34.37 28.32 4.56
CA THR G 51 35.30 29.43 4.42
C THR G 51 35.38 30.33 5.66
N PHE G 52 34.25 30.87 6.12
CA PHE G 52 34.29 31.86 7.19
C PHE G 52 33.09 31.71 8.14
N THR G 53 32.74 30.47 8.48
CA THR G 53 31.70 30.21 9.46
C THR G 53 32.32 29.47 10.63
N LEU G 54 32.35 30.11 11.79
CA LEU G 54 32.91 29.51 12.99
C LEU G 54 31.97 28.45 13.56
N GLN G 55 32.57 27.42 14.16
CA GLN G 55 31.81 26.40 14.86
C GLN G 55 31.39 26.92 16.23
N PRO G 56 30.32 26.37 16.80
CA PRO G 56 29.94 26.76 18.17
C PRO G 56 31.06 26.46 19.16
N GLY G 57 31.37 27.44 19.99
CA GLY G 57 32.42 27.31 20.98
C GLY G 57 33.79 27.77 20.52
N ILE G 58 33.99 27.96 19.23
CA ILE G 58 35.29 28.43 18.73
C ILE G 58 35.42 29.92 19.01
N PRO G 59 36.51 30.36 19.63
CA PRO G 59 36.67 31.80 19.90
C PRO G 59 36.67 32.61 18.61
N SER G 60 36.20 33.86 18.73
CA SER G 60 36.11 34.74 17.57
C SER G 60 37.47 35.14 17.03
N ARG G 61 38.55 34.92 17.78
CA ARG G 61 39.88 35.26 17.29
C ARG G 61 40.29 34.42 16.08
N PHE G 62 39.70 33.24 15.91
CA PHE G 62 39.89 32.47 14.69
C PHE G 62 38.98 33.03 13.60
N SER G 63 39.53 33.10 12.38
CA SER G 63 38.77 33.68 11.28
C SER G 63 39.25 33.09 9.96
N GLY G 64 38.37 33.16 8.95
CA GLY G 64 38.70 32.69 7.62
C GLY G 64 38.09 33.60 6.58
N SER G 65 38.54 33.43 5.34
CA SER G 65 38.07 34.22 4.22
C SER G 65 38.61 33.60 2.94
N GLY G 66 38.11 34.09 1.81
CA GLY G 66 38.55 33.65 0.50
C GLY G 66 37.39 33.23 -0.37
N SER G 67 37.73 32.97 -1.64
CA SER G 67 36.76 32.53 -2.63
C SER G 67 37.52 31.94 -3.81
N GLY G 68 36.79 31.25 -4.68
CA GLY G 68 37.38 30.65 -5.85
C GLY G 68 38.44 29.61 -5.53
N ARG G 69 39.70 29.94 -5.79
CA ARG G 69 40.81 29.04 -5.51
C ARG G 69 41.69 29.51 -4.35
N ASP G 70 41.50 30.72 -3.86
CA ASP G 70 42.37 31.32 -2.85
C ASP G 70 41.60 31.49 -1.55
N TYR G 71 42.18 31.03 -0.44
CA TYR G 71 41.56 31.13 0.87
C TYR G 71 42.64 31.38 1.91
N SER G 72 42.23 31.98 3.03
CA SER G 72 43.14 32.28 4.13
C SER G 72 42.46 31.99 5.45
N PHE G 73 43.28 31.91 6.51
CA PHE G 73 42.80 31.57 7.85
C PHE G 73 43.73 32.22 8.85
N SER G 74 43.19 33.10 9.69
CA SER G 74 43.99 33.89 10.61
C SER G 74 43.61 33.59 12.05
N ILE G 75 44.61 33.69 12.94
CA ILE G 75 44.43 33.51 14.37
C ILE G 75 45.05 34.71 15.06
N SER G 76 44.22 35.61 15.58
CA SER G 76 44.69 36.78 16.30
C SER G 76 44.72 36.51 17.80
N ASN G 77 45.54 37.28 18.50
CA ASN G 77 45.73 37.16 19.95
C ASN G 77 46.08 35.71 20.32
N LEU G 78 47.29 35.33 19.91
CA LEU G 78 47.75 33.96 20.13
C LEU G 78 47.87 33.65 21.61
N GLU G 79 47.53 32.43 21.97
CA GLU G 79 47.51 31.95 23.35
C GLU G 79 48.22 30.61 23.42
N PRO G 80 48.73 30.23 24.59
CA PRO G 80 49.54 29.00 24.68
C PRO G 80 48.80 27.74 24.28
N GLU G 81 47.47 27.71 24.41
CA GLU G 81 46.72 26.52 24.02
C GLU G 81 46.52 26.42 22.51
N ASP G 82 47.01 27.38 21.73
CA ASP G 82 46.90 27.34 20.28
C ASP G 82 47.98 26.50 19.63
N ILE G 83 48.92 25.96 20.40
CA ILE G 83 50.00 25.15 19.84
C ILE G 83 49.41 23.86 19.29
N ALA G 84 49.35 23.74 17.98
CA ALA G 84 48.78 22.58 17.31
C ALA G 84 49.21 22.62 15.85
N THR G 85 48.64 21.74 15.04
CA THR G 85 48.86 21.70 13.60
C THR G 85 47.53 21.94 12.91
N TYR G 86 47.47 22.97 12.09
CA TYR G 86 46.24 23.38 11.43
C TYR G 86 46.21 22.88 9.99
N TYR G 87 45.04 22.41 9.56
CA TYR G 87 44.84 21.89 8.22
C TYR G 87 43.67 22.59 7.56
N CYS G 88 43.79 22.83 6.26
CA CYS G 88 42.65 23.22 5.44
C CYS G 88 42.16 22.00 4.68
N LEU G 89 40.91 22.08 4.23
CA LEU G 89 40.27 20.92 3.61
C LEU G 89 39.15 21.38 2.70
N GLN G 90 39.20 20.97 1.44
CA GLN G 90 38.10 21.19 0.52
C GLN G 90 37.15 20.00 0.55
N TYR G 91 35.85 20.30 0.55
CA TYR G 91 34.83 19.25 0.49
C TYR G 91 33.82 19.54 -0.61
N HIS G 92 34.26 20.25 -1.65
CA HIS G 92 33.41 20.47 -2.82
C HIS G 92 33.31 19.19 -3.66
N ASN G 93 34.43 18.50 -3.85
CA ASN G 93 34.46 17.23 -4.58
C ASN G 93 35.28 16.24 -3.75
N LEU G 94 34.58 15.29 -3.12
CA LEU G 94 35.20 14.29 -2.24
C LEU G 94 35.94 15.06 -1.14
N TYR G 95 37.17 14.65 -0.78
CA TYR G 95 37.90 15.32 0.29
C TYR G 95 39.38 15.32 -0.04
N THR G 96 40.06 16.41 0.33
CA THR G 96 41.50 16.54 0.13
C THR G 96 42.03 17.52 1.18
N PHE G 97 42.91 17.03 2.05
CA PHE G 97 43.49 17.85 3.10
C PHE G 97 44.72 18.58 2.58
N GLY G 98 45.04 19.69 3.25
CA GLY G 98 46.27 20.41 2.98
C GLY G 98 47.47 19.71 3.60
N GLY G 99 48.64 20.28 3.35
CA GLY G 99 49.86 19.71 3.88
C GLY G 99 50.00 19.83 5.37
N GLY G 100 49.37 20.84 5.96
CA GLY G 100 49.47 21.08 7.38
C GLY G 100 50.46 22.19 7.70
N THR G 101 50.27 22.79 8.88
CA THR G 101 51.12 23.87 9.35
C THR G 101 51.36 23.71 10.84
N LYS G 102 52.61 23.49 11.23
CA LYS G 102 52.96 23.33 12.64
C LYS G 102 53.17 24.70 13.26
N LEU G 103 52.26 25.10 14.14
CA LEU G 103 52.37 26.37 14.84
C LEU G 103 53.14 26.19 16.15
N GLU G 104 54.06 27.12 16.41
CA GLU G 104 54.79 27.16 17.66
C GLU G 104 54.73 28.57 18.23
N ILE G 105 54.75 28.65 19.56
CA ILE G 105 54.70 29.94 20.25
C ILE G 105 56.12 30.41 20.50
N LYS G 106 56.39 31.66 20.16
CA LYS G 106 57.73 32.24 20.30
C LYS G 106 57.88 32.82 21.70
N ARG G 107 58.85 32.29 22.45
CA ARG G 107 59.31 32.86 23.71
C ARG G 107 60.82 33.07 23.62
N ALA G 108 61.45 33.31 24.76
CA ALA G 108 62.89 33.54 24.80
C ALA G 108 63.40 33.16 26.19
N ASP G 109 64.68 33.45 26.42
CA ASP G 109 65.32 33.32 27.73
C ASP G 109 65.52 31.88 28.18
N ALA G 110 64.74 30.96 27.61
CA ALA G 110 64.74 29.58 28.10
C ALA G 110 66.08 28.90 27.82
N ALA G 111 66.73 28.43 28.89
CA ALA G 111 67.98 27.70 28.84
C ALA G 111 67.79 26.32 29.46
N PRO G 112 68.42 25.28 28.92
CA PRO G 112 68.14 23.92 29.40
C PRO G 112 68.69 23.68 30.79
N THR G 113 67.89 22.98 31.60
CA THR G 113 68.31 22.54 32.93
C THR G 113 68.89 21.13 32.78
N VAL G 114 70.20 21.05 32.62
CA VAL G 114 70.88 19.80 32.32
C VAL G 114 71.16 19.05 33.62
N SER G 115 70.86 17.76 33.63
CA SER G 115 71.14 16.88 34.75
C SER G 115 71.57 15.53 34.22
N ILE G 116 72.63 14.98 34.81
CA ILE G 116 73.26 13.76 34.32
C ILE G 116 72.95 12.62 35.29
N PHE G 117 72.75 11.42 34.73
CA PHE G 117 72.38 10.26 35.51
C PHE G 117 73.18 9.03 35.06
N PRO G 118 73.97 8.44 35.95
CA PRO G 118 74.73 7.24 35.59
C PRO G 118 73.79 6.04 35.42
N PRO G 119 74.24 5.00 34.72
CA PRO G 119 73.44 3.77 34.66
C PRO G 119 73.25 3.18 36.05
N SER G 120 72.02 2.80 36.35
CA SER G 120 71.71 2.23 37.66
C SER G 120 72.41 0.89 37.83
N SER G 121 72.51 0.45 39.08
CA SER G 121 73.13 -0.84 39.36
C SER G 121 72.34 -2.00 38.77
N GLU G 122 71.06 -1.80 38.47
CA GLU G 122 70.26 -2.87 37.89
C GLU G 122 70.59 -3.09 36.41
N GLN G 123 70.87 -2.01 35.67
CA GLN G 123 71.27 -2.16 34.28
C GLN G 123 72.67 -2.71 34.17
N LEU G 124 73.57 -2.31 35.09
CA LEU G 124 74.90 -2.92 35.13
C LEU G 124 74.82 -4.40 35.46
N THR G 125 73.76 -4.82 36.18
CA THR G 125 73.55 -6.24 36.43
C THR G 125 73.03 -6.94 35.17
N SER G 126 72.17 -6.27 34.41
CA SER G 126 71.62 -6.87 33.20
C SER G 126 72.68 -7.06 32.12
N GLY G 127 73.74 -6.26 32.15
CA GLY G 127 74.81 -6.34 31.18
C GLY G 127 75.02 -5.09 30.35
N GLY G 128 74.16 -4.08 30.49
CA GLY G 128 74.29 -2.83 29.76
C GLY G 128 74.61 -1.65 30.66
N ALA G 129 74.64 -0.48 30.04
CA ALA G 129 74.94 0.76 30.74
C ALA G 129 74.46 1.92 29.89
N SER G 130 73.48 2.67 30.38
CA SER G 130 72.91 3.81 29.66
C SER G 130 73.05 5.06 30.51
N VAL G 131 73.92 5.97 30.10
CA VAL G 131 74.06 7.27 30.74
C VAL G 131 73.03 8.21 30.12
N VAL G 132 72.29 8.92 30.97
CA VAL G 132 71.15 9.73 30.53
C VAL G 132 71.39 11.16 30.96
N CYS G 133 71.28 12.08 30.00
CA CYS G 133 71.35 13.52 30.24
C CYS G 133 70.01 14.14 29.89
N PHE G 134 69.39 14.80 30.87
CA PHE G 134 68.11 15.47 30.69
C PHE G 134 68.32 16.95 30.46
N LEU G 135 67.73 17.49 29.40
CA LEU G 135 67.75 18.92 29.10
C LEU G 135 66.31 19.40 29.14
N ASN G 136 65.94 20.07 30.23
CA ASN G 136 64.55 20.43 30.50
C ASN G 136 64.35 21.94 30.34
N ASN G 137 63.22 22.29 29.70
CA ASN G 137 62.76 23.68 29.59
C ASN G 137 63.78 24.57 28.91
N PHE G 138 63.88 24.47 27.57
CA PHE G 138 64.77 25.33 26.80
C PHE G 138 64.04 25.79 25.54
N TYR G 139 64.58 26.85 24.93
CA TYR G 139 64.04 27.42 23.71
C TYR G 139 65.18 28.09 22.96
N PRO G 140 65.27 27.92 21.63
CA PRO G 140 64.34 27.15 20.79
C PRO G 140 64.56 25.65 20.83
N LYS G 141 63.83 24.92 19.98
CA LYS G 141 63.91 23.47 19.98
C LYS G 141 65.26 22.98 19.47
N ASP G 142 65.92 23.76 18.62
CA ASP G 142 67.21 23.36 18.08
C ASP G 142 68.29 23.45 19.16
N ILE G 143 68.89 22.30 19.48
CA ILE G 143 69.96 22.25 20.47
C ILE G 143 70.87 21.09 20.10
N ASN G 144 72.15 21.20 20.47
CA ASN G 144 73.15 20.19 20.15
C ASN G 144 73.73 19.64 21.44
N VAL G 145 73.65 18.31 21.61
CA VAL G 145 74.22 17.61 22.74
C VAL G 145 75.38 16.77 22.22
N LYS G 146 76.57 16.97 22.78
CA LYS G 146 77.76 16.24 22.39
C LYS G 146 78.27 15.45 23.59
N TRP G 147 78.30 14.13 23.45
CA TRP G 147 78.83 13.26 24.48
C TRP G 147 80.34 13.07 24.27
N LYS G 148 81.11 13.26 25.33
CA LYS G 148 82.55 13.05 25.28
C LYS G 148 82.99 12.28 26.52
N ILE G 149 83.38 11.02 26.32
CA ILE G 149 84.09 10.26 27.34
C ILE G 149 85.58 10.52 27.14
N ASP G 150 86.22 11.07 28.17
CA ASP G 150 87.57 11.64 28.09
C ASP G 150 88.50 10.81 27.21
N GLY G 151 89.05 11.44 26.17
CA GLY G 151 88.83 12.85 25.91
C GLY G 151 87.54 13.16 25.14
N SER G 152 87.25 12.34 24.13
CA SER G 152 86.03 12.50 23.34
C SER G 152 85.74 11.24 22.54
N GLU G 153 85.09 10.26 23.17
CA GLU G 153 84.81 9.00 22.49
C GLU G 153 83.70 9.16 21.46
N ARG G 154 82.62 9.85 21.83
CA ARG G 154 81.46 10.05 20.96
C ARG G 154 80.91 8.73 20.43
N GLY G 157 76.71 5.67 20.10
CA GLY G 157 75.38 5.12 20.28
C GLY G 157 74.45 6.04 21.05
N VAL G 158 74.40 7.30 20.65
CA VAL G 158 73.57 8.29 21.32
C VAL G 158 72.12 8.15 20.85
N LEU G 159 71.20 8.51 21.74
CA LEU G 159 69.76 8.48 21.44
C LEU G 159 69.15 9.78 21.95
N ASN G 160 68.58 10.55 21.03
CA ASN G 160 67.98 11.84 21.36
C ASN G 160 66.47 11.78 21.17
N SER G 161 65.74 12.45 22.05
CA SER G 161 64.27 12.44 22.00
C SER G 161 63.77 13.80 22.45
N TRP G 162 63.12 14.51 21.55
CA TRP G 162 62.56 15.83 21.85
C TRP G 162 61.07 15.74 22.12
N THR G 163 60.62 16.43 23.17
CA THR G 163 59.21 16.56 23.43
C THR G 163 58.59 17.62 22.53
N ASP G 164 57.26 17.66 22.51
CA ASP G 164 56.57 18.76 21.84
C ASP G 164 56.65 20.01 22.72
N GLN G 165 56.14 21.12 22.17
CA GLN G 165 56.11 22.37 22.92
C GLN G 165 54.97 22.31 23.93
N ASP G 166 55.32 22.33 25.21
CA ASP G 166 54.32 22.25 26.27
C ASP G 166 53.37 23.44 26.20
N SER G 167 52.10 23.19 26.51
CA SER G 167 51.11 24.26 26.53
C SER G 167 51.24 25.13 27.77
N LYS G 168 51.67 24.56 28.90
CA LYS G 168 51.88 25.32 30.12
C LYS G 168 52.97 26.36 29.91
N ASP G 169 54.21 25.90 29.77
CA ASP G 169 55.34 26.76 29.45
C ASP G 169 55.77 26.49 28.01
N SER G 170 55.97 27.56 27.24
CA SER G 170 56.27 27.43 25.82
C SER G 170 57.71 26.98 25.61
N THR G 171 58.14 25.96 26.35
CA THR G 171 59.50 25.44 26.30
C THR G 171 59.50 24.00 25.80
N TYR G 172 60.69 23.54 25.42
CA TYR G 172 60.90 22.17 24.99
C TYR G 172 61.77 21.44 26.01
N SER G 173 61.89 20.13 25.79
CA SER G 173 62.75 19.30 26.63
C SER G 173 63.23 18.11 25.81
N MET G 174 64.45 17.66 26.10
CA MET G 174 65.03 16.54 25.36
C MET G 174 65.91 15.73 26.30
N SER G 175 65.98 14.42 26.02
CA SER G 175 66.80 13.50 26.78
C SER G 175 67.78 12.80 25.85
N SER G 176 69.03 12.68 26.29
CA SER G 176 70.08 12.03 25.52
C SER G 176 70.59 10.83 26.32
N THR G 177 70.56 9.65 25.68
CA THR G 177 70.95 8.41 26.32
C THR G 177 72.07 7.77 25.52
N LEU G 178 73.24 7.60 26.16
CA LEU G 178 74.39 6.95 25.56
C LEU G 178 74.45 5.51 26.04
N THR G 179 74.42 4.56 25.11
CA THR G 179 74.34 3.15 25.43
C THR G 179 75.70 2.48 25.23
N LEU G 180 76.16 1.76 26.24
CA LEU G 180 77.43 1.05 26.19
C LEU G 180 77.33 -0.22 27.02
N THR G 181 78.30 -1.11 26.82
CA THR G 181 78.39 -2.35 27.58
C THR G 181 79.82 -2.54 28.07
N LYS G 182 79.95 -3.19 29.23
CA LYS G 182 81.23 -3.37 29.90
C LYS G 182 81.94 -2.03 30.07
N ASP G 183 81.20 -1.06 30.58
CA ASP G 183 81.71 0.31 30.75
C ASP G 183 82.58 0.35 32.00
N GLU G 184 83.89 0.20 31.81
CA GLU G 184 84.84 0.22 32.91
C GLU G 184 85.59 1.53 33.04
N TYR G 185 85.86 2.20 31.92
CA TYR G 185 86.41 3.55 31.95
C TYR G 185 85.36 4.50 32.53
N GLU G 186 85.79 5.31 33.50
CA GLU G 186 84.89 6.27 34.12
C GLU G 186 84.32 7.23 33.09
N ARG G 187 83.00 7.31 33.01
CA ARG G 187 82.31 8.16 32.05
C ARG G 187 81.62 9.32 32.76
N HIS G 188 81.26 10.32 31.96
CA HIS G 188 80.62 11.52 32.46
C HIS G 188 79.62 12.06 31.44
N CYS G 193 78.21 14.80 29.36
CA CYS G 193 77.59 15.41 28.20
C CYS G 193 77.71 16.94 28.26
N GLU G 194 77.79 17.57 27.10
CA GLU G 194 77.76 19.02 26.99
C GLU G 194 76.59 19.44 26.13
N ALA G 195 76.04 20.62 26.43
CA ALA G 195 74.84 21.12 25.76
C ALA G 195 75.15 22.47 25.13
N THR G 196 75.24 22.50 23.82
CA THR G 196 75.46 23.73 23.07
C THR G 196 74.12 24.32 22.67
N HIS G 197 73.83 25.53 23.14
CA HIS G 197 72.55 26.18 22.89
C HIS G 197 72.75 27.67 22.67
N LYS G 198 71.76 28.30 22.05
CA LYS G 198 71.79 29.73 21.78
C LYS G 198 71.84 30.56 23.06
N THR G 199 71.55 29.97 24.22
CA THR G 199 71.40 30.74 25.45
C THR G 199 72.74 31.21 26.03
N SER G 200 73.84 30.50 25.74
CA SER G 200 75.11 30.80 26.38
C SER G 200 76.22 30.87 25.33
N THR G 201 77.38 31.38 25.77
CA THR G 201 78.55 31.45 24.89
C THR G 201 79.35 30.16 24.92
N SER G 202 79.26 29.39 26.00
CA SER G 202 79.96 28.13 26.16
C SER G 202 78.97 27.02 26.44
N PRO G 203 79.29 25.78 26.09
CA PRO G 203 78.36 24.67 26.34
C PRO G 203 78.22 24.40 27.83
N ILE G 204 76.98 24.28 28.29
CA ILE G 204 76.71 23.93 29.68
C ILE G 204 76.94 22.43 29.87
N VAL G 205 77.83 22.08 30.79
CA VAL G 205 78.30 20.71 30.95
C VAL G 205 77.92 20.22 32.34
N LYS G 206 77.26 19.06 32.39
CA LYS G 206 77.05 18.32 33.62
C LYS G 206 77.77 16.99 33.50
N SER G 207 78.33 16.52 34.62
CA SER G 207 79.21 15.36 34.57
C SER G 207 79.21 14.67 35.93
N PHE G 208 79.87 13.51 35.95
CA PHE G 208 80.08 12.75 37.17
C PHE G 208 81.32 11.89 36.97
N ASN G 209 81.87 11.40 38.08
CA ASN G 209 83.10 10.64 38.02
C ASN G 209 82.87 9.16 38.35
#